data_5NEQ
# 
_entry.id   5NEQ 
# 
_audit_conform.dict_name       mmcif_pdbx.dic 
_audit_conform.dict_version    5.383 
_audit_conform.dict_location   http://mmcif.pdb.org/dictionaries/ascii/mmcif_pdbx.dic 
# 
loop_
_database_2.database_id 
_database_2.database_code 
_database_2.pdbx_database_accession 
_database_2.pdbx_DOI 
PDB   5NEQ         pdb_00005neq 10.2210/pdb5neq/pdb 
WWPDB D_1200003985 ?            ?                   
# 
loop_
_pdbx_audit_revision_history.ordinal 
_pdbx_audit_revision_history.data_content_type 
_pdbx_audit_revision_history.major_revision 
_pdbx_audit_revision_history.minor_revision 
_pdbx_audit_revision_history.revision_date 
1 'Structure model' 1 0 2017-05-31 
2 'Structure model' 1 1 2017-07-05 
3 'Structure model' 1 2 2017-08-30 
4 'Structure model' 1 3 2019-03-20 
5 'Structure model' 1 4 2019-07-10 
6 'Structure model' 1 5 2024-01-17 
# 
_pdbx_audit_revision_details.ordinal             1 
_pdbx_audit_revision_details.revision_ordinal    1 
_pdbx_audit_revision_details.data_content_type   'Structure model' 
_pdbx_audit_revision_details.provider            repository 
_pdbx_audit_revision_details.type                'Initial release' 
_pdbx_audit_revision_details.description         ? 
_pdbx_audit_revision_details.details             ? 
# 
loop_
_pdbx_audit_revision_group.ordinal 
_pdbx_audit_revision_group.revision_ordinal 
_pdbx_audit_revision_group.data_content_type 
_pdbx_audit_revision_group.group 
1  2 'Structure model' 'Database references'        
2  3 'Structure model' 'Author supporting evidence' 
3  4 'Structure model' 'Data collection'            
4  4 'Structure model' 'Derived calculations'       
5  4 'Structure model' 'Structure summary'          
6  5 'Structure model' 'Data collection'            
7  6 'Structure model' 'Data collection'            
8  6 'Structure model' 'Database references'        
9  6 'Structure model' 'Derived calculations'       
10 6 'Structure model' 'Refinement description'     
# 
loop_
_pdbx_audit_revision_category.ordinal 
_pdbx_audit_revision_category.revision_ordinal 
_pdbx_audit_revision_category.data_content_type 
_pdbx_audit_revision_category.category 
1  2 'Structure model' citation                      
2  3 'Structure model' pdbx_audit_support            
3  4 'Structure model' diffrn_source                 
4  4 'Structure model' pdbx_struct_assembly          
5  4 'Structure model' pdbx_struct_assembly_gen      
6  4 'Structure model' pdbx_struct_assembly_prop     
7  4 'Structure model' pdbx_struct_oper_list         
8  4 'Structure model' struct_keywords               
9  5 'Structure model' diffrn_source                 
10 6 'Structure model' chem_comp_atom                
11 6 'Structure model' chem_comp_bond                
12 6 'Structure model' database_2                    
13 6 'Structure model' pdbx_initial_refinement_model 
14 6 'Structure model' struct_conn                   
15 6 'Structure model' struct_conn_type              
# 
loop_
_pdbx_audit_revision_item.ordinal 
_pdbx_audit_revision_item.revision_ordinal 
_pdbx_audit_revision_item.data_content_type 
_pdbx_audit_revision_item.item 
1  2 'Structure model' '_citation.country'                        
2  2 'Structure model' '_citation.journal_volume'                 
3  2 'Structure model' '_citation.page_first'                     
4  2 'Structure model' '_citation.page_last'                      
5  3 'Structure model' '_pdbx_audit_support.funding_organization' 
6  4 'Structure model' '_diffrn_source.pdbx_synchrotron_site'     
7  4 'Structure model' '_pdbx_struct_assembly.details'            
8  4 'Structure model' '_pdbx_struct_assembly.method_details'     
9  4 'Structure model' '_pdbx_struct_assembly.oligomeric_count'   
10 4 'Structure model' '_pdbx_struct_assembly.oligomeric_details' 
11 4 'Structure model' '_struct_keywords.text'                    
12 5 'Structure model' '_diffrn_source.pdbx_synchrotron_site'     
13 6 'Structure model' '_database_2.pdbx_DOI'                     
14 6 'Structure model' '_database_2.pdbx_database_accession'      
15 6 'Structure model' '_struct_conn.conn_type_id'                
16 6 'Structure model' '_struct_conn.id'                          
17 6 'Structure model' '_struct_conn.pdbx_dist_value'             
18 6 'Structure model' '_struct_conn.pdbx_leaving_atom_flag'      
19 6 'Structure model' '_struct_conn.ptnr1_auth_comp_id'          
20 6 'Structure model' '_struct_conn.ptnr1_auth_seq_id'           
21 6 'Structure model' '_struct_conn.ptnr1_label_asym_id'         
22 6 'Structure model' '_struct_conn.ptnr1_label_atom_id'         
23 6 'Structure model' '_struct_conn.ptnr1_label_comp_id'         
24 6 'Structure model' '_struct_conn.ptnr1_label_seq_id'          
25 6 'Structure model' '_struct_conn.ptnr2_auth_comp_id'          
26 6 'Structure model' '_struct_conn.ptnr2_auth_seq_id'           
27 6 'Structure model' '_struct_conn.ptnr2_label_asym_id'         
28 6 'Structure model' '_struct_conn.ptnr2_label_atom_id'         
29 6 'Structure model' '_struct_conn.ptnr2_label_comp_id'         
30 6 'Structure model' '_struct_conn.ptnr2_label_seq_id'          
31 6 'Structure model' '_struct_conn.ptnr2_symmetry'              
32 6 'Structure model' '_struct_conn_type.id'                     
# 
_pdbx_database_status.status_code                     REL 
_pdbx_database_status.status_code_sf                  REL 
_pdbx_database_status.status_code_mr                  ? 
_pdbx_database_status.entry_id                        5NEQ 
_pdbx_database_status.recvd_initial_deposition_date   2017-03-11 
_pdbx_database_status.SG_entry                        N 
_pdbx_database_status.deposit_site                    PDBE 
_pdbx_database_status.process_site                    PDBE 
_pdbx_database_status.status_code_cs                  ? 
_pdbx_database_status.methods_development_category    ? 
_pdbx_database_status.pdb_format_compatible           Y 
_pdbx_database_status.status_code_nmr_data            ? 
# 
loop_
_audit_author.name 
_audit_author.pdbx_ordinal 
_audit_author.identifier_ORCID 
'Huang, L.'      1 ? 
'Wang, J.'       2 ? 
'Lilley, D.M.J.' 3 ? 
# 
_citation.abstract                  ? 
_citation.abstract_id_CAS           ? 
_citation.book_id_ISBN              ? 
_citation.book_publisher            ? 
_citation.book_publisher_city       ? 
_citation.book_title                ? 
_citation.coordinate_linkage        ? 
_citation.country                   US 
_citation.database_id_Medline       ? 
_citation.details                   ? 
_citation.id                        primary 
_citation.journal_abbrev            'Cell Chem Biol' 
_citation.journal_id_ASTM           ? 
_citation.journal_id_CSD            ? 
_citation.journal_id_ISSN           2451-9456 
_citation.journal_full              ? 
_citation.journal_issue             ? 
_citation.journal_volume            24 
_citation.language                  ? 
_citation.page_first                695 
_citation.page_last                 702.e2 
_citation.title                     'The Structure of the Guanidine-II Riboswitch.' 
_citation.year                      2017 
_citation.database_id_CSD           ? 
_citation.pdbx_database_id_DOI      10.1016/j.chembiol.2017.05.014 
_citation.pdbx_database_id_PubMed   28529131 
_citation.unpublished_flag          ? 
# 
loop_
_citation_author.citation_id 
_citation_author.name 
_citation_author.ordinal 
_citation_author.identifier_ORCID 
primary 'Huang, L.'      1 ? 
primary 'Wang, J.'       2 ? 
primary 'Lilley, D.M.J.' 3 ? 
# 
loop_
_entity.id 
_entity.type 
_entity.src_method 
_entity.pdbx_description 
_entity.formula_weight 
_entity.pdbx_number_of_molecules 
_entity.pdbx_ec 
_entity.pdbx_mutation 
_entity.pdbx_fragment 
_entity.details 
1 polymer     syn 
;RNA (5'-R(*GP*GP*UP*GP*GP*GP*GP*AP*CP*GP*AP*CP*CP*CP*CP*AP*(CBV)P*C)-3')
;
5880.434 1  ? ? ? ? 
2 non-polymer syn AMINOGUANIDINE                                                             74.085   1  ? ? ? ? 
3 non-polymer syn 'SULFATE ION'                                                              96.063   2  ? ? ? ? 
4 non-polymer syn 'SODIUM ION'                                                               22.990   7  ? ? ? ? 
5 water       nat water                                                                      18.015   35 ? ? ? ? 
# 
_entity_poly.entity_id                      1 
_entity_poly.type                           polyribonucleotide 
_entity_poly.nstd_linkage                   no 
_entity_poly.nstd_monomer                   yes 
_entity_poly.pdbx_seq_one_letter_code       'GGUGGGGACGACCCCA(CBV)C' 
_entity_poly.pdbx_seq_one_letter_code_can   GGUGGGGACGACCCCACC 
_entity_poly.pdbx_strand_id                 A 
_entity_poly.pdbx_target_identifier         ? 
# 
loop_
_pdbx_entity_nonpoly.entity_id 
_pdbx_entity_nonpoly.name 
_pdbx_entity_nonpoly.comp_id 
2 AMINOGUANIDINE AGU 
3 'SULFATE ION'  SO4 
4 'SODIUM ION'   NA  
5 water          HOH 
# 
loop_
_entity_poly_seq.entity_id 
_entity_poly_seq.num 
_entity_poly_seq.mon_id 
_entity_poly_seq.hetero 
1 1  G   n 
1 2  G   n 
1 3  U   n 
1 4  G   n 
1 5  G   n 
1 6  G   n 
1 7  G   n 
1 8  A   n 
1 9  C   n 
1 10 G   n 
1 11 A   n 
1 12 C   n 
1 13 C   n 
1 14 C   n 
1 15 C   n 
1 16 A   n 
1 17 CBV n 
1 18 C   n 
# 
_pdbx_entity_src_syn.entity_id              1 
_pdbx_entity_src_syn.pdbx_src_id            1 
_pdbx_entity_src_syn.pdbx_alt_source_flag   sample 
_pdbx_entity_src_syn.pdbx_beg_seq_num       1 
_pdbx_entity_src_syn.pdbx_end_seq_num       18 
_pdbx_entity_src_syn.organism_scientific    'Gloeobacter violaceus' 
_pdbx_entity_src_syn.organism_common_name   ? 
_pdbx_entity_src_syn.ncbi_taxonomy_id       33072 
_pdbx_entity_src_syn.details                ? 
# 
loop_
_chem_comp.id 
_chem_comp.type 
_chem_comp.mon_nstd_flag 
_chem_comp.name 
_chem_comp.pdbx_synonyms 
_chem_comp.formula 
_chem_comp.formula_weight 
A   'RNA linking' y "ADENOSINE-5'-MONOPHOSPHATE"                ? 'C10 H14 N5 O7 P'   347.221 
AGU non-polymer   . AMINOGUANIDINE                              ? 'C H6 N4'           74.085  
C   'RNA linking' y "CYTIDINE-5'-MONOPHOSPHATE"                 ? 'C9 H14 N3 O8 P'    323.197 
CBV 'RNA linking' n 
;5-BROMOCYTIDINE 5'-(DIHYDROGEN PHOSPHATE)
;
? 'C9 H13 Br N3 O8 P' 402.093 
G   'RNA linking' y "GUANOSINE-5'-MONOPHOSPHATE"                ? 'C10 H14 N5 O8 P'   363.221 
HOH non-polymer   . WATER                                       ? 'H2 O'              18.015  
NA  non-polymer   . 'SODIUM ION'                                ? 'Na 1'              22.990  
SO4 non-polymer   . 'SULFATE ION'                               ? 'O4 S -2'           96.063  
U   'RNA linking' y "URIDINE-5'-MONOPHOSPHATE"                  ? 'C9 H13 N2 O9 P'    324.181 
# 
loop_
_pdbx_poly_seq_scheme.asym_id 
_pdbx_poly_seq_scheme.entity_id 
_pdbx_poly_seq_scheme.seq_id 
_pdbx_poly_seq_scheme.mon_id 
_pdbx_poly_seq_scheme.ndb_seq_num 
_pdbx_poly_seq_scheme.pdb_seq_num 
_pdbx_poly_seq_scheme.auth_seq_num 
_pdbx_poly_seq_scheme.pdb_mon_id 
_pdbx_poly_seq_scheme.auth_mon_id 
_pdbx_poly_seq_scheme.pdb_strand_id 
_pdbx_poly_seq_scheme.pdb_ins_code 
_pdbx_poly_seq_scheme.hetero 
A 1 1  G   1  1  1  G   G   A . n 
A 1 2  G   2  2  2  G   G   A . n 
A 1 3  U   3  3  3  U   U   A . n 
A 1 4  G   4  4  4  G   G   A . n 
A 1 5  G   5  5  5  G   G   A . n 
A 1 6  G   6  6  6  G   G   A . n 
A 1 7  G   7  7  7  G   G   A . n 
A 1 8  A   8  8  8  A   A   A . n 
A 1 9  C   9  9  9  C   C   A . n 
A 1 10 G   10 10 10 G   G   A . n 
A 1 11 A   11 11 11 A   A   A . n 
A 1 12 C   12 12 12 C   C   A . n 
A 1 13 C   13 13 13 C   C   A . n 
A 1 14 C   14 14 14 C   C   A . n 
A 1 15 C   15 15 15 C   C   A . n 
A 1 16 A   16 16 16 A   A   A . n 
A 1 17 CBV 17 17 17 CBV CBV A . n 
A 1 18 C   18 18 18 C   C   A . n 
# 
loop_
_pdbx_nonpoly_scheme.asym_id 
_pdbx_nonpoly_scheme.entity_id 
_pdbx_nonpoly_scheme.mon_id 
_pdbx_nonpoly_scheme.ndb_seq_num 
_pdbx_nonpoly_scheme.pdb_seq_num 
_pdbx_nonpoly_scheme.auth_seq_num 
_pdbx_nonpoly_scheme.pdb_mon_id 
_pdbx_nonpoly_scheme.auth_mon_id 
_pdbx_nonpoly_scheme.pdb_strand_id 
_pdbx_nonpoly_scheme.pdb_ins_code 
B 2 AGU 1  101 1  AGU AGU A . 
C 3 SO4 1  102 1  SO4 SO4 A . 
D 3 SO4 1  103 2  SO4 SO4 A . 
E 4 NA  1  104 1  NA  NA  A . 
F 4 NA  1  105 2  NA  NA  A . 
G 4 NA  1  106 3  NA  NA  A . 
H 4 NA  1  107 4  NA  NA  A . 
I 4 NA  1  108 5  NA  NA  A . 
J 4 NA  1  109 6  NA  NA  A . 
K 4 NA  1  110 7  NA  NA  A . 
L 5 HOH 1  201 27 HOH HOH A . 
L 5 HOH 2  202 23 HOH HOH A . 
L 5 HOH 3  203 19 HOH HOH A . 
L 5 HOH 4  204 6  HOH HOH A . 
L 5 HOH 5  205 2  HOH HOH A . 
L 5 HOH 6  206 7  HOH HOH A . 
L 5 HOH 7  207 21 HOH HOH A . 
L 5 HOH 8  208 11 HOH HOH A . 
L 5 HOH 9  209 31 HOH HOH A . 
L 5 HOH 10 210 33 HOH HOH A . 
L 5 HOH 11 211 16 HOH HOH A . 
L 5 HOH 12 212 25 HOH HOH A . 
L 5 HOH 13 213 5  HOH HOH A . 
L 5 HOH 14 214 14 HOH HOH A . 
L 5 HOH 15 215 36 HOH HOH A . 
L 5 HOH 16 216 32 HOH HOH A . 
L 5 HOH 17 217 12 HOH HOH A . 
L 5 HOH 18 218 1  HOH HOH A . 
L 5 HOH 19 219 18 HOH HOH A . 
L 5 HOH 20 220 24 HOH HOH A . 
L 5 HOH 21 221 4  HOH HOH A . 
L 5 HOH 22 222 3  HOH HOH A . 
L 5 HOH 23 223 26 HOH HOH A . 
L 5 HOH 24 224 37 HOH HOH A . 
L 5 HOH 25 225 10 HOH HOH A . 
L 5 HOH 26 226 22 HOH HOH A . 
L 5 HOH 27 227 8  HOH HOH A . 
L 5 HOH 28 228 30 HOH HOH A . 
L 5 HOH 29 229 20 HOH HOH A . 
L 5 HOH 30 230 35 HOH HOH A . 
L 5 HOH 31 231 15 HOH HOH A . 
L 5 HOH 32 232 17 HOH HOH A . 
L 5 HOH 33 233 34 HOH HOH A . 
L 5 HOH 34 234 13 HOH HOH A . 
L 5 HOH 35 235 28 HOH HOH A . 
# 
loop_
_software.citation_id 
_software.classification 
_software.compiler_name 
_software.compiler_version 
_software.contact_author 
_software.contact_author_email 
_software.date 
_software.description 
_software.dependencies 
_software.hardware 
_software.language 
_software.location 
_software.mods 
_software.name 
_software.os 
_software.os_version 
_software.type 
_software.version 
_software.pdbx_ordinal 
? refinement       ? ? ? ? ? ? ? ? ? ? ? PHENIX ? ? ? '(dev_2219: ???)' 1 
? 'data reduction' ? ? ? ? ? ? ? ? ? ? ? xia2   ? ? ? .                 2 
? 'data scaling'   ? ? ? ? ? ? ? ? ? ? ? xia2   ? ? ? .                 3 
? phasing          ? ? ? ? ? ? ? ? ? ? ? PHENIX ? ? ? .                 4 
# 
_cell.angle_alpha                  90.00 
_cell.angle_alpha_esd              ? 
_cell.angle_beta                   90.00 
_cell.angle_beta_esd               ? 
_cell.angle_gamma                  120.00 
_cell.angle_gamma_esd              ? 
_cell.entry_id                     5NEQ 
_cell.details                      ? 
_cell.formula_units_Z              ? 
_cell.length_a                     55.463 
_cell.length_a_esd                 ? 
_cell.length_b                     55.463 
_cell.length_b_esd                 ? 
_cell.length_c                     130.276 
_cell.length_c_esd                 ? 
_cell.volume                       ? 
_cell.volume_esd                   ? 
_cell.Z_PDB                        18 
_cell.reciprocal_angle_alpha       ? 
_cell.reciprocal_angle_beta        ? 
_cell.reciprocal_angle_gamma       ? 
_cell.reciprocal_angle_alpha_esd   ? 
_cell.reciprocal_angle_beta_esd    ? 
_cell.reciprocal_angle_gamma_esd   ? 
_cell.reciprocal_length_a          ? 
_cell.reciprocal_length_b          ? 
_cell.reciprocal_length_c          ? 
_cell.reciprocal_length_a_esd      ? 
_cell.reciprocal_length_b_esd      ? 
_cell.reciprocal_length_c_esd      ? 
_cell.pdbx_unique_axis             ? 
# 
_symmetry.entry_id                         5NEQ 
_symmetry.cell_setting                     ? 
_symmetry.Int_Tables_number                155 
_symmetry.space_group_name_Hall            ? 
_symmetry.space_group_name_H-M             'H 3 2' 
_symmetry.pdbx_full_space_group_name_H-M   ? 
# 
_exptl.absorpt_coefficient_mu     ? 
_exptl.absorpt_correction_T_max   ? 
_exptl.absorpt_correction_T_min   ? 
_exptl.absorpt_correction_type    ? 
_exptl.absorpt_process_details    ? 
_exptl.entry_id                   5NEQ 
_exptl.crystals_number            1 
_exptl.details                    ? 
_exptl.method                     'X-RAY DIFFRACTION' 
_exptl.method_details             ? 
# 
_exptl_crystal.colour                      ? 
_exptl_crystal.density_diffrn              ? 
_exptl_crystal.density_Matthews            3.28 
_exptl_crystal.density_method              ? 
_exptl_crystal.density_percent_sol         62.49 
_exptl_crystal.description                 ? 
_exptl_crystal.F_000                       ? 
_exptl_crystal.id                          1 
_exptl_crystal.preparation                 ? 
_exptl_crystal.size_max                    ? 
_exptl_crystal.size_mid                    ? 
_exptl_crystal.size_min                    ? 
_exptl_crystal.size_rad                    ? 
_exptl_crystal.colour_lustre               ? 
_exptl_crystal.colour_modifier             ? 
_exptl_crystal.colour_primary              ? 
_exptl_crystal.density_meas                ? 
_exptl_crystal.density_meas_esd            ? 
_exptl_crystal.density_meas_gt             ? 
_exptl_crystal.density_meas_lt             ? 
_exptl_crystal.density_meas_temp           ? 
_exptl_crystal.density_meas_temp_esd       ? 
_exptl_crystal.density_meas_temp_gt        ? 
_exptl_crystal.density_meas_temp_lt        ? 
_exptl_crystal.pdbx_crystal_image_url      ? 
_exptl_crystal.pdbx_crystal_image_format   ? 
_exptl_crystal.pdbx_mosaicity              ? 
_exptl_crystal.pdbx_mosaicity_esd          ? 
# 
_exptl_crystal_grow.apparatus       ? 
_exptl_crystal_grow.atmosphere      ? 
_exptl_crystal_grow.crystal_id      1 
_exptl_crystal_grow.details         ? 
_exptl_crystal_grow.method          'VAPOR DIFFUSION, HANGING DROP' 
_exptl_crystal_grow.method_ref      ? 
_exptl_crystal_grow.pH              ? 
_exptl_crystal_grow.pressure        ? 
_exptl_crystal_grow.pressure_esd    ? 
_exptl_crystal_grow.seeding         ? 
_exptl_crystal_grow.seeding_ref     ? 
_exptl_crystal_grow.temp            293 
_exptl_crystal_grow.temp_details    ? 
_exptl_crystal_grow.temp_esd        ? 
_exptl_crystal_grow.time            ? 
_exptl_crystal_grow.pdbx_details    
;0.01 M Magnesium Acetate, 
0.05 M MES pH 5.6,  
2.5 M Ammonium Sulfate
;
_exptl_crystal_grow.pdbx_pH_range   ? 
# 
_diffrn.ambient_environment    ? 
_diffrn.ambient_temp           100 
_diffrn.ambient_temp_details   ? 
_diffrn.ambient_temp_esd       ? 
_diffrn.crystal_id             1 
_diffrn.crystal_support        ? 
_diffrn.crystal_treatment      ? 
_diffrn.details                ? 
_diffrn.id                     1 
_diffrn.ambient_pressure       ? 
_diffrn.ambient_pressure_esd   ? 
_diffrn.ambient_pressure_gt    ? 
_diffrn.ambient_pressure_lt    ? 
_diffrn.ambient_temp_gt        ? 
_diffrn.ambient_temp_lt        ? 
# 
_diffrn_detector.details                      ? 
_diffrn_detector.detector                     PIXEL 
_diffrn_detector.diffrn_id                    1 
_diffrn_detector.type                         'DECTRIS PILATUS3 6M' 
_diffrn_detector.area_resol_mean              ? 
_diffrn_detector.dtime                        ? 
_diffrn_detector.pdbx_frames_total            ? 
_diffrn_detector.pdbx_collection_time_total   ? 
_diffrn_detector.pdbx_collection_date         2017-03-04 
# 
_diffrn_radiation.collimation                      ? 
_diffrn_radiation.diffrn_id                        1 
_diffrn_radiation.filter_edge                      ? 
_diffrn_radiation.inhomogeneity                    ? 
_diffrn_radiation.monochromator                    ? 
_diffrn_radiation.polarisn_norm                    ? 
_diffrn_radiation.polarisn_ratio                   ? 
_diffrn_radiation.probe                            ? 
_diffrn_radiation.type                             ? 
_diffrn_radiation.xray_symbol                      ? 
_diffrn_radiation.wavelength_id                    1 
_diffrn_radiation.pdbx_monochromatic_or_laue_m_l   M 
_diffrn_radiation.pdbx_wavelength_list             ? 
_diffrn_radiation.pdbx_wavelength                  ? 
_diffrn_radiation.pdbx_diffrn_protocol             'SINGLE WAVELENGTH' 
_diffrn_radiation.pdbx_analyzer                    ? 
_diffrn_radiation.pdbx_scattering_type             x-ray 
# 
_diffrn_radiation_wavelength.id           1 
_diffrn_radiation_wavelength.wavelength   0.9201 
_diffrn_radiation_wavelength.wt           1.0 
# 
_diffrn_source.current                     ? 
_diffrn_source.details                     ? 
_diffrn_source.diffrn_id                   1 
_diffrn_source.power                       ? 
_diffrn_source.size                        ? 
_diffrn_source.source                      SYNCHROTRON 
_diffrn_source.target                      ? 
_diffrn_source.type                        'DIAMOND BEAMLINE I24' 
_diffrn_source.voltage                     ? 
_diffrn_source.take-off_angle              ? 
_diffrn_source.pdbx_wavelength_list        0.9201 
_diffrn_source.pdbx_wavelength             ? 
_diffrn_source.pdbx_synchrotron_beamline   I24 
_diffrn_source.pdbx_synchrotron_site       Diamond 
# 
_reflns.B_iso_Wilson_estimate            35.4 
_reflns.entry_id                         5NEQ 
_reflns.data_reduction_details           ? 
_reflns.data_reduction_method            ? 
_reflns.d_resolution_high                1.69 
_reflns.d_resolution_low                 38.66 
_reflns.details                          ? 
_reflns.limit_h_max                      ? 
_reflns.limit_h_min                      ? 
_reflns.limit_k_max                      ? 
_reflns.limit_k_min                      ? 
_reflns.limit_l_max                      ? 
_reflns.limit_l_min                      ? 
_reflns.number_all                       ? 
_reflns.number_obs                       16376 
_reflns.observed_criterion               ? 
_reflns.observed_criterion_F_max         ? 
_reflns.observed_criterion_F_min         ? 
_reflns.observed_criterion_I_max         ? 
_reflns.observed_criterion_I_min         ? 
_reflns.observed_criterion_sigma_F       ? 
_reflns.observed_criterion_sigma_I       1.3 
_reflns.percent_possible_obs             99.8 
_reflns.R_free_details                   ? 
_reflns.Rmerge_F_all                     ? 
_reflns.Rmerge_F_obs                     ? 
_reflns.Friedel_coverage                 ? 
_reflns.number_gt                        ? 
_reflns.threshold_expression             ? 
_reflns.pdbx_redundancy                  14.13 
_reflns.pdbx_Rmerge_I_obs                0.0716 
_reflns.pdbx_Rmerge_I_all                ? 
_reflns.pdbx_Rsym_value                  ? 
_reflns.pdbx_netI_over_av_sigmaI         ? 
_reflns.pdbx_netI_over_sigmaI            13.7 
_reflns.pdbx_res_netI_over_av_sigmaI_2   ? 
_reflns.pdbx_res_netI_over_sigmaI_2      ? 
_reflns.pdbx_chi_squared                 ? 
_reflns.pdbx_scaling_rejects             ? 
_reflns.pdbx_d_res_high_opt              ? 
_reflns.pdbx_d_res_low_opt               ? 
_reflns.pdbx_d_res_opt_method            ? 
_reflns.phase_calculation_details        ? 
_reflns.pdbx_Rrim_I_all                  ? 
_reflns.pdbx_Rpim_I_all                  0.02 
_reflns.pdbx_d_opt                       ? 
_reflns.pdbx_number_measured_all         ? 
_reflns.pdbx_diffrn_id                   1 
_reflns.pdbx_ordinal                     1 
_reflns.pdbx_CC_half                     0.999 
_reflns.pdbx_R_split                     ? 
# 
_reflns_shell.d_res_high                  1.69 
_reflns_shell.d_res_low                   1.72 
_reflns_shell.meanI_over_sigI_all         ? 
_reflns_shell.meanI_over_sigI_obs         ? 
_reflns_shell.number_measured_all         ? 
_reflns_shell.number_measured_obs         ? 
_reflns_shell.number_possible             ? 
_reflns_shell.number_unique_all           ? 
_reflns_shell.number_unique_obs           436 
_reflns_shell.percent_possible_all        99.5 
_reflns_shell.percent_possible_obs        ? 
_reflns_shell.Rmerge_F_all                ? 
_reflns_shell.Rmerge_F_obs                ? 
_reflns_shell.Rmerge_I_all                ? 
_reflns_shell.Rmerge_I_obs                1.5 
_reflns_shell.meanI_over_sigI_gt          ? 
_reflns_shell.meanI_over_uI_all           ? 
_reflns_shell.meanI_over_uI_gt            ? 
_reflns_shell.number_measured_gt          ? 
_reflns_shell.number_unique_gt            ? 
_reflns_shell.percent_possible_gt         ? 
_reflns_shell.Rmerge_F_gt                 ? 
_reflns_shell.Rmerge_I_gt                 ? 
_reflns_shell.pdbx_redundancy             13.4 
_reflns_shell.pdbx_Rsym_value             ? 
_reflns_shell.pdbx_chi_squared            ? 
_reflns_shell.pdbx_netI_over_sigmaI_all   ? 
_reflns_shell.pdbx_netI_over_sigmaI_obs   ? 
_reflns_shell.pdbx_Rrim_I_all             ? 
_reflns_shell.pdbx_Rpim_I_all             0.713 
_reflns_shell.pdbx_rejects                ? 
_reflns_shell.pdbx_ordinal                1 
_reflns_shell.pdbx_diffrn_id              1 
_reflns_shell.pdbx_CC_half                0.866 
_reflns_shell.pdbx_R_split                ? 
# 
_refine.aniso_B[1][1]                            ? 
_refine.aniso_B[1][2]                            ? 
_refine.aniso_B[1][3]                            ? 
_refine.aniso_B[2][2]                            ? 
_refine.aniso_B[2][3]                            ? 
_refine.aniso_B[3][3]                            ? 
_refine.B_iso_max                                ? 
_refine.B_iso_mean                               ? 
_refine.B_iso_min                                ? 
_refine.correlation_coeff_Fo_to_Fc               ? 
_refine.correlation_coeff_Fo_to_Fc_free          ? 
_refine.details                                  ? 
_refine.diff_density_max                         ? 
_refine.diff_density_max_esd                     ? 
_refine.diff_density_min                         ? 
_refine.diff_density_min_esd                     ? 
_refine.diff_density_rms                         ? 
_refine.diff_density_rms_esd                     ? 
_refine.entry_id                                 5NEQ 
_refine.pdbx_refine_id                           'X-RAY DIFFRACTION' 
_refine.ls_abs_structure_details                 ? 
_refine.ls_abs_structure_Flack                   ? 
_refine.ls_abs_structure_Flack_esd               ? 
_refine.ls_abs_structure_Rogers                  ? 
_refine.ls_abs_structure_Rogers_esd              ? 
_refine.ls_d_res_high                            1.690 
_refine.ls_d_res_low                             38.658 
_refine.ls_extinction_coef                       ? 
_refine.ls_extinction_coef_esd                   ? 
_refine.ls_extinction_expression                 ? 
_refine.ls_extinction_method                     ? 
_refine.ls_goodness_of_fit_all                   ? 
_refine.ls_goodness_of_fit_all_esd               ? 
_refine.ls_goodness_of_fit_obs                   ? 
_refine.ls_goodness_of_fit_obs_esd               ? 
_refine.ls_hydrogen_treatment                    ? 
_refine.ls_matrix_type                           ? 
_refine.ls_number_constraints                    ? 
_refine.ls_number_parameters                     ? 
_refine.ls_number_reflns_all                     ? 
_refine.ls_number_reflns_obs                     16376 
_refine.ls_number_reflns_R_free                  891 
_refine.ls_number_reflns_R_work                  ? 
_refine.ls_number_restraints                     ? 
_refine.ls_percent_reflns_obs                    97.77 
_refine.ls_percent_reflns_R_free                 5.44 
_refine.ls_R_factor_all                          ? 
_refine.ls_R_factor_obs                          0.2178 
_refine.ls_R_factor_R_free                       0.2524 
_refine.ls_R_factor_R_free_error                 ? 
_refine.ls_R_factor_R_free_error_details         ? 
_refine.ls_R_factor_R_work                       0.2157 
_refine.ls_R_Fsqd_factor_obs                     ? 
_refine.ls_R_I_factor_obs                        ? 
_refine.ls_redundancy_reflns_all                 ? 
_refine.ls_redundancy_reflns_obs                 ? 
_refine.ls_restrained_S_all                      ? 
_refine.ls_restrained_S_obs                      ? 
_refine.ls_shift_over_esd_max                    ? 
_refine.ls_shift_over_esd_mean                   ? 
_refine.ls_structure_factor_coef                 ? 
_refine.ls_weighting_details                     ? 
_refine.ls_weighting_scheme                      ? 
_refine.ls_wR_factor_all                         ? 
_refine.ls_wR_factor_obs                         ? 
_refine.ls_wR_factor_R_free                      ? 
_refine.ls_wR_factor_R_work                      ? 
_refine.occupancy_max                            ? 
_refine.occupancy_min                            ? 
_refine.solvent_model_details                    ? 
_refine.solvent_model_param_bsol                 ? 
_refine.solvent_model_param_ksol                 ? 
_refine.ls_R_factor_gt                           ? 
_refine.ls_goodness_of_fit_gt                    ? 
_refine.ls_goodness_of_fit_ref                   ? 
_refine.ls_shift_over_su_max                     ? 
_refine.ls_shift_over_su_max_lt                  ? 
_refine.ls_shift_over_su_mean                    ? 
_refine.ls_shift_over_su_mean_lt                 ? 
_refine.pdbx_ls_sigma_I                          ? 
_refine.pdbx_ls_sigma_F                          1.33 
_refine.pdbx_ls_sigma_Fsqd                       ? 
_refine.pdbx_data_cutoff_high_absF               ? 
_refine.pdbx_data_cutoff_high_rms_absF           ? 
_refine.pdbx_data_cutoff_low_absF                ? 
_refine.pdbx_isotropic_thermal_model             ? 
_refine.pdbx_ls_cross_valid_method               'FREE R-VALUE' 
_refine.pdbx_method_to_determine_struct          'MOLECULAR REPLACEMENT' 
_refine.pdbx_starting_model                      5NEO 
_refine.pdbx_stereochemistry_target_values       ? 
_refine.pdbx_R_Free_selection_details            ? 
_refine.pdbx_stereochem_target_val_spec_case     ? 
_refine.pdbx_overall_ESU_R                       ? 
_refine.pdbx_overall_ESU_R_Free                  ? 
_refine.pdbx_solvent_vdw_probe_radii             1.11 
_refine.pdbx_solvent_ion_probe_radii             ? 
_refine.pdbx_solvent_shrinkage_radii             0.90 
_refine.pdbx_real_space_R                        ? 
_refine.pdbx_density_correlation                 ? 
_refine.pdbx_pd_number_of_powder_patterns        ? 
_refine.pdbx_pd_number_of_points                 ? 
_refine.pdbx_pd_meas_number_of_points            ? 
_refine.pdbx_pd_proc_ls_prof_R_factor            ? 
_refine.pdbx_pd_proc_ls_prof_wR_factor           ? 
_refine.pdbx_pd_Marquardt_correlation_coeff      ? 
_refine.pdbx_pd_Fsqrd_R_factor                   ? 
_refine.pdbx_pd_ls_matrix_band_width             ? 
_refine.pdbx_overall_phase_error                 33.89 
_refine.pdbx_overall_SU_R_free_Cruickshank_DPI   ? 
_refine.pdbx_overall_SU_R_free_Blow_DPI          ? 
_refine.pdbx_overall_SU_R_Blow_DPI               ? 
_refine.pdbx_TLS_residual_ADP_flag               ? 
_refine.pdbx_diffrn_id                           1 
_refine.overall_SU_B                             ? 
_refine.overall_SU_ML                            0.27 
_refine.overall_SU_R_Cruickshank_DPI             ? 
_refine.overall_SU_R_free                        ? 
_refine.overall_FOM_free_R_set                   ? 
_refine.overall_FOM_work_R_set                   ? 
_refine.pdbx_average_fsc_overall                 ? 
_refine.pdbx_average_fsc_work                    ? 
_refine.pdbx_average_fsc_free                    ? 
# 
_refine_hist.pdbx_refine_id                   'X-RAY DIFFRACTION' 
_refine_hist.cycle_id                         LAST 
_refine_hist.pdbx_number_atoms_protein        0 
_refine_hist.pdbx_number_atoms_nucleic_acid   386 
_refine_hist.pdbx_number_atoms_ligand         22 
_refine_hist.number_atoms_solvent             35 
_refine_hist.number_atoms_total               443 
_refine_hist.d_res_high                       1.690 
_refine_hist.d_res_low                        38.658 
# 
loop_
_refine_ls_restr.pdbx_refine_id 
_refine_ls_restr.criterion 
_refine_ls_restr.dev_ideal 
_refine_ls_restr.dev_ideal_target 
_refine_ls_restr.number 
_refine_ls_restr.rejects 
_refine_ls_restr.type 
_refine_ls_restr.weight 
_refine_ls_restr.pdbx_restraint_function 
'X-RAY DIFFRACTION' ? 0.011 ? 443 ? f_bond_d           ? ? 
'X-RAY DIFFRACTION' ? 1.777 ? 689 ? f_angle_d          ? ? 
'X-RAY DIFFRACTION' ? 9.694 ? 204 ? f_dihedral_angle_d ? ? 
'X-RAY DIFFRACTION' ? 0.067 ? 88  ? f_chiral_restr     ? ? 
'X-RAY DIFFRACTION' ? 0.015 ? 19  ? f_plane_restr      ? ? 
# 
loop_
_refine_ls_shell.pdbx_refine_id 
_refine_ls_shell.d_res_high 
_refine_ls_shell.d_res_low 
_refine_ls_shell.number_reflns_all 
_refine_ls_shell.number_reflns_obs 
_refine_ls_shell.number_reflns_R_free 
_refine_ls_shell.number_reflns_R_work 
_refine_ls_shell.percent_reflns_obs 
_refine_ls_shell.percent_reflns_R_free 
_refine_ls_shell.R_factor_all 
_refine_ls_shell.R_factor_obs 
_refine_ls_shell.R_factor_R_free 
_refine_ls_shell.R_factor_R_free_error 
_refine_ls_shell.R_factor_R_work 
_refine_ls_shell.redundancy_reflns_all 
_refine_ls_shell.redundancy_reflns_obs 
_refine_ls_shell.wR_factor_all 
_refine_ls_shell.wR_factor_obs 
_refine_ls_shell.wR_factor_R_free 
_refine_ls_shell.wR_factor_R_work 
_refine_ls_shell.pdbx_total_number_of_bins_used 
_refine_ls_shell.pdbx_phase_error 
_refine_ls_shell.pdbx_fsc_work 
_refine_ls_shell.pdbx_fsc_free 
'X-RAY DIFFRACTION' 1.6904 1.7963  . . 119 2509 94.00 . . . 0.3928 . 0.3914 . . . . . . . . . . 
'X-RAY DIFFRACTION' 1.7963 1.9350  . . 136 2554 97.00 . . . 0.3903 . 0.3656 . . . . . . . . . . 
'X-RAY DIFFRACTION' 1.9350 2.1297  . . 172 2587 99.00 . . . 0.4049 . 0.2953 . . . . . . . . . . 
'X-RAY DIFFRACTION' 2.1297 2.4379  . . 168 2595 99.00 . . . 0.2668 . 0.2333 . . . . . . . . . . 
'X-RAY DIFFRACTION' 2.4379 3.0712  . . 147 2629 99.00 . . . 0.2583 . 0.2284 . . . . . . . . . . 
'X-RAY DIFFRACTION' 3.0712 38.6685 . . 149 2611 99.00 . . . 0.1991 . 0.1638 . . . . . . . . . . 
# 
_struct.entry_id                     5NEQ 
_struct.title                        'The structure of the G. violaceus guanidine II riboswitch P1 stem-loop with aminoguanidine' 
_struct.pdbx_model_details           ? 
_struct.pdbx_formula_weight          ? 
_struct.pdbx_formula_weight_method   ? 
_struct.pdbx_model_type_details      ? 
_struct.pdbx_CASP_flag               N 
# 
_struct_keywords.entry_id        5NEQ 
_struct_keywords.text            'guanidine II riboswitch, stem-loop, tetra loop, dimer, aminoguanidine, RNA' 
_struct_keywords.pdbx_keywords   RNA 
# 
loop_
_struct_asym.id 
_struct_asym.pdbx_blank_PDB_chainid_flag 
_struct_asym.pdbx_modified 
_struct_asym.entity_id 
_struct_asym.details 
A N N 1 ? 
B N N 2 ? 
C N N 3 ? 
D N N 3 ? 
E N N 4 ? 
F N N 4 ? 
G N N 4 ? 
H N N 4 ? 
I N N 4 ? 
J N N 4 ? 
K N N 4 ? 
L N N 5 ? 
# 
_struct_ref.id                         1 
_struct_ref.db_name                    PDB 
_struct_ref.db_code                    5NEQ 
_struct_ref.pdbx_db_accession          5NEQ 
_struct_ref.pdbx_db_isoform            ? 
_struct_ref.entity_id                  1 
_struct_ref.pdbx_seq_one_letter_code   ? 
_struct_ref.pdbx_align_begin           1 
# 
_struct_ref_seq.align_id                      1 
_struct_ref_seq.ref_id                        1 
_struct_ref_seq.pdbx_PDB_id_code              5NEQ 
_struct_ref_seq.pdbx_strand_id                A 
_struct_ref_seq.seq_align_beg                 1 
_struct_ref_seq.pdbx_seq_align_beg_ins_code   ? 
_struct_ref_seq.seq_align_end                 18 
_struct_ref_seq.pdbx_seq_align_end_ins_code   ? 
_struct_ref_seq.pdbx_db_accession             5NEQ 
_struct_ref_seq.db_align_beg                  1 
_struct_ref_seq.pdbx_db_align_beg_ins_code    ? 
_struct_ref_seq.db_align_end                  18 
_struct_ref_seq.pdbx_db_align_end_ins_code    ? 
_struct_ref_seq.pdbx_auth_seq_align_beg       1 
_struct_ref_seq.pdbx_auth_seq_align_end       18 
# 
_pdbx_struct_assembly.id                   1 
_pdbx_struct_assembly.details              author_defined_assembly 
_pdbx_struct_assembly.method_details       ? 
_pdbx_struct_assembly.oligomeric_details   dimeric 
_pdbx_struct_assembly.oligomeric_count     2 
# 
loop_
_pdbx_struct_assembly_gen.assembly_id 
_pdbx_struct_assembly_gen.oper_expression 
_pdbx_struct_assembly_gen.asym_id_list 
1 1 A,B,C,D,E,F,G,H,I,J,K,L 
1 2 A,B,C,D,E,F,G,H,I,J,K,L 
# 
_pdbx_struct_assembly_auth_evidence.id                     1 
_pdbx_struct_assembly_auth_evidence.assembly_id            1 
_pdbx_struct_assembly_auth_evidence.experimental_support   none 
_pdbx_struct_assembly_auth_evidence.details                ? 
# 
loop_
_pdbx_struct_oper_list.id 
_pdbx_struct_oper_list.type 
_pdbx_struct_oper_list.name 
_pdbx_struct_oper_list.symmetry_operation 
_pdbx_struct_oper_list.matrix[1][1] 
_pdbx_struct_oper_list.matrix[1][2] 
_pdbx_struct_oper_list.matrix[1][3] 
_pdbx_struct_oper_list.vector[1] 
_pdbx_struct_oper_list.matrix[2][1] 
_pdbx_struct_oper_list.matrix[2][2] 
_pdbx_struct_oper_list.matrix[2][3] 
_pdbx_struct_oper_list.vector[2] 
_pdbx_struct_oper_list.matrix[3][1] 
_pdbx_struct_oper_list.matrix[3][2] 
_pdbx_struct_oper_list.matrix[3][3] 
_pdbx_struct_oper_list.vector[3] 
1 'identity operation'         1_555  x,y,z              1.0000000000  0.0000000000  0.0000000000 0.0000000000  0.0000000000  1.0000000000 0.0000000000  0.0000000000 0.0000000000 0.0000000000  1.0000000000  0.0000000000  
2 'crystal symmetry operation' 10_455 y-1/3,x+1/3,-z+1/3 -0.7874600503 -0.5908101904 0.1756416471 24.3701632437 -0.5908101904 0.6423109231 -0.4882417403 6.0681023804 0.1756416471 -0.4882417403 -0.8548508729 -9.0783511479 
# 
loop_
_struct_conn.id 
_struct_conn.conn_type_id 
_struct_conn.pdbx_leaving_atom_flag 
_struct_conn.pdbx_PDB_id 
_struct_conn.ptnr1_label_asym_id 
_struct_conn.ptnr1_label_comp_id 
_struct_conn.ptnr1_label_seq_id 
_struct_conn.ptnr1_label_atom_id 
_struct_conn.pdbx_ptnr1_label_alt_id 
_struct_conn.pdbx_ptnr1_PDB_ins_code 
_struct_conn.pdbx_ptnr1_standard_comp_id 
_struct_conn.ptnr1_symmetry 
_struct_conn.ptnr2_label_asym_id 
_struct_conn.ptnr2_label_comp_id 
_struct_conn.ptnr2_label_seq_id 
_struct_conn.ptnr2_label_atom_id 
_struct_conn.pdbx_ptnr2_label_alt_id 
_struct_conn.pdbx_ptnr2_PDB_ins_code 
_struct_conn.ptnr1_auth_asym_id 
_struct_conn.ptnr1_auth_comp_id 
_struct_conn.ptnr1_auth_seq_id 
_struct_conn.ptnr2_auth_asym_id 
_struct_conn.ptnr2_auth_comp_id 
_struct_conn.ptnr2_auth_seq_id 
_struct_conn.ptnr2_symmetry 
_struct_conn.pdbx_ptnr3_label_atom_id 
_struct_conn.pdbx_ptnr3_label_seq_id 
_struct_conn.pdbx_ptnr3_label_comp_id 
_struct_conn.pdbx_ptnr3_label_asym_id 
_struct_conn.pdbx_ptnr3_label_alt_id 
_struct_conn.pdbx_ptnr3_PDB_ins_code 
_struct_conn.details 
_struct_conn.pdbx_dist_value 
_struct_conn.pdbx_value_order 
_struct_conn.pdbx_role 
covale1  covale both ? A A   16 "O3'" ? ? ? 1_555 A CBV 17 P  ? ? A A   16  A CBV 17  1_555  ? ? ? ? ? ? ?            1.613 ? ? 
covale2  covale one  ? A CBV 17 "O3'" ? ? ? 1_555 A C   18 P  ? ? A CBV 17  A C   18  1_555  ? ? ? ? ? ? ?            1.596 ? ? 
metalc1  metalc ?    ? A G   7  O6    ? ? ? 1_555 K NA  .  NA ? ? A G   7   A NA  110 1_555  ? ? ? ? ? ? ?            2.959 ? ? 
metalc2  metalc ?    ? A A   8  OP1   ? ? ? 1_555 I NA  .  NA ? ? A A   8   A NA  108 1_555  ? ? ? ? ? ? ?            2.398 ? ? 
metalc3  metalc ?    ? A G   10 OP2   ? ? ? 1_555 K NA  .  NA ? ? A G   10  A NA  110 1_555  ? ? ? ? ? ? ?            2.816 ? ? 
metalc4  metalc ?    ? A C   12 OP2   ? ? ? 1_555 H NA  .  NA ? ? A C   12  A NA  107 1_555  ? ? ? ? ? ? ?            2.898 ? ? 
metalc5  metalc ?    ? A C   13 OP2   ? ? ? 1_555 H NA  .  NA ? ? A C   13  A NA  107 1_555  ? ? ? ? ? ? ?            2.724 ? ? 
metalc6  metalc ?    ? E NA  .  NA    ? ? ? 1_555 L HOH .  O  ? ? A NA  104 A HOH 201 1_555  ? ? ? ? ? ? ?            2.828 ? ? 
metalc7  metalc ?    ? E NA  .  NA    ? ? ? 1_555 L HOH .  O  ? ? A NA  104 A HOH 232 1_555  ? ? ? ? ? ? ?            2.407 ? ? 
metalc8  metalc ?    ? I NA  .  NA    ? ? ? 1_555 L HOH .  O  ? ? A NA  108 A HOH 229 10_455 ? ? ? ? ? ? ?            2.426 ? ? 
metalc9  metalc ?    ? K NA  .  NA    ? ? ? 1_555 L HOH .  O  ? ? A NA  110 A HOH 233 1_555  ? ? ? ? ? ? ?            2.271 ? ? 
hydrog1  hydrog ?    ? A G   1  N1    ? ? ? 1_555 A C   18 N3 ? ? A G   1   A C   18  1_555  ? ? ? ? ? ? WATSON-CRICK ?     ? ? 
hydrog2  hydrog ?    ? A G   1  N2    ? ? ? 1_555 A C   18 O2 ? ? A G   1   A C   18  1_555  ? ? ? ? ? ? WATSON-CRICK ?     ? ? 
hydrog3  hydrog ?    ? A G   1  O6    ? ? ? 1_555 A C   18 N4 ? ? A G   1   A C   18  1_555  ? ? ? ? ? ? WATSON-CRICK ?     ? ? 
hydrog4  hydrog ?    ? A G   2  N1    ? ? ? 1_555 A CBV 17 N3 ? ? A G   2   A CBV 17  1_555  ? ? ? ? ? ? WATSON-CRICK ?     ? ? 
hydrog5  hydrog ?    ? A G   2  N2    ? ? ? 1_555 A CBV 17 O2 ? ? A G   2   A CBV 17  1_555  ? ? ? ? ? ? WATSON-CRICK ?     ? ? 
hydrog6  hydrog ?    ? A G   2  O6    ? ? ? 1_555 A CBV 17 N4 ? ? A G   2   A CBV 17  1_555  ? ? ? ? ? ? WATSON-CRICK ?     ? ? 
hydrog7  hydrog ?    ? A U   3  N3    ? ? ? 1_555 A A   16 N1 ? ? A U   3   A A   16  1_555  ? ? ? ? ? ? WATSON-CRICK ?     ? ? 
hydrog8  hydrog ?    ? A U   3  O4    ? ? ? 1_555 A A   16 N6 ? ? A U   3   A A   16  1_555  ? ? ? ? ? ? WATSON-CRICK ?     ? ? 
hydrog9  hydrog ?    ? A G   4  N1    ? ? ? 1_555 A C   15 N3 ? ? A G   4   A C   15  1_555  ? ? ? ? ? ? WATSON-CRICK ?     ? ? 
hydrog10 hydrog ?    ? A G   4  N2    ? ? ? 1_555 A C   15 O2 ? ? A G   4   A C   15  1_555  ? ? ? ? ? ? WATSON-CRICK ?     ? ? 
hydrog11 hydrog ?    ? A G   4  O6    ? ? ? 1_555 A C   15 N4 ? ? A G   4   A C   15  1_555  ? ? ? ? ? ? WATSON-CRICK ?     ? ? 
hydrog12 hydrog ?    ? A G   5  N1    ? ? ? 1_555 A C   14 N3 ? ? A G   5   A C   14  1_555  ? ? ? ? ? ? WATSON-CRICK ?     ? ? 
hydrog13 hydrog ?    ? A G   5  N2    ? ? ? 1_555 A C   14 O2 ? ? A G   5   A C   14  1_555  ? ? ? ? ? ? WATSON-CRICK ?     ? ? 
hydrog14 hydrog ?    ? A G   5  O6    ? ? ? 1_555 A C   14 N4 ? ? A G   5   A C   14  1_555  ? ? ? ? ? ? WATSON-CRICK ?     ? ? 
hydrog15 hydrog ?    ? A G   6  N1    ? ? ? 1_555 A C   13 N3 ? ? A G   6   A C   13  1_555  ? ? ? ? ? ? WATSON-CRICK ?     ? ? 
hydrog16 hydrog ?    ? A G   6  N2    ? ? ? 1_555 A C   13 O2 ? ? A G   6   A C   13  1_555  ? ? ? ? ? ? WATSON-CRICK ?     ? ? 
hydrog17 hydrog ?    ? A G   6  O6    ? ? ? 1_555 A C   13 N4 ? ? A G   6   A C   13  1_555  ? ? ? ? ? ? WATSON-CRICK ?     ? ? 
hydrog18 hydrog ?    ? A G   7  N1    ? ? ? 1_555 A C   12 N3 ? ? A G   7   A C   12  1_555  ? ? ? ? ? ? WATSON-CRICK ?     ? ? 
hydrog19 hydrog ?    ? A G   7  N2    ? ? ? 1_555 A C   12 O2 ? ? A G   7   A C   12  1_555  ? ? ? ? ? ? WATSON-CRICK ?     ? ? 
hydrog20 hydrog ?    ? A G   7  O6    ? ? ? 1_555 A C   12 N4 ? ? A G   7   A C   12  1_555  ? ? ? ? ? ? WATSON-CRICK ?     ? ? 
# 
loop_
_struct_conn_type.id 
_struct_conn_type.criteria 
_struct_conn_type.reference 
covale ? ? 
metalc ? ? 
hydrog ? ? 
# 
loop_
_pdbx_struct_conn_angle.id 
_pdbx_struct_conn_angle.ptnr1_label_atom_id 
_pdbx_struct_conn_angle.ptnr1_label_alt_id 
_pdbx_struct_conn_angle.ptnr1_label_asym_id 
_pdbx_struct_conn_angle.ptnr1_label_comp_id 
_pdbx_struct_conn_angle.ptnr1_label_seq_id 
_pdbx_struct_conn_angle.ptnr1_auth_atom_id 
_pdbx_struct_conn_angle.ptnr1_auth_asym_id 
_pdbx_struct_conn_angle.ptnr1_auth_comp_id 
_pdbx_struct_conn_angle.ptnr1_auth_seq_id 
_pdbx_struct_conn_angle.ptnr1_PDB_ins_code 
_pdbx_struct_conn_angle.ptnr1_symmetry 
_pdbx_struct_conn_angle.ptnr2_label_atom_id 
_pdbx_struct_conn_angle.ptnr2_label_alt_id 
_pdbx_struct_conn_angle.ptnr2_label_asym_id 
_pdbx_struct_conn_angle.ptnr2_label_comp_id 
_pdbx_struct_conn_angle.ptnr2_label_seq_id 
_pdbx_struct_conn_angle.ptnr2_auth_atom_id 
_pdbx_struct_conn_angle.ptnr2_auth_asym_id 
_pdbx_struct_conn_angle.ptnr2_auth_comp_id 
_pdbx_struct_conn_angle.ptnr2_auth_seq_id 
_pdbx_struct_conn_angle.ptnr2_PDB_ins_code 
_pdbx_struct_conn_angle.ptnr2_symmetry 
_pdbx_struct_conn_angle.ptnr3_label_atom_id 
_pdbx_struct_conn_angle.ptnr3_label_alt_id 
_pdbx_struct_conn_angle.ptnr3_label_asym_id 
_pdbx_struct_conn_angle.ptnr3_label_comp_id 
_pdbx_struct_conn_angle.ptnr3_label_seq_id 
_pdbx_struct_conn_angle.ptnr3_auth_atom_id 
_pdbx_struct_conn_angle.ptnr3_auth_asym_id 
_pdbx_struct_conn_angle.ptnr3_auth_comp_id 
_pdbx_struct_conn_angle.ptnr3_auth_seq_id 
_pdbx_struct_conn_angle.ptnr3_PDB_ins_code 
_pdbx_struct_conn_angle.ptnr3_symmetry 
_pdbx_struct_conn_angle.value 
_pdbx_struct_conn_angle.value_esd 
1 O6  ? A G   7  ? A G   7   ? 1_555 NA ? K NA . ? A NA 110 ? 1_555 OP2 ? A G   10 ? A G   10  ? 1_555  95.7  ? 
2 O6  ? A G   7  ? A G   7   ? 1_555 NA ? K NA . ? A NA 110 ? 1_555 O   ? L HOH .  ? A HOH 233 ? 1_555  84.8  ? 
3 OP2 ? A G   10 ? A G   10  ? 1_555 NA ? K NA . ? A NA 110 ? 1_555 O   ? L HOH .  ? A HOH 233 ? 1_555  102.6 ? 
4 OP1 ? A A   8  ? A A   8   ? 1_555 NA ? I NA . ? A NA 108 ? 1_555 O   ? L HOH .  ? A HOH 229 ? 10_455 155.5 ? 
5 OP2 ? A C   12 ? A C   12  ? 1_555 NA ? H NA . ? A NA 107 ? 1_555 OP2 ? A C   13 ? A C   13  ? 1_555  103.6 ? 
6 O   ? L HOH .  ? A HOH 201 ? 1_555 NA ? E NA . ? A NA 104 ? 1_555 O   ? L HOH .  ? A HOH 232 ? 1_555  169.3 ? 
# 
loop_
_struct_site.id 
_struct_site.pdbx_evidence_code 
_struct_site.pdbx_auth_asym_id 
_struct_site.pdbx_auth_comp_id 
_struct_site.pdbx_auth_seq_id 
_struct_site.pdbx_auth_ins_code 
_struct_site.pdbx_num_residues 
_struct_site.details 
AC1 Software A AGU 101 ? 6 'binding site for residue AGU A 101' 
AC2 Software A SO4 102 ? 4 'binding site for residue SO4 A 102' 
AC3 Software A SO4 103 ? 3 'binding site for residue SO4 A 103' 
AC4 Software A NA  104 ? 3 'binding site for residue NA A 104'  
AC5 Software A NA  105 ? 1 'binding site for residue NA A 105'  
AC6 Software A NA  107 ? 2 'binding site for residue NA A 107'  
AC7 Software A NA  108 ? 4 'binding site for residue NA A 108'  
AC8 Software A NA  109 ? 1 'binding site for residue NA A 109'  
AC9 Software A NA  110 ? 4 'binding site for residue NA A 110'  
# 
loop_
_struct_site_gen.id 
_struct_site_gen.site_id 
_struct_site_gen.pdbx_num_res 
_struct_site_gen.label_comp_id 
_struct_site_gen.label_asym_id 
_struct_site_gen.label_seq_id 
_struct_site_gen.pdbx_auth_ins_code 
_struct_site_gen.auth_comp_id 
_struct_site_gen.auth_asym_id 
_struct_site_gen.auth_seq_id 
_struct_site_gen.label_atom_id 
_struct_site_gen.label_alt_id 
_struct_site_gen.symmetry 
_struct_site_gen.details 
1  AC1 6 G   A 7  ? G   A 7   . ? 1_555  ? 
2  AC1 6 A   A 8  ? A   A 8   . ? 1_555  ? 
3  AC1 6 C   A 9  ? C   A 9   . ? 1_555  ? 
4  AC1 6 G   A 10 ? G   A 10  . ? 1_555  ? 
5  AC1 6 NA  I .  ? NA  A 108 . ? 1_555  ? 
6  AC1 6 NA  K .  ? NA  A 110 . ? 1_555  ? 
7  AC2 4 G   A 2  ? G   A 2   . ? 1_555  ? 
8  AC2 4 U   A 3  ? U   A 3   . ? 1_555  ? 
9  AC2 4 C   A 15 ? C   A 15  . ? 2_565  ? 
10 AC2 4 HOH L .  ? HOH A 203 . ? 2_565  ? 
11 AC3 3 CBV A 17 ? CBV A 17  . ? 1_555  ? 
12 AC3 3 HOH L .  ? HOH A 201 . ? 1_555  ? 
13 AC3 3 HOH L .  ? HOH A 219 . ? 1_555  ? 
14 AC4 3 C   A 15 ? C   A 15  . ? 1_555  ? 
15 AC4 3 HOH L .  ? HOH A 201 . ? 1_555  ? 
16 AC4 3 HOH L .  ? HOH A 232 . ? 1_555  ? 
17 AC5 1 G   A 2  ? G   A 2   . ? 1_555  ? 
18 AC6 2 C   A 12 ? C   A 12  . ? 1_555  ? 
19 AC6 2 C   A 13 ? C   A 13  . ? 1_555  ? 
20 AC7 4 A   A 8  ? A   A 8   . ? 1_555  ? 
21 AC7 4 C   A 9  ? C   A 9   . ? 1_555  ? 
22 AC7 4 AGU B .  ? AGU A 101 . ? 1_555  ? 
23 AC7 4 HOH L .  ? HOH A 229 . ? 10_455 ? 
24 AC8 1 G   A 1  ? G   A 1   . ? 1_555  ? 
25 AC9 4 G   A 7  ? G   A 7   . ? 1_555  ? 
26 AC9 4 G   A 10 ? G   A 10  . ? 1_555  ? 
27 AC9 4 AGU B .  ? AGU A 101 . ? 1_555  ? 
28 AC9 4 HOH L .  ? HOH A 233 . ? 1_555  ? 
# 
loop_
_pdbx_validate_close_contact.id 
_pdbx_validate_close_contact.PDB_model_num 
_pdbx_validate_close_contact.auth_atom_id_1 
_pdbx_validate_close_contact.auth_asym_id_1 
_pdbx_validate_close_contact.auth_comp_id_1 
_pdbx_validate_close_contact.auth_seq_id_1 
_pdbx_validate_close_contact.PDB_ins_code_1 
_pdbx_validate_close_contact.label_alt_id_1 
_pdbx_validate_close_contact.auth_atom_id_2 
_pdbx_validate_close_contact.auth_asym_id_2 
_pdbx_validate_close_contact.auth_comp_id_2 
_pdbx_validate_close_contact.auth_seq_id_2 
_pdbx_validate_close_contact.PDB_ins_code_2 
_pdbx_validate_close_contact.label_alt_id_2 
_pdbx_validate_close_contact.dist 
1 1 "O3'"  A A   16 ? ? O3P A CBV 17 ? ? 0.36 
2 1 "HO3'" A CBV 17 ? ? P   A C   18 ? ? 0.79 
3 1 "C3'"  A A   16 ? ? O3P A CBV 17 ? ? 1.77 
# 
loop_
_pdbx_validate_rmsd_angle.id 
_pdbx_validate_rmsd_angle.PDB_model_num 
_pdbx_validate_rmsd_angle.auth_atom_id_1 
_pdbx_validate_rmsd_angle.auth_asym_id_1 
_pdbx_validate_rmsd_angle.auth_comp_id_1 
_pdbx_validate_rmsd_angle.auth_seq_id_1 
_pdbx_validate_rmsd_angle.PDB_ins_code_1 
_pdbx_validate_rmsd_angle.label_alt_id_1 
_pdbx_validate_rmsd_angle.auth_atom_id_2 
_pdbx_validate_rmsd_angle.auth_asym_id_2 
_pdbx_validate_rmsd_angle.auth_comp_id_2 
_pdbx_validate_rmsd_angle.auth_seq_id_2 
_pdbx_validate_rmsd_angle.PDB_ins_code_2 
_pdbx_validate_rmsd_angle.label_alt_id_2 
_pdbx_validate_rmsd_angle.auth_atom_id_3 
_pdbx_validate_rmsd_angle.auth_asym_id_3 
_pdbx_validate_rmsd_angle.auth_comp_id_3 
_pdbx_validate_rmsd_angle.auth_seq_id_3 
_pdbx_validate_rmsd_angle.PDB_ins_code_3 
_pdbx_validate_rmsd_angle.label_alt_id_3 
_pdbx_validate_rmsd_angle.angle_value 
_pdbx_validate_rmsd_angle.angle_target_value 
_pdbx_validate_rmsd_angle.angle_deviation 
_pdbx_validate_rmsd_angle.angle_standard_deviation 
_pdbx_validate_rmsd_angle.linker_flag 
1 1 "O5'" A G 5 ? ? P  A G 5 ? ? OP2 A G 5 ? ? 98.89  105.70 -6.81 0.90 N 
2 1 C8    A G 6 ? ? N9 A G 6 ? ? C4  A G 6 ? ? 103.98 106.40 -2.43 0.40 N 
# 
loop_
_pdbx_struct_special_symmetry.id 
_pdbx_struct_special_symmetry.PDB_model_num 
_pdbx_struct_special_symmetry.auth_asym_id 
_pdbx_struct_special_symmetry.auth_comp_id 
_pdbx_struct_special_symmetry.auth_seq_id 
_pdbx_struct_special_symmetry.PDB_ins_code 
_pdbx_struct_special_symmetry.label_asym_id 
_pdbx_struct_special_symmetry.label_comp_id 
_pdbx_struct_special_symmetry.label_seq_id 
1 1 A HOH 217 ? L HOH . 
2 1 A HOH 218 ? L HOH . 
3 1 A HOH 222 ? L HOH . 
4 1 A HOH 227 ? L HOH . 
5 1 A HOH 231 ? L HOH . 
6 1 A HOH 235 ? L HOH . 
# 
loop_
_pdbx_refine_tls.pdbx_refine_id 
_pdbx_refine_tls.id 
_pdbx_refine_tls.details 
_pdbx_refine_tls.method 
_pdbx_refine_tls.origin_x 
_pdbx_refine_tls.origin_y 
_pdbx_refine_tls.origin_z 
_pdbx_refine_tls.T[1][1] 
_pdbx_refine_tls.T[2][2] 
_pdbx_refine_tls.T[3][3] 
_pdbx_refine_tls.T[1][2] 
_pdbx_refine_tls.T[1][3] 
_pdbx_refine_tls.T[2][3] 
_pdbx_refine_tls.L[1][1] 
_pdbx_refine_tls.L[2][2] 
_pdbx_refine_tls.L[3][3] 
_pdbx_refine_tls.L[1][2] 
_pdbx_refine_tls.L[1][3] 
_pdbx_refine_tls.L[2][3] 
_pdbx_refine_tls.S[1][1] 
_pdbx_refine_tls.S[1][2] 
_pdbx_refine_tls.S[1][3] 
_pdbx_refine_tls.S[2][1] 
_pdbx_refine_tls.S[2][2] 
_pdbx_refine_tls.S[2][3] 
_pdbx_refine_tls.S[3][1] 
_pdbx_refine_tls.S[3][2] 
_pdbx_refine_tls.S[3][3] 
'X-RAY DIFFRACTION' 1 ? refined 0.6553  -1.3017 -2.9964 0.3719 0.3149 0.2837 -0.0031 0.0223  -0.0252 2.4646  2.4864 1.3309 1.1863 -1.7262 -2.8489 -0.1504 -0.0538 -0.0369 -0.2595 0.1294  -0.2106 0.1757 0.1044 0.0559 
'X-RAY DIFFRACTION' 2 ? refined -0.4557 1.5633  3.5202  0.2675 0.2920 0.2720 0.0226  -0.0028 0.0410  10.6080 2.2770 2.9986 3.0139 -1.8147 -2.0642 -0.1775 -0.3651 -0.5960 -0.0871 -0.1742 -0.2699 0.2426 0.3412 0.3471  
# 
loop_
_pdbx_refine_tls_group.pdbx_refine_id 
_pdbx_refine_tls_group.id 
_pdbx_refine_tls_group.refine_tls_id 
_pdbx_refine_tls_group.beg_auth_asym_id 
_pdbx_refine_tls_group.beg_auth_seq_id 
_pdbx_refine_tls_group.beg_label_asym_id 
_pdbx_refine_tls_group.beg_label_seq_id 
_pdbx_refine_tls_group.end_auth_asym_id 
_pdbx_refine_tls_group.end_auth_seq_id 
_pdbx_refine_tls_group.end_label_asym_id 
_pdbx_refine_tls_group.end_label_seq_id 
_pdbx_refine_tls_group.selection 
_pdbx_refine_tls_group.selection_details 
'X-RAY DIFFRACTION' 1 1 ? ? ? ? ? ? ? ? ? 
;chain 'A' and (resid 1 through 10 )
;
'X-RAY DIFFRACTION' 2 2 ? ? ? ? ? ? ? ? ? 
;chain 'A' and (resid 11 through 18 )
;
# 
_pdbx_distant_solvent_atoms.id                                1 
_pdbx_distant_solvent_atoms.PDB_model_num                     1 
_pdbx_distant_solvent_atoms.auth_atom_id                      O 
_pdbx_distant_solvent_atoms.label_alt_id                      ? 
_pdbx_distant_solvent_atoms.auth_asym_id                      A 
_pdbx_distant_solvent_atoms.auth_comp_id                      HOH 
_pdbx_distant_solvent_atoms.auth_seq_id                       235 
_pdbx_distant_solvent_atoms.PDB_ins_code                      ? 
_pdbx_distant_solvent_atoms.neighbor_macromolecule_distance   6.21 
_pdbx_distant_solvent_atoms.neighbor_ligand_distance          . 
# 
loop_
_chem_comp_atom.comp_id 
_chem_comp_atom.atom_id 
_chem_comp_atom.type_symbol 
_chem_comp_atom.pdbx_aromatic_flag 
_chem_comp_atom.pdbx_stereo_config 
_chem_comp_atom.pdbx_ordinal 
A   OP3    O  N N 1   
A   P      P  N N 2   
A   OP1    O  N N 3   
A   OP2    O  N N 4   
A   "O5'"  O  N N 5   
A   "C5'"  C  N N 6   
A   "C4'"  C  N R 7   
A   "O4'"  O  N N 8   
A   "C3'"  C  N S 9   
A   "O3'"  O  N N 10  
A   "C2'"  C  N R 11  
A   "O2'"  O  N N 12  
A   "C1'"  C  N R 13  
A   N9     N  Y N 14  
A   C8     C  Y N 15  
A   N7     N  Y N 16  
A   C5     C  Y N 17  
A   C6     C  Y N 18  
A   N6     N  N N 19  
A   N1     N  Y N 20  
A   C2     C  Y N 21  
A   N3     N  Y N 22  
A   C4     C  Y N 23  
A   HOP3   H  N N 24  
A   HOP2   H  N N 25  
A   "H5'"  H  N N 26  
A   "H5''" H  N N 27  
A   "H4'"  H  N N 28  
A   "H3'"  H  N N 29  
A   "HO3'" H  N N 30  
A   "H2'"  H  N N 31  
A   "HO2'" H  N N 32  
A   "H1'"  H  N N 33  
A   H8     H  N N 34  
A   H61    H  N N 35  
A   H62    H  N N 36  
A   H2     H  N N 37  
AGU C      C  N N 38  
AGU N1     N  N N 39  
AGU N2     N  N N 40  
AGU N3     N  N N 41  
AGU N4     N  N N 42  
AGU HN1    H  N N 43  
AGU HN21   H  N N 44  
AGU HN22   H  N N 45  
AGU HN3    H  N N 46  
AGU HN41   H  N N 47  
AGU HN42   H  N N 48  
C   OP3    O  N N 49  
C   P      P  N N 50  
C   OP1    O  N N 51  
C   OP2    O  N N 52  
C   "O5'"  O  N N 53  
C   "C5'"  C  N N 54  
C   "C4'"  C  N R 55  
C   "O4'"  O  N N 56  
C   "C3'"  C  N S 57  
C   "O3'"  O  N N 58  
C   "C2'"  C  N R 59  
C   "O2'"  O  N N 60  
C   "C1'"  C  N R 61  
C   N1     N  N N 62  
C   C2     C  N N 63  
C   O2     O  N N 64  
C   N3     N  N N 65  
C   C4     C  N N 66  
C   N4     N  N N 67  
C   C5     C  N N 68  
C   C6     C  N N 69  
C   HOP3   H  N N 70  
C   HOP2   H  N N 71  
C   "H5'"  H  N N 72  
C   "H5''" H  N N 73  
C   "H4'"  H  N N 74  
C   "H3'"  H  N N 75  
C   "HO3'" H  N N 76  
C   "H2'"  H  N N 77  
C   "HO2'" H  N N 78  
C   "H1'"  H  N N 79  
C   H41    H  N N 80  
C   H42    H  N N 81  
C   H5     H  N N 82  
C   H6     H  N N 83  
CBV O3P    O  N N 84  
CBV P      P  N N 85  
CBV O1P    O  N N 86  
CBV O2P    O  N N 87  
CBV "O5'"  O  N N 88  
CBV "C5'"  C  N N 89  
CBV "C4'"  C  N R 90  
CBV "O4'"  O  N N 91  
CBV "C3'"  C  N S 92  
CBV "O3'"  O  N N 93  
CBV "C2'"  C  N R 94  
CBV "O2'"  O  N N 95  
CBV "C1'"  C  N R 96  
CBV N1     N  N N 97  
CBV C2     C  N N 98  
CBV O2     O  N N 99  
CBV N3     N  N N 100 
CBV C4     C  N N 101 
CBV N4     N  N N 102 
CBV C5     C  N N 103 
CBV C6     C  N N 104 
CBV BR     BR N N 105 
CBV HO3P   H  N N 106 
CBV HO1P   H  N N 107 
CBV "H5'1" H  N N 108 
CBV "H5'2" H  N N 109 
CBV "H4'"  H  N N 110 
CBV "H3'"  H  N N 111 
CBV "HO3'" H  N N 112 
CBV "H2'"  H  N N 113 
CBV "HO2'" H  N N 114 
CBV "H1'"  H  N N 115 
CBV HN41   H  N N 116 
CBV HN42   H  N N 117 
CBV H6     H  N N 118 
G   OP3    O  N N 119 
G   P      P  N N 120 
G   OP1    O  N N 121 
G   OP2    O  N N 122 
G   "O5'"  O  N N 123 
G   "C5'"  C  N N 124 
G   "C4'"  C  N R 125 
G   "O4'"  O  N N 126 
G   "C3'"  C  N S 127 
G   "O3'"  O  N N 128 
G   "C2'"  C  N R 129 
G   "O2'"  O  N N 130 
G   "C1'"  C  N R 131 
G   N9     N  Y N 132 
G   C8     C  Y N 133 
G   N7     N  Y N 134 
G   C5     C  Y N 135 
G   C6     C  N N 136 
G   O6     O  N N 137 
G   N1     N  N N 138 
G   C2     C  N N 139 
G   N2     N  N N 140 
G   N3     N  N N 141 
G   C4     C  Y N 142 
G   HOP3   H  N N 143 
G   HOP2   H  N N 144 
G   "H5'"  H  N N 145 
G   "H5''" H  N N 146 
G   "H4'"  H  N N 147 
G   "H3'"  H  N N 148 
G   "HO3'" H  N N 149 
G   "H2'"  H  N N 150 
G   "HO2'" H  N N 151 
G   "H1'"  H  N N 152 
G   H8     H  N N 153 
G   H1     H  N N 154 
G   H21    H  N N 155 
G   H22    H  N N 156 
HOH O      O  N N 157 
HOH H1     H  N N 158 
HOH H2     H  N N 159 
NA  NA     NA N N 160 
SO4 S      S  N N 161 
SO4 O1     O  N N 162 
SO4 O2     O  N N 163 
SO4 O3     O  N N 164 
SO4 O4     O  N N 165 
U   OP3    O  N N 166 
U   P      P  N N 167 
U   OP1    O  N N 168 
U   OP2    O  N N 169 
U   "O5'"  O  N N 170 
U   "C5'"  C  N N 171 
U   "C4'"  C  N R 172 
U   "O4'"  O  N N 173 
U   "C3'"  C  N S 174 
U   "O3'"  O  N N 175 
U   "C2'"  C  N R 176 
U   "O2'"  O  N N 177 
U   "C1'"  C  N R 178 
U   N1     N  N N 179 
U   C2     C  N N 180 
U   O2     O  N N 181 
U   N3     N  N N 182 
U   C4     C  N N 183 
U   O4     O  N N 184 
U   C5     C  N N 185 
U   C6     C  N N 186 
U   HOP3   H  N N 187 
U   HOP2   H  N N 188 
U   "H5'"  H  N N 189 
U   "H5''" H  N N 190 
U   "H4'"  H  N N 191 
U   "H3'"  H  N N 192 
U   "HO3'" H  N N 193 
U   "H2'"  H  N N 194 
U   "HO2'" H  N N 195 
U   "H1'"  H  N N 196 
U   H3     H  N N 197 
U   H5     H  N N 198 
U   H6     H  N N 199 
# 
loop_
_chem_comp_bond.comp_id 
_chem_comp_bond.atom_id_1 
_chem_comp_bond.atom_id_2 
_chem_comp_bond.value_order 
_chem_comp_bond.pdbx_aromatic_flag 
_chem_comp_bond.pdbx_stereo_config 
_chem_comp_bond.pdbx_ordinal 
A   OP3   P      sing N N 1   
A   OP3   HOP3   sing N N 2   
A   P     OP1    doub N N 3   
A   P     OP2    sing N N 4   
A   P     "O5'"  sing N N 5   
A   OP2   HOP2   sing N N 6   
A   "O5'" "C5'"  sing N N 7   
A   "C5'" "C4'"  sing N N 8   
A   "C5'" "H5'"  sing N N 9   
A   "C5'" "H5''" sing N N 10  
A   "C4'" "O4'"  sing N N 11  
A   "C4'" "C3'"  sing N N 12  
A   "C4'" "H4'"  sing N N 13  
A   "O4'" "C1'"  sing N N 14  
A   "C3'" "O3'"  sing N N 15  
A   "C3'" "C2'"  sing N N 16  
A   "C3'" "H3'"  sing N N 17  
A   "O3'" "HO3'" sing N N 18  
A   "C2'" "O2'"  sing N N 19  
A   "C2'" "C1'"  sing N N 20  
A   "C2'" "H2'"  sing N N 21  
A   "O2'" "HO2'" sing N N 22  
A   "C1'" N9     sing N N 23  
A   "C1'" "H1'"  sing N N 24  
A   N9    C8     sing Y N 25  
A   N9    C4     sing Y N 26  
A   C8    N7     doub Y N 27  
A   C8    H8     sing N N 28  
A   N7    C5     sing Y N 29  
A   C5    C6     sing Y N 30  
A   C5    C4     doub Y N 31  
A   C6    N6     sing N N 32  
A   C6    N1     doub Y N 33  
A   N6    H61    sing N N 34  
A   N6    H62    sing N N 35  
A   N1    C2     sing Y N 36  
A   C2    N3     doub Y N 37  
A   C2    H2     sing N N 38  
A   N3    C4     sing Y N 39  
AGU C     N1     doub N N 40  
AGU C     N2     sing N N 41  
AGU C     N3     sing N N 42  
AGU N1    HN1    sing N N 43  
AGU N2    HN21   sing N N 44  
AGU N2    HN22   sing N N 45  
AGU N3    N4     sing N N 46  
AGU N3    HN3    sing N N 47  
AGU N4    HN41   sing N N 48  
AGU N4    HN42   sing N N 49  
C   OP3   P      sing N N 50  
C   OP3   HOP3   sing N N 51  
C   P     OP1    doub N N 52  
C   P     OP2    sing N N 53  
C   P     "O5'"  sing N N 54  
C   OP2   HOP2   sing N N 55  
C   "O5'" "C5'"  sing N N 56  
C   "C5'" "C4'"  sing N N 57  
C   "C5'" "H5'"  sing N N 58  
C   "C5'" "H5''" sing N N 59  
C   "C4'" "O4'"  sing N N 60  
C   "C4'" "C3'"  sing N N 61  
C   "C4'" "H4'"  sing N N 62  
C   "O4'" "C1'"  sing N N 63  
C   "C3'" "O3'"  sing N N 64  
C   "C3'" "C2'"  sing N N 65  
C   "C3'" "H3'"  sing N N 66  
C   "O3'" "HO3'" sing N N 67  
C   "C2'" "O2'"  sing N N 68  
C   "C2'" "C1'"  sing N N 69  
C   "C2'" "H2'"  sing N N 70  
C   "O2'" "HO2'" sing N N 71  
C   "C1'" N1     sing N N 72  
C   "C1'" "H1'"  sing N N 73  
C   N1    C2     sing N N 74  
C   N1    C6     sing N N 75  
C   C2    O2     doub N N 76  
C   C2    N3     sing N N 77  
C   N3    C4     doub N N 78  
C   C4    N4     sing N N 79  
C   C4    C5     sing N N 80  
C   N4    H41    sing N N 81  
C   N4    H42    sing N N 82  
C   C5    C6     doub N N 83  
C   C5    H5     sing N N 84  
C   C6    H6     sing N N 85  
CBV O3P   P      sing N N 86  
CBV O3P   HO3P   sing N N 87  
CBV P     O1P    sing N N 88  
CBV P     O2P    doub N N 89  
CBV P     "O5'"  sing N N 90  
CBV O1P   HO1P   sing N N 91  
CBV "O5'" "C5'"  sing N N 92  
CBV "C5'" "C4'"  sing N N 93  
CBV "C5'" "H5'1" sing N N 94  
CBV "C5'" "H5'2" sing N N 95  
CBV "C4'" "O4'"  sing N N 96  
CBV "C4'" "C3'"  sing N N 97  
CBV "C4'" "H4'"  sing N N 98  
CBV "O4'" "C1'"  sing N N 99  
CBV "C3'" "O3'"  sing N N 100 
CBV "C3'" "C2'"  sing N N 101 
CBV "C3'" "H3'"  sing N N 102 
CBV "O3'" "HO3'" sing N N 103 
CBV "C2'" "O2'"  sing N N 104 
CBV "C2'" "C1'"  sing N N 105 
CBV "C2'" "H2'"  sing N N 106 
CBV "O2'" "HO2'" sing N N 107 
CBV "C1'" N1     sing N N 108 
CBV "C1'" "H1'"  sing N N 109 
CBV N1    C2     sing N N 110 
CBV N1    C6     sing N N 111 
CBV C2    O2     doub N N 112 
CBV C2    N3     sing N N 113 
CBV N3    C4     doub N N 114 
CBV C4    N4     sing N N 115 
CBV C4    C5     sing N N 116 
CBV N4    HN41   sing N N 117 
CBV N4    HN42   sing N N 118 
CBV C5    C6     doub N N 119 
CBV C5    BR     sing N N 120 
CBV C6    H6     sing N N 121 
G   OP3   P      sing N N 122 
G   OP3   HOP3   sing N N 123 
G   P     OP1    doub N N 124 
G   P     OP2    sing N N 125 
G   P     "O5'"  sing N N 126 
G   OP2   HOP2   sing N N 127 
G   "O5'" "C5'"  sing N N 128 
G   "C5'" "C4'"  sing N N 129 
G   "C5'" "H5'"  sing N N 130 
G   "C5'" "H5''" sing N N 131 
G   "C4'" "O4'"  sing N N 132 
G   "C4'" "C3'"  sing N N 133 
G   "C4'" "H4'"  sing N N 134 
G   "O4'" "C1'"  sing N N 135 
G   "C3'" "O3'"  sing N N 136 
G   "C3'" "C2'"  sing N N 137 
G   "C3'" "H3'"  sing N N 138 
G   "O3'" "HO3'" sing N N 139 
G   "C2'" "O2'"  sing N N 140 
G   "C2'" "C1'"  sing N N 141 
G   "C2'" "H2'"  sing N N 142 
G   "O2'" "HO2'" sing N N 143 
G   "C1'" N9     sing N N 144 
G   "C1'" "H1'"  sing N N 145 
G   N9    C8     sing Y N 146 
G   N9    C4     sing Y N 147 
G   C8    N7     doub Y N 148 
G   C8    H8     sing N N 149 
G   N7    C5     sing Y N 150 
G   C5    C6     sing N N 151 
G   C5    C4     doub Y N 152 
G   C6    O6     doub N N 153 
G   C6    N1     sing N N 154 
G   N1    C2     sing N N 155 
G   N1    H1     sing N N 156 
G   C2    N2     sing N N 157 
G   C2    N3     doub N N 158 
G   N2    H21    sing N N 159 
G   N2    H22    sing N N 160 
G   N3    C4     sing N N 161 
HOH O     H1     sing N N 162 
HOH O     H2     sing N N 163 
SO4 S     O1     doub N N 164 
SO4 S     O2     doub N N 165 
SO4 S     O3     sing N N 166 
SO4 S     O4     sing N N 167 
U   OP3   P      sing N N 168 
U   OP3   HOP3   sing N N 169 
U   P     OP1    doub N N 170 
U   P     OP2    sing N N 171 
U   P     "O5'"  sing N N 172 
U   OP2   HOP2   sing N N 173 
U   "O5'" "C5'"  sing N N 174 
U   "C5'" "C4'"  sing N N 175 
U   "C5'" "H5'"  sing N N 176 
U   "C5'" "H5''" sing N N 177 
U   "C4'" "O4'"  sing N N 178 
U   "C4'" "C3'"  sing N N 179 
U   "C4'" "H4'"  sing N N 180 
U   "O4'" "C1'"  sing N N 181 
U   "C3'" "O3'"  sing N N 182 
U   "C3'" "C2'"  sing N N 183 
U   "C3'" "H3'"  sing N N 184 
U   "O3'" "HO3'" sing N N 185 
U   "C2'" "O2'"  sing N N 186 
U   "C2'" "C1'"  sing N N 187 
U   "C2'" "H2'"  sing N N 188 
U   "O2'" "HO2'" sing N N 189 
U   "C1'" N1     sing N N 190 
U   "C1'" "H1'"  sing N N 191 
U   N1    C2     sing N N 192 
U   N1    C6     sing N N 193 
U   C2    O2     doub N N 194 
U   C2    N3     sing N N 195 
U   N3    C4     sing N N 196 
U   N3    H3     sing N N 197 
U   C4    O4     doub N N 198 
U   C4    C5     sing N N 199 
U   C5    C6     doub N N 200 
U   C5    H5     sing N N 201 
U   C6    H6     sing N N 202 
# 
loop_
_ndb_struct_conf_na.entry_id 
_ndb_struct_conf_na.feature 
5NEQ 'a-form double helix'  
5NEQ 'hairpin loop'         
5NEQ 'mismatched base pair' 
# 
loop_
_ndb_struct_na_base_pair.model_number 
_ndb_struct_na_base_pair.i_label_asym_id 
_ndb_struct_na_base_pair.i_label_comp_id 
_ndb_struct_na_base_pair.i_label_seq_id 
_ndb_struct_na_base_pair.i_symmetry 
_ndb_struct_na_base_pair.j_label_asym_id 
_ndb_struct_na_base_pair.j_label_comp_id 
_ndb_struct_na_base_pair.j_label_seq_id 
_ndb_struct_na_base_pair.j_symmetry 
_ndb_struct_na_base_pair.shear 
_ndb_struct_na_base_pair.stretch 
_ndb_struct_na_base_pair.stagger 
_ndb_struct_na_base_pair.buckle 
_ndb_struct_na_base_pair.propeller 
_ndb_struct_na_base_pair.opening 
_ndb_struct_na_base_pair.pair_number 
_ndb_struct_na_base_pair.pair_name 
_ndb_struct_na_base_pair.i_auth_asym_id 
_ndb_struct_na_base_pair.i_auth_seq_id 
_ndb_struct_na_base_pair.i_PDB_ins_code 
_ndb_struct_na_base_pair.j_auth_asym_id 
_ndb_struct_na_base_pair.j_auth_seq_id 
_ndb_struct_na_base_pair.j_PDB_ins_code 
_ndb_struct_na_base_pair.hbond_type_28 
_ndb_struct_na_base_pair.hbond_type_12 
1 A G 1 1_555 A C   18 1_555 -0.113 -0.124 -0.215 -7.003 -1.663  -0.883 1 A_G1:C18_A   A 1 ? A 18 ? 19 1 
1 A G 2 1_555 A CBV 17 1_555 -0.509 -0.148 0.003  -3.967 -13.168 1.906  2 A_G2:CBV17_A A 2 ? A 17 ? 19 1 
1 A U 3 1_555 A A   16 1_555 0.023  -0.116 0.078  -0.694 -12.534 4.014  3 A_U3:A16_A   A 3 ? A 16 ? 20 1 
1 A G 4 1_555 A C   15 1_555 -0.257 -0.081 -0.381 -7.284 -9.983  0.042  4 A_G4:C15_A   A 4 ? A 15 ? 19 1 
1 A G 5 1_555 A C   14 1_555 -0.090 -0.090 -0.338 -9.708 -11.189 -2.513 5 A_G5:C14_A   A 5 ? A 14 ? 19 1 
1 A G 6 1_555 A C   13 1_555 -0.297 -0.123 -0.096 -7.446 -6.900  -0.384 6 A_G6:C13_A   A 6 ? A 13 ? 19 1 
1 A G 7 1_555 A C   12 1_555 -0.181 -0.151 -0.159 -1.554 -1.318  -3.644 7 A_G7:C12_A   A 7 ? A 12 ? 19 1 
# 
loop_
_ndb_struct_na_base_pair_step.model_number 
_ndb_struct_na_base_pair_step.i_label_asym_id_1 
_ndb_struct_na_base_pair_step.i_label_comp_id_1 
_ndb_struct_na_base_pair_step.i_label_seq_id_1 
_ndb_struct_na_base_pair_step.i_symmetry_1 
_ndb_struct_na_base_pair_step.j_label_asym_id_1 
_ndb_struct_na_base_pair_step.j_label_comp_id_1 
_ndb_struct_na_base_pair_step.j_label_seq_id_1 
_ndb_struct_na_base_pair_step.j_symmetry_1 
_ndb_struct_na_base_pair_step.i_label_asym_id_2 
_ndb_struct_na_base_pair_step.i_label_comp_id_2 
_ndb_struct_na_base_pair_step.i_label_seq_id_2 
_ndb_struct_na_base_pair_step.i_symmetry_2 
_ndb_struct_na_base_pair_step.j_label_asym_id_2 
_ndb_struct_na_base_pair_step.j_label_comp_id_2 
_ndb_struct_na_base_pair_step.j_label_seq_id_2 
_ndb_struct_na_base_pair_step.j_symmetry_2 
_ndb_struct_na_base_pair_step.shift 
_ndb_struct_na_base_pair_step.slide 
_ndb_struct_na_base_pair_step.rise 
_ndb_struct_na_base_pair_step.tilt 
_ndb_struct_na_base_pair_step.roll 
_ndb_struct_na_base_pair_step.twist 
_ndb_struct_na_base_pair_step.x_displacement 
_ndb_struct_na_base_pair_step.y_displacement 
_ndb_struct_na_base_pair_step.helical_rise 
_ndb_struct_na_base_pair_step.inclination 
_ndb_struct_na_base_pair_step.tip 
_ndb_struct_na_base_pair_step.helical_twist 
_ndb_struct_na_base_pair_step.step_number 
_ndb_struct_na_base_pair_step.step_name 
_ndb_struct_na_base_pair_step.i_auth_asym_id_1 
_ndb_struct_na_base_pair_step.i_auth_seq_id_1 
_ndb_struct_na_base_pair_step.i_PDB_ins_code_1 
_ndb_struct_na_base_pair_step.j_auth_asym_id_1 
_ndb_struct_na_base_pair_step.j_auth_seq_id_1 
_ndb_struct_na_base_pair_step.j_PDB_ins_code_1 
_ndb_struct_na_base_pair_step.i_auth_asym_id_2 
_ndb_struct_na_base_pair_step.i_auth_seq_id_2 
_ndb_struct_na_base_pair_step.i_PDB_ins_code_2 
_ndb_struct_na_base_pair_step.j_auth_asym_id_2 
_ndb_struct_na_base_pair_step.j_auth_seq_id_2 
_ndb_struct_na_base_pair_step.j_PDB_ins_code_2 
1 A G 1 1_555 A C   18 1_555 A G 2 1_555 A CBV 17 1_555 0.418  -1.932 3.211 0.834  2.502  28.314 -4.483 -0.668 3.043 5.100  -1.700 
28.434 1 AA_G1G2:CBV17C18_AA A 1 ? A 18 ? A 2 ? A 17 ? 
1 A G 2 1_555 A CBV 17 1_555 A U 3 1_555 A A   16 1_555 0.208  -1.608 3.208 -0.646 3.731  33.536 -3.347 -0.458 3.013 6.440  1.116  
33.743 2 AA_G2U3:A16CBV17_AA A 2 ? A 17 ? A 3 ? A 16 ? 
1 A U 3 1_555 A A   16 1_555 A G 4 1_555 A C   15 1_555 -0.421 -1.538 3.400 2.887  12.277 31.088 -4.591 1.183  2.577 21.815 -5.129 
33.490 3 AA_U3G4:C15A16_AA   A 3 ? A 16 ? A 4 ? A 15 ? 
1 A G 4 1_555 A C   15 1_555 A G 5 1_555 A C   14 1_555 0.399  -1.873 3.368 0.856  10.402 28.100 -5.632 -0.608 2.539 20.548 -1.692 
29.939 4 AA_G4G5:C14C15_AA   A 4 ? A 15 ? A 5 ? A 14 ? 
1 A G 5 1_555 A C   14 1_555 A G 6 1_555 A C   13 1_555 0.611  -1.933 3.254 1.315  4.537  28.940 -4.754 -0.937 2.947 9.003  -2.610 
29.315 5 AA_G5G6:C13C14_AA   A 5 ? A 14 ? A 6 ? A 13 ? 
1 A G 6 1_555 A C   13 1_555 A G 7 1_555 A C   12 1_555 -0.073 -2.226 3.222 1.401  1.439  29.143 -4.717 0.440  3.104 2.856  -2.780 
29.211 6 AA_G6G7:C12C13_AA   A 6 ? A 13 ? A 7 ? A 12 ? 
# 
_pdbx_audit_support.funding_organization   'Cancer Research UK' 
_pdbx_audit_support.country                'United Kingdom' 
_pdbx_audit_support.grant_number           ? 
_pdbx_audit_support.ordinal                1 
# 
_pdbx_initial_refinement_model.id               1 
_pdbx_initial_refinement_model.entity_id_list   ? 
_pdbx_initial_refinement_model.type             'experimental model' 
_pdbx_initial_refinement_model.source_name      PDB 
_pdbx_initial_refinement_model.accession_code   5NEO 
_pdbx_initial_refinement_model.details          ? 
# 
_atom_sites.entry_id                    5NEQ 
_atom_sites.fract_transf_matrix[1][1]   0.01420941 
_atom_sites.fract_transf_matrix[1][2]   -0.01200624 
_atom_sites.fract_transf_matrix[1][3]   0.00934836 
_atom_sites.fract_transf_matrix[2][1]   -0.00245420 
_atom_sites.fract_transf_matrix[2][2]   -0.02067060 
_atom_sites.fract_transf_matrix[2][3]   0.00036609 
_atom_sites.fract_transf_matrix[3][1]   0.00386167 
_atom_sites.fract_transf_matrix[3][2]   -0.00057554 
_atom_sites.fract_transf_matrix[3][3]   -0.00660887 
_atom_sites.fract_transf_vector[1]      -0.104434 
_atom_sites.fract_transf_vector[2]      0.417452 
_atom_sites.fract_transf_vector[3]      0.091359 
# 
loop_
_atom_type.symbol 
BR 
C  
H  
N  
NA 
O  
P  
S  
# 
loop_
_atom_site.group_PDB 
_atom_site.id 
_atom_site.type_symbol 
_atom_site.label_atom_id 
_atom_site.label_alt_id 
_atom_site.label_comp_id 
_atom_site.label_asym_id 
_atom_site.label_entity_id 
_atom_site.label_seq_id 
_atom_site.pdbx_PDB_ins_code 
_atom_site.Cartn_x 
_atom_site.Cartn_y 
_atom_site.Cartn_z 
_atom_site.occupancy 
_atom_site.B_iso_or_equiv 
_atom_site.pdbx_formal_charge 
_atom_site.auth_seq_id 
_atom_site.auth_comp_id 
_atom_site.auth_asym_id 
_atom_site.auth_atom_id 
_atom_site.pdbx_PDB_model_num 
ATOM   1   O  "O5'"  . G   A 1 1  ? 1.058   -8.112  10.148  1.00 48.82  ? 1   G   A "O5'"  1 
ATOM   2   C  "C5'"  . G   A 1 1  ? 1.049   -9.517  10.294  1.00 38.65  ? 1   G   A "C5'"  1 
ATOM   3   C  "C4'"  . G   A 1 1  ? -0.288  -10.093 9.952   1.00 31.05  ? 1   G   A "C4'"  1 
ATOM   4   O  "O4'"  . G   A 1 1  ? -1.277  -9.665  10.934  1.00 37.35  ? 1   G   A "O4'"  1 
ATOM   5   C  "C3'"  . G   A 1 1  ? -0.890  -9.674  8.618   1.00 33.92  ? 1   G   A "C3'"  1 
ATOM   6   O  "O3'"  . G   A 1 1  ? -0.359  -10.397 7.520   1.00 38.03  ? 1   G   A "O3'"  1 
ATOM   7   C  "C2'"  . G   A 1 1  ? -2.373  -9.915  8.860   1.00 34.88  ? 1   G   A "C2'"  1 
ATOM   8   O  "O2'"  . G   A 1 1  ? -2.658  -11.302 8.868   1.00 38.81  ? 1   G   A "O2'"  1 
ATOM   9   C  "C1'"  . G   A 1 1  ? -2.507  -9.404  10.279  1.00 31.20  ? 1   G   A "C1'"  1 
ATOM   10  N  N9     . G   A 1 1  ? -2.756  -7.964  10.282  1.00 29.67  ? 1   G   A N9     1 
ATOM   11  C  C8     . G   A 1 1  ? -1.882  -6.979  10.663  1.00 39.05  ? 1   G   A C8     1 
ATOM   12  N  N7     . G   A 1 1  ? -2.390  -5.783  10.554  1.00 31.67  ? 1   G   A N7     1 
ATOM   13  C  C5     . G   A 1 1  ? -3.661  -5.995  10.078  1.00 32.88  ? 1   G   A C5     1 
ATOM   14  C  C6     . G   A 1 1  ? -4.685  -5.078  9.756   1.00 39.21  ? 1   G   A C6     1 
ATOM   15  O  O6     . G   A 1 1  ? -4.673  -3.861  9.824   1.00 33.24  ? 1   G   A O6     1 
ATOM   16  N  N1     . G   A 1 1  ? -5.831  -5.692  9.315   1.00 34.62  ? 1   G   A N1     1 
ATOM   17  C  C2     . G   A 1 1  ? -5.985  -7.028  9.202   1.00 30.77  ? 1   G   A C2     1 
ATOM   18  N  N2     . G   A 1 1  ? -7.177  -7.417  8.774   1.00 35.42  ? 1   G   A N2     1 
ATOM   19  N  N3     . G   A 1 1  ? -5.041  -7.927  9.471   1.00 32.67  ? 1   G   A N3     1 
ATOM   20  C  C4     . G   A 1 1  ? -3.921  -7.337  9.935   1.00 36.95  ? 1   G   A C4     1 
ATOM   21  H  "H5'"  . G   A 1 1  ? 1.266   -9.742  11.212  1.00 46.38  ? 1   G   A "H5'"  1 
ATOM   22  H  "H5''" . G   A 1 1  ? 1.719   -9.900  9.707   1.00 46.38  ? 1   G   A "H5''" 1 
ATOM   23  H  "H4'"  . G   A 1 1  ? -0.226  -11.061 9.975   1.00 37.26  ? 1   G   A "H4'"  1 
ATOM   24  H  "H3'"  . G   A 1 1  ? -0.737  -8.726  8.482   1.00 40.70  ? 1   G   A "H3'"  1 
ATOM   25  H  "H2'"  . G   A 1 1  ? -2.932  -9.422  8.240   1.00 41.86  ? 1   G   A "H2'"  1 
ATOM   26  H  "HO2'" . G   A 1 1  ? -3.487  -11.409 8.943   1.00 46.57  ? 1   G   A "HO2'" 1 
ATOM   27  H  "H1'"  . G   A 1 1  ? -3.230  -9.867  10.732  1.00 37.45  ? 1   G   A "H1'"  1 
ATOM   28  H  H8     . G   A 1 1  ? -1.013  -7.144  10.950  1.00 46.86  ? 1   G   A H8     1 
ATOM   29  H  H1     . G   A 1 1  ? -6.502  -5.192  9.116   1.00 41.54  ? 1   G   A H1     1 
ATOM   30  H  H21    . G   A 1 1  ? -7.784  -6.832  8.602   1.00 42.51  ? 1   G   A H21    1 
ATOM   31  H  H22    . G   A 1 1  ? -7.344  -8.254  8.668   1.00 42.51  ? 1   G   A H22    1 
ATOM   32  H  "HO5'" . G   A 1 1  ? 1.729   -7.728  9.822   1.00 58.58  ? 1   G   A "HO5'" 1 
ATOM   33  P  P      . G   A 1 2  ? -0.287  -9.735  6.060   1.00 44.12  ? 2   G   A P      1 
ATOM   34  O  OP1    . G   A 1 2  ? 0.433   -10.745 5.240   1.00 57.98  ? 2   G   A OP1    1 
ATOM   35  O  OP2    . G   A 1 2  ? 0.177   -8.319  6.101   1.00 38.41  ? 2   G   A OP2    1 
ATOM   36  O  "O5'"  . G   A 1 2  ? -1.800  -9.633  5.593   1.00 39.72  ? 2   G   A "O5'"  1 
ATOM   37  C  "C5'"  . G   A 1 2  ? -2.593  -10.794 5.493   1.00 33.06  ? 2   G   A "C5'"  1 
ATOM   38  C  "C4'"  . G   A 1 2  ? -4.032  -10.443 5.250   1.00 34.09  ? 2   G   A "C4'"  1 
ATOM   39  O  "O4'"  . G   A 1 2  ? -4.556  -9.655  6.353   1.00 36.44  ? 2   G   A "O4'"  1 
ATOM   40  C  "C3'"  . G   A 1 2  ? -4.323  -9.585  4.028   1.00 32.20  ? 2   G   A "C3'"  1 
ATOM   41  O  "O3'"  . G   A 1 2  ? -4.333  -10.331 2.830   1.00 33.90  ? 2   G   A "O3'"  1 
ATOM   42  C  "C2'"  . G   A 1 2  ? -5.681  -8.993  4.381   1.00 32.50  ? 2   G   A "C2'"  1 
ATOM   43  O  "O2'"  . G   A 1 2  ? -6.690  -9.970  4.265   1.00 37.53  ? 2   G   A "O2'"  1 
ATOM   44  C  "C1'"  . G   A 1 2  ? -5.490  -8.717  5.866   1.00 32.53  ? 2   G   A "C1'"  1 
ATOM   45  N  N9     . G   A 1 2  ? -4.947  -7.370  6.074   1.00 33.43  ? 2   G   A N9     1 
ATOM   46  C  C8     . G   A 1 2  ? -3.679  -6.996  6.378   1.00 49.30  ? 2   G   A C8     1 
ATOM   47  N  N7     . G   A 1 2  ? -3.573  -5.697  6.458   1.00 35.99  ? 2   G   A N7     1 
ATOM   48  C  C5     . G   A 1 2  ? -4.842  -5.201  6.179   1.00 35.88  ? 2   G   A C5     1 
ATOM   49  C  C6     . G   A 1 2  ? -5.312  -3.870  6.131   1.00 36.99  ? 2   G   A C6     1 
ATOM   50  O  O6     . G   A 1 2  ? -4.648  -2.834  6.337   1.00 35.98  ? 2   G   A O6     1 
ATOM   51  N  N1     . G   A 1 2  ? -6.653  -3.816  5.789   1.00 30.13  ? 2   G   A N1     1 
ATOM   52  C  C2     . G   A 1 2  ? -7.443  -4.895  5.552   1.00 42.91  ? 2   G   A C2     1 
ATOM   53  N  N2     . G   A 1 2  ? -8.708  -4.621  5.258   1.00 55.28  ? 2   G   A N2     1 
ATOM   54  N  N3     . G   A 1 2  ? -7.017  -6.155  5.608   1.00 41.65  ? 2   G   A N3     1 
ATOM   55  C  C4     . G   A 1 2  ? -5.706  -6.219  5.920   1.00 40.30  ? 2   G   A C4     1 
ATOM   56  H  "H5'"  . G   A 1 2  ? -2.523  -11.300 6.318   1.00 39.68  ? 2   G   A "H5'"  1 
ATOM   57  H  "H5''" . G   A 1 2  ? -2.269  -11.338 4.758   1.00 39.68  ? 2   G   A "H5''" 1 
ATOM   58  H  "H4'"  . G   A 1 2  ? -4.545  -11.264 5.184   1.00 40.91  ? 2   G   A "H4'"  1 
ATOM   59  H  "H3'"  . G   A 1 2  ? -3.665  -8.875  3.965   1.00 38.63  ? 2   G   A "H3'"  1 
ATOM   60  H  "H2'"  . G   A 1 2  ? -5.877  -8.187  3.879   1.00 39.00  ? 2   G   A "H2'"  1 
ATOM   61  H  "HO2'" . G   A 1 2  ? -7.436  -9.611  4.406   1.00 45.04  ? 2   G   A "HO2'" 1 
ATOM   62  H  "H1'"  . G   A 1 2  ? -6.333  -8.814  6.334   1.00 39.04  ? 2   G   A "H1'"  1 
ATOM   63  H  H8     . G   A 1 2  ? -2.979  -7.590  6.531   1.00 59.16  ? 2   G   A H8     1 
ATOM   64  H  H1     . G   A 1 2  ? -7.018  -3.039  5.741   1.00 36.15  ? 2   G   A H1     1 
ATOM   65  H  H21    . G   A 1 2  ? -8.973  -3.804  5.224   1.00 66.33  ? 2   G   A H21    1 
ATOM   66  H  H22    . G   A 1 2  ? -9.261  -5.261  5.101   1.00 66.33  ? 2   G   A H22    1 
ATOM   67  P  P      . U   A 1 3  ? -3.970  -9.651  1.434   1.00 39.30  ? 3   U   A P      1 
ATOM   68  O  OP1    . U   A 1 3  ? -4.001  -10.796 0.491   1.00 36.49  ? 3   U   A OP1    1 
ATOM   69  O  OP2    . U   A 1 3  ? -2.817  -8.728  1.523   1.00 36.79  ? 3   U   A OP2    1 
ATOM   70  O  "O5'"  . U   A 1 3  ? -5.207  -8.710  1.162   1.00 34.86  ? 3   U   A "O5'"  1 
ATOM   71  C  "C5'"  . U   A 1 3  ? -6.498  -9.256  0.972   1.00 31.17  ? 3   U   A "C5'"  1 
ATOM   72  C  "C4'"  . U   A 1 3  ? -7.507  -8.144  0.881   1.00 32.07  ? 3   U   A "C4'"  1 
ATOM   73  O  "O4'"  . U   A 1 3  ? -7.466  -7.328  2.086   1.00 36.91  ? 3   U   A "O4'"  1 
ATOM   74  C  "C3'"  . U   A 1 3  ? -7.265  -7.145  -0.231  1.00 29.58  ? 3   U   A "C3'"  1 
ATOM   75  O  "O3'"  . U   A 1 3  ? -7.644  -7.626  -1.514  1.00 36.42  ? 3   U   A "O3'"  1 
ATOM   76  C  "C2'"  . U   A 1 3  ? -8.054  -5.940  0.242   1.00 33.76  ? 3   U   A "C2'"  1 
ATOM   77  O  "O2'"  . U   A 1 3  ? -9.451  -6.139  0.055   1.00 31.37  ? 3   U   A "O2'"  1 
ATOM   78  C  "C1'"  . U   A 1 3  ? -7.746  -5.978  1.743   1.00 36.23  ? 3   U   A "C1'"  1 
ATOM   79  N  N1     . U   A 1 3  ? -6.573  -5.161  2.120   1.00 31.64  ? 3   U   A N1     1 
ATOM   80  C  C2     . U   A 1 3  ? -6.778  -3.823  2.285   1.00 31.62  ? 3   U   A C2     1 
ATOM   81  O  O2     . U   A 1 3  ? -7.856  -3.319  2.039   1.00 33.59  ? 3   U   A O2     1 
ATOM   82  N  N3     . U   A 1 3  ? -5.680  -3.106  2.659   1.00 26.89  ? 3   U   A N3     1 
ATOM   83  C  C4     . U   A 1 3  ? -4.429  -3.586  2.949   1.00 38.10  ? 3   U   A C4     1 
ATOM   84  O  O4     . U   A 1 3  ? -3.539  -2.788  3.270   1.00 30.56  ? 3   U   A O4     1 
ATOM   85  C  C5     . U   A 1 3  ? -4.299  -4.996  2.790   1.00 47.68  ? 3   U   A C5     1 
ATOM   86  C  C6     . U   A 1 3  ? -5.358  -5.709  2.394   1.00 32.77  ? 3   U   A C6     1 
ATOM   87  H  "H5'"  . U   A 1 3  ? -6.718  -9.832  1.722   1.00 37.40  ? 3   U   A "H5'"  1 
ATOM   88  H  "H5''" . U   A 1 3  ? -6.513  -9.775  0.153   1.00 37.40  ? 3   U   A "H5''" 1 
ATOM   89  H  "H4'"  . U   A 1 3  ? -8.393  -8.524  0.782   1.00 38.49  ? 3   U   A "H4'"  1 
ATOM   90  H  "H3'"  . U   A 1 3  ? -6.323  -6.916  -0.248  1.00 35.49  ? 3   U   A "H3'"  1 
ATOM   91  H  "H2'"  . U   A 1 3  ? -7.743  -5.119  -0.170  1.00 40.52  ? 3   U   A "H2'"  1 
ATOM   92  H  "HO2'" . U   A 1 3  ? -9.623  -6.119  -0.766  1.00 37.64  ? 3   U   A "HO2'" 1 
ATOM   93  H  "H1'"  . U   A 1 3  ? -8.522  -5.675  2.240   1.00 43.47  ? 3   U   A "H1'"  1 
ATOM   94  H  H3     . U   A 1 3  ? -5.791  -2.257  2.742   1.00 32.27  ? 3   U   A H3     1 
ATOM   95  H  H5     . U   A 1 3  ? -3.483  -5.415  2.946   1.00 57.22  ? 3   U   A H5     1 
ATOM   96  H  H6     . U   A 1 3  ? -5.261  -6.630  2.307   1.00 39.33  ? 3   U   A H6     1 
ATOM   97  P  P      . G   A 1 4  ? -6.861  -7.083  -2.797  1.00 41.63  ? 4   G   A P      1 
ATOM   98  O  OP1    . G   A 1 4  ? -7.440  -7.903  -3.883  1.00 38.92  ? 4   G   A OP1    1 
ATOM   99  O  OP2    . G   A 1 4  ? -5.397  -7.022  -2.594  1.00 40.54  ? 4   G   A OP2    1 
ATOM   100 O  "O5'"  . G   A 1 4  ? -7.329  -5.560  -2.886  1.00 32.00  ? 4   G   A "O5'"  1 
ATOM   101 C  "C5'"  . G   A 1 4  ? -8.651  -5.280  -3.336  1.00 36.87  ? 4   G   A "C5'"  1 
ATOM   102 C  "C4'"  . G   A 1 4  ? -8.923  -3.808  -3.477  1.00 37.18  ? 4   G   A "C4'"  1 
ATOM   103 O  "O4'"  . G   A 1 4  ? -8.926  -3.166  -2.166  1.00 34.71  ? 4   G   A "O4'"  1 
ATOM   104 C  "C3'"  . G   A 1 4  ? -7.915  -3.007  -4.275  1.00 31.14  ? 4   G   A "C3'"  1 
ATOM   105 O  "O3'"  . G   A 1 4  ? -8.128  -3.064  -5.671  1.00 39.08  ? 4   G   A "O3'"  1 
ATOM   106 C  "C2'"  . G   A 1 4  ? -8.153  -1.616  -3.761  1.00 38.46  ? 4   G   A "C2'"  1 
ATOM   107 O  "O2'"  . G   A 1 4  ? -9.363  -1.116  -4.286  1.00 39.78  ? 4   G   A "O2'"  1 
ATOM   108 C  "C1'"  . G   A 1 4  ? -8.355  -1.884  -2.278  1.00 46.03  ? 4   G   A "C1'"  1 
ATOM   109 N  N9     . G   A 1 4  ? -7.062  -1.860  -1.575  1.00 29.88  ? 4   G   A N9     1 
ATOM   110 C  C8     . G   A 1 4  ? -6.201  -2.878  -1.255  1.00 30.89  ? 4   G   A C8     1 
ATOM   111 N  N7     . G   A 1 4  ? -5.117  -2.452  -0.604  1.00 29.53  ? 4   G   A N7     1 
ATOM   112 C  C5     . G   A 1 4  ? -5.267  -1.086  -0.497  1.00 29.29  ? 4   G   A C5     1 
ATOM   113 C  C6     . G   A 1 4  ? -4.439  -0.091  0.099   1.00 37.28  ? 4   G   A C6     1 
ATOM   114 O  O6     . G   A 1 4  ? -3.343  -0.216  0.672   1.00 32.88  ? 4   G   A O6     1 
ATOM   115 N  N1     . G   A 1 4  ? -4.990  1.176   -0.025  1.00 29.53  ? 4   G   A N1     1 
ATOM   116 C  C2     . G   A 1 4  ? -6.169  1.479   -0.620  1.00 47.73  ? 4   G   A C2     1 
ATOM   117 N  N2     . G   A 1 4  ? -6.534  2.782   -0.640  1.00 38.61  ? 4   G   A N2     1 
ATOM   118 N  N3     . G   A 1 4  ? -6.945  0.552   -1.150  1.00 31.38  ? 4   G   A N3     1 
ATOM   119 C  C4     . G   A 1 4  ? -6.456  -0.701  -1.073  1.00 33.19  ? 4   G   A C4     1 
ATOM   120 H  "H5'"  . G   A 1 4  ? -9.282  -5.655  -2.701  1.00 44.24  ? 4   G   A "H5'"  1 
ATOM   121 H  "H5''" . G   A 1 4  ? -8.784  -5.706  -4.197  1.00 44.24  ? 4   G   A "H5''" 1 
ATOM   122 H  "H4'"  . G   A 1 4  ? -9.798  -3.693  -3.880  1.00 44.62  ? 4   G   A "H4'"  1 
ATOM   123 H  "H3'"  . G   A 1 4  ? -7.013  -3.294  -4.059  1.00 37.37  ? 4   G   A "H3'"  1 
ATOM   124 H  "H2'"  . G   A 1 4  ? -7.402  -1.026  -3.930  1.00 46.15  ? 4   G   A "H2'"  1 
ATOM   125 H  "HO2'" . G   A 1 4  ? -9.511  -1.481  -5.028  1.00 47.74  ? 4   G   A "HO2'" 1 
ATOM   126 H  "H1'"  . G   A 1 4  ? -8.952  -1.221  -1.899  1.00 55.24  ? 4   G   A "H1'"  1 
ATOM   127 H  H8     . G   A 1 4  ? -6.359  -3.770  -1.462  1.00 37.06  ? 4   G   A H8     1 
ATOM   128 H  H1     . G   A 1 4  ? -4.544  1.829   0.311   1.00 35.44  ? 4   G   A H1     1 
ATOM   129 H  H21    . G   A 1 4  ? -6.019  3.378   -0.291  1.00 46.33  ? 4   G   A H21    1 
ATOM   130 H  H22    . G   A 1 4  ? -7.278  3.015   -1.001  1.00 46.33  ? 4   G   A H22    1 
ATOM   131 P  P      . G   A 1 5  ? -6.874  -2.891  -6.642  1.00 42.68  ? 5   G   A P      1 
ATOM   132 O  OP1    . G   A 1 5  ? -7.395  -3.235  -8.012  1.00 38.94  ? 5   G   A OP1    1 
ATOM   133 O  OP2    . G   A 1 5  ? -5.706  -3.617  -6.068  1.00 33.53  ? 5   G   A OP2    1 
ATOM   134 O  "O5'"  . G   A 1 5  ? -6.347  -1.394  -6.459  1.00 42.96  ? 5   G   A "O5'"  1 
ATOM   135 C  "C5'"  . G   A 1 5  ? -7.100  -0.291  -6.902  1.00 40.58  ? 5   G   A "C5'"  1 
ATOM   136 C  "C4'"  . G   A 1 5  ? -6.543  1.034   -6.434  1.00 40.46  ? 5   G   A "C4'"  1 
ATOM   137 O  "O4'"  . G   A 1 5  ? -6.480  1.081   -4.988  1.00 33.92  ? 5   G   A "O4'"  1 
ATOM   138 C  "C3'"  . G   A 1 5  ? -5.140  1.459   -6.850  1.00 33.36  ? 5   G   A "C3'"  1 
ATOM   139 O  "O3'"  . G   A 1 5  ? -5.042  1.841   -8.209  1.00 32.31  ? 5   G   A "O3'"  1 
ATOM   140 C  "C2'"  . G   A 1 5  ? -4.910  2.614   -5.884  1.00 32.20  ? 5   G   A "C2'"  1 
ATOM   141 O  "O2'"  . G   A 1 5  ? -5.678  3.736   -6.281  1.00 31.20  ? 5   G   A "O2'"  1 
ATOM   142 C  "C1'"  . G   A 1 5  ? -5.516  2.035   -4.594  1.00 28.87  ? 5   G   A "C1'"  1 
ATOM   143 N  N9     . G   A 1 5  ? -4.470  1.360   -3.796  1.00 32.29  ? 5   G   A N9     1 
ATOM   144 C  C8     . G   A 1 5  ? -4.162  0.037   -3.687  1.00 36.85  ? 5   G   A C8     1 
ATOM   145 N  N7     . G   A 1 5  ? -3.097  -0.201  -2.936  1.00 30.74  ? 5   G   A N7     1 
ATOM   146 C  C5     . G   A 1 5  ? -2.674  1.062   -2.548  1.00 29.13  ? 5   G   A C5     1 
ATOM   147 C  C6     . G   A 1 5  ? -1.579  1.482   -1.749  1.00 34.74  ? 5   G   A C6     1 
ATOM   148 O  O6     . G   A 1 5  ? -0.729  0.808   -1.186  1.00 37.34  ? 5   G   A O6     1 
ATOM   149 N  N1     . G   A 1 5  ? -1.514  2.844   -1.610  1.00 32.03  ? 5   G   A N1     1 
ATOM   150 C  C2     . G   A 1 5  ? -2.380  3.724   -2.170  1.00 33.36  ? 5   G   A C2     1 
ATOM   151 N  N2     . G   A 1 5  ? -2.095  5.005   -1.936  1.00 31.24  ? 5   G   A N2     1 
ATOM   152 N  N3     . G   A 1 5  ? -3.410  3.357   -2.917  1.00 30.38  ? 5   G   A N3     1 
ATOM   153 C  C4     . G   A 1 5  ? -3.498  2.023   -3.069  1.00 33.21  ? 5   G   A C4     1 
ATOM   154 H  "H5'"  . G   A 1 5  ? -8.007  -0.382  -6.571  1.00 48.69  ? 5   G   A "H5'"  1 
ATOM   155 H  "H5''" . G   A 1 5  ? -7.119  -0.297  -7.871  1.00 48.69  ? 5   G   A "H5''" 1 
ATOM   156 H  "H4'"  . G   A 1 5  ? -7.157  1.727   -6.726  1.00 48.55  ? 5   G   A "H4'"  1 
ATOM   157 H  "H3'"  . G   A 1 5  ? -4.511  0.744   -6.662  1.00 40.04  ? 5   G   A "H3'"  1 
ATOM   158 H  "H2'"  . G   A 1 5  ? -3.968  2.826   -5.783  1.00 38.64  ? 5   G   A "H2'"  1 
ATOM   159 H  "HO2'" . G   A 1 5  ? -6.479  3.611   -6.059  1.00 37.44  ? 5   G   A "HO2'" 1 
ATOM   160 H  "H1'"  . G   A 1 5  ? -5.934  2.740   -4.074  1.00 34.65  ? 5   G   A "H1'"  1 
ATOM   161 H  H8     . G   A 1 5  ? -4.664  -0.637  -4.085  1.00 44.22  ? 5   G   A H8     1 
ATOM   162 H  H1     . G   A 1 5  ? -0.872  3.165   -1.134  1.00 38.44  ? 5   G   A H1     1 
ATOM   163 H  H21    . G   A 1 5  ? -1.419  5.212   -1.448  1.00 37.48  ? 5   G   A H21    1 
ATOM   164 H  H22    . G   A 1 5  ? -2.587  5.624   -2.275  1.00 37.48  ? 5   G   A H22    1 
ATOM   165 P  P      . G   A 1 6  ? -3.646  1.706   -9.000  1.00 32.88  ? 6   G   A P      1 
ATOM   166 O  OP1    . G   A 1 6  ? -3.912  2.070   -10.412 1.00 35.22  ? 6   G   A OP1    1 
ATOM   167 O  OP2    . G   A 1 6  ? -3.151  0.367   -8.700  1.00 35.02  ? 6   G   A OP2    1 
ATOM   168 O  "O5'"  . G   A 1 6  ? -2.668  2.738   -8.347  1.00 30.49  ? 6   G   A "O5'"  1 
ATOM   169 C  "C5'"  . G   A 1 6  ? -2.812  4.114   -8.609  1.00 29.93  ? 6   G   A "C5'"  1 
ATOM   170 C  "C4'"  . G   A 1 6  ? -1.919  4.987   -7.778  1.00 28.68  ? 6   G   A "C4'"  1 
ATOM   171 O  "O4'"  . G   A 1 6  ? -2.121  4.743   -6.362  1.00 31.23  ? 6   G   A "O4'"  1 
ATOM   172 C  "C3'"  . G   A 1 6  ? -0.414  4.838   -7.945  1.00 32.91  ? 6   G   A "C3'"  1 
ATOM   173 O  "O3'"  . G   A 1 6  ? 0.080   5.383   -9.150  1.00 36.26  ? 6   G   A "O3'"  1 
ATOM   174 C  "C2'"  . G   A 1 6  ? 0.076   5.557   -6.707  1.00 28.84  ? 6   G   A "C2'"  1 
ATOM   175 O  "O2'"  . G   A 1 6  ? -0.094  6.952   -6.872  1.00 32.16  ? 6   G   A "O2'"  1 
ATOM   176 C  "C1'"  . G   A 1 6  ? -0.910  5.019   -5.665  1.00 27.60  ? 6   G   A "C1'"  1 
ATOM   177 N  N9     . G   A 1 6  ? -0.385  3.761   -5.101  1.00 27.39  ? 6   G   A N9     1 
ATOM   178 C  C8     . G   A 1 6  ? -0.647  2.447   -5.393  1.00 32.62  ? 6   G   A C8     1 
ATOM   179 N  N7     . G   A 1 6  ? 0.076   1.588   -4.714  1.00 29.71  ? 6   G   A N7     1 
ATOM   180 C  C5     . G   A 1 6  ? 0.907   2.387   -3.965  1.00 32.16  ? 6   G   A C5     1 
ATOM   181 C  C6     . G   A 1 6  ? 1.964   2.050   -3.082  1.00 32.86  ? 6   G   A C6     1 
ATOM   182 O  O6     . G   A 1 6  ? 2.364   0.933   -2.708  1.00 35.60  ? 6   G   A O6     1 
ATOM   183 N  N1     . G   A 1 6  ? 2.569   3.179   -2.576  1.00 32.03  ? 6   G   A N1     1 
ATOM   184 C  C2     . G   A 1 6  ? 2.216   4.448   -2.864  1.00 34.54  ? 6   G   A C2     1 
ATOM   185 N  N2     . G   A 1 6  ? 2.930   5.390   -2.266  1.00 29.53  ? 6   G   A N2     1 
ATOM   186 N  N3     . G   A 1 6  ? 1.267   4.780   -3.696  1.00 29.19  ? 6   G   A N3     1 
ATOM   187 C  C4     . G   A 1 6  ? 0.651   3.701   -4.196  1.00 25.62  ? 6   G   A C4     1 
ATOM   188 H  "H5'"  . G   A 1 6  ? -3.733  4.365   -8.440  1.00 35.91  ? 6   G   A "H5'"  1 
ATOM   189 H  "H5''" . G   A 1 6  ? -2.614  4.272   -9.545  1.00 35.91  ? 6   G   A "H5''" 1 
ATOM   190 H  "H4'"  . G   A 1 6  ? -2.150  5.911   -7.961  1.00 34.42  ? 6   G   A "H4'"  1 
ATOM   191 H  "H3'"  . G   A 1 6  ? -0.174  3.899   -7.891  1.00 39.50  ? 6   G   A "H3'"  1 
ATOM   192 H  "H2'"  . G   A 1 6  ? 0.993   5.322   -6.492  1.00 34.60  ? 6   G   A "H2'"  1 
ATOM   193 H  "HO2'" . G   A 1 6  ? -0.236  7.116   -7.683  1.00 38.59  ? 6   G   A "HO2'" 1 
ATOM   194 H  "H1'"  . G   A 1 6  ? -1.060  5.674   -4.964  1.00 33.12  ? 6   G   A "H1'"  1 
ATOM   195 H  H8     . G   A 1 6  ? -1.336  2.186   -5.961  1.00 39.14  ? 6   G   A H8     1 
ATOM   196 H  H1     . G   A 1 6  ? 3.195   3.066   -1.998  1.00 38.44  ? 6   G   A H1     1 
ATOM   197 H  H21    . G   A 1 6  ? 3.555   5.172   -1.718  1.00 35.43  ? 6   G   A H21    1 
ATOM   198 H  H22    . G   A 1 6  ? 2.768   6.219   -2.427  1.00 35.43  ? 6   G   A H22    1 
ATOM   199 P  P      . G   A 1 7  ? 1.484   4.852   -9.756  1.00 36.68  ? 7   G   A P      1 
ATOM   200 O  OP1    . G   A 1 7  ? 1.518   5.553   -11.046 1.00 35.38  ? 7   G   A OP1    1 
ATOM   201 O  OP2    . G   A 1 7  ? 1.582   3.389   -9.613  1.00 31.79  ? 7   G   A OP2    1 
ATOM   202 O  "O5'"  . G   A 1 7  ? 2.566   5.428   -8.759  1.00 35.36  ? 7   G   A "O5'"  1 
ATOM   203 C  "C5'"  . G   A 1 7  ? 2.737   6.824   -8.648  1.00 37.54  ? 7   G   A "C5'"  1 
ATOM   204 C  "C4'"  . G   A 1 7  ? 3.815   7.160   -7.653  1.00 39.04  ? 7   G   A "C4'"  1 
ATOM   205 O  "O4'"  . G   A 1 7  ? 3.446   6.649   -6.351  1.00 34.72  ? 7   G   A "O4'"  1 
ATOM   206 C  "C3'"  . G   A 1 7  ? 5.189   6.559   -7.891  1.00 35.36  ? 7   G   A "C3'"  1 
ATOM   207 O  "O3'"  . G   A 1 7  ? 5.903   7.217   -8.919  1.00 32.36  ? 7   G   A "O3'"  1 
ATOM   208 C  "C2'"  . G   A 1 7  ? 5.807   6.664   -6.499  1.00 35.66  ? 7   G   A "C2'"  1 
ATOM   209 O  "O2'"  . G   A 1 7  ? 6.180   7.991   -6.189  1.00 38.76  ? 7   G   A "O2'"  1 
ATOM   210 C  "C1'"  . G   A 1 7  ? 4.603   6.298   -5.627  1.00 39.26  ? 7   G   A "C1'"  1 
ATOM   211 N  N9     . G   A 1 7  ? 4.587   4.851   -5.383  1.00 33.82  ? 7   G   A N9     1 
ATOM   212 C  C8     . G   A 1 7  ? 3.875   3.873   -6.029  1.00 31.93  ? 7   G   A C8     1 
ATOM   213 N  N7     . G   A 1 7  ? 4.151   2.678   -5.609  1.00 53.90  ? 7   G   A N7     1 
ATOM   214 C  C5     . G   A 1 7  ? 5.111   2.887   -4.639  1.00 38.75  ? 7   G   A C5     1 
ATOM   215 C  C6     . G   A 1 7  ? 5.811   1.952   -3.853  1.00 36.93  ? 7   G   A C6     1 
ATOM   216 O  O6     . G   A 1 7  ? 5.685   0.728   -3.876  1.00 33.99  ? 7   G   A O6     1 
ATOM   217 N  N1     . G   A 1 7  ? 6.721   2.566   -3.002  1.00 35.20  ? 7   G   A N1     1 
ATOM   218 C  C2     . G   A 1 7  ? 6.935   3.909   -2.931  1.00 37.83  ? 7   G   A C2     1 
ATOM   219 N  N2     . G   A 1 7  ? 7.880   4.270   -2.058  1.00 38.90  ? 7   G   A N2     1 
ATOM   220 N  N3     . G   A 1 7  ? 6.290   4.815   -3.666  1.00 32.79  ? 7   G   A N3     1 
ATOM   221 C  C4     . G   A 1 7  ? 5.409   4.214   -4.492  1.00 37.41  ? 7   G   A C4     1 
ATOM   222 H  "H5'"  . G   A 1 7  ? 1.902   7.225   -8.361  1.00 45.05  ? 7   G   A "H5'"  1 
ATOM   223 H  "H5''" . G   A 1 7  ? 2.981   7.184   -9.515  1.00 45.05  ? 7   G   A "H5''" 1 
ATOM   224 H  "H4'"  . G   A 1 7  ? 3.899   8.125   -7.598  1.00 46.85  ? 7   G   A "H4'"  1 
ATOM   225 H  "H3'"  . G   A 1 7  ? 5.090   5.622   -8.123  1.00 42.43  ? 7   G   A "H3'"  1 
ATOM   226 H  "H2'"  . G   A 1 7  ? 6.541   6.040   -6.379  1.00 42.80  ? 7   G   A "H2'"  1 
ATOM   227 H  "HO2'" . G   A 1 7  ? 6.236   8.433   -6.901  1.00 46.51  ? 7   G   A "HO2'" 1 
ATOM   228 H  "H1'"  . G   A 1 7  ? 4.635   6.781   -4.786  1.00 47.11  ? 7   G   A "H1'"  1 
ATOM   229 H  H8     . G   A 1 7  ? 3.240   4.051   -6.684  1.00 38.31  ? 7   G   A H8     1 
ATOM   230 H  H1     . G   A 1 7  ? 7.183   2.061   -2.482  1.00 42.24  ? 7   G   A H1     1 
ATOM   231 H  H21    . G   A 1 7  ? 8.285   3.671   -1.591  1.00 46.68  ? 7   G   A H21    1 
ATOM   232 H  H22    . G   A 1 7  ? 8.082   5.100   -1.962  1.00 46.68  ? 7   G   A H22    1 
ATOM   233 P  P      . A   A 1 8  ? 7.165   6.502   -9.561  1.00 37.71  ? 8   A   A P      1 
ATOM   234 O  OP1    . A   A 1 8  ? 8.155   6.111   -8.520  1.00 35.34  ? 8   A   A OP1    1 
ATOM   235 O  OP2    . A   A 1 8  ? 7.498   7.318   -10.756 1.00 34.71  ? 8   A   A OP2    1 
ATOM   236 O  "O5'"  . A   A 1 8  ? 6.601   5.122   -10.120 1.00 33.93  ? 8   A   A "O5'"  1 
ATOM   237 C  "C5'"  . A   A 1 8  ? 5.686   5.086   -11.197 1.00 43.03  ? 8   A   A "C5'"  1 
ATOM   238 C  "C4'"  . A   A 1 8  ? 6.149   4.105   -12.241 1.00 45.36  ? 8   A   A "C4'"  1 
ATOM   239 O  "O4'"  . A   A 1 8  ? 7.325   4.626   -12.917 1.00 42.58  ? 8   A   A "O4'"  1 
ATOM   240 C  "C3'"  . A   A 1 8  ? 6.591   2.746   -11.718 1.00 46.52  ? 8   A   A "C3'"  1 
ATOM   241 O  "O3'"  . A   A 1 8  ? 5.502   1.862   -11.535 1.00 46.05  ? 8   A   A "O3'"  1 
ATOM   242 C  "C2'"  . A   A 1 8  ? 7.552   2.277   -12.795 1.00 46.50  ? 8   A   A "C2'"  1 
ATOM   243 O  "O2'"  . A   A 1 8  ? 6.838   1.798   -13.917 1.00 51.40  ? 8   A   A "O2'"  1 
ATOM   244 C  "C1'"  . A   A 1 8  ? 8.233   3.588   -13.185 1.00 42.20  ? 8   A   A "C1'"  1 
ATOM   245 N  N9     . A   A 1 8  ? 9.423   3.832   -12.367 1.00 40.05  ? 8   A   A N9     1 
ATOM   246 C  C8     . A   A 1 8  ? 9.696   4.942   -11.622 1.00 40.92  ? 8   A   A C8     1 
ATOM   247 N  N7     . A   A 1 8  ? 10.824  4.862   -10.956 1.00 37.07  ? 8   A   A N7     1 
ATOM   248 C  C5     . A   A 1 8  ? 11.311  3.608   -11.276 1.00 33.69  ? 8   A   A C5     1 
ATOM   249 C  C6     . A   A 1 8  ? 12.486  2.923   -10.929 1.00 43.00  ? 8   A   A C6     1 
ATOM   250 N  N6     . A   A 1 8  ? 13.391  3.410   -10.093 1.00 45.91  ? 8   A   A N6     1 
ATOM   251 N  N1     . A   A 1 8  ? 12.686  1.691   -11.432 1.00 52.78  ? 8   A   A N1     1 
ATOM   252 C  C2     . A   A 1 8  ? 11.754  1.208   -12.263 1.00 40.28  ? 8   A   A C2     1 
ATOM   253 N  N3     . A   A 1 8  ? 10.608  1.759   -12.675 1.00 40.07  ? 8   A   A N3     1 
ATOM   254 C  C4     . A   A 1 8  ? 10.455  2.968   -12.155 1.00 39.52  ? 8   A   A C4     1 
ATOM   255 H  "H5'"  . A   A 1 8  ? 5.621   5.969   -11.593 1.00 51.63  ? 8   A   A "H5'"  1 
ATOM   256 H  "H5''" . A   A 1 8  ? 4.814   4.816   -10.869 1.00 51.63  ? 8   A   A "H5''" 1 
ATOM   257 H  "H4'"  . A   A 1 8  ? 5.441   3.979   -12.892 1.00 54.43  ? 8   A   A "H4'"  1 
ATOM   258 H  "H3'"  . A   A 1 8  ? 7.067   2.857   -10.881 1.00 55.82  ? 8   A   A "H3'"  1 
ATOM   259 H  "H2'"  . A   A 1 8  ? 8.188   1.626   -12.458 1.00 55.80  ? 8   A   A "H2'"  1 
ATOM   260 H  "HO2'" . A   A 1 8  ? 6.459   1.077   -13.711 1.00 61.68  ? 8   A   A "HO2'" 1 
ATOM   261 H  "H1'"  . A   A 1 8  ? 8.467   3.580   -14.127 1.00 50.63  ? 8   A   A "H1'"  1 
ATOM   262 H  H8     . A   A 1 8  ? 9.130   5.680   -11.580 1.00 49.10  ? 8   A   A H8     1 
ATOM   263 H  H61    . A   A 1 8  ? 14.082  2.941   -9.886  1.00 55.09  ? 8   A   A H61    1 
ATOM   264 H  H62    . A   A 1 8  ? 13.288  4.194   -9.757  1.00 55.09  ? 8   A   A H62    1 
ATOM   265 H  H2     . A   A 1 8  ? 11.921  0.353   -12.588 1.00 48.33  ? 8   A   A H2     1 
ATOM   266 P  P      . C   A 1 9  ? 5.409   0.951   -10.218 1.00 44.78  ? 9   C   A P      1 
ATOM   267 O  OP1    . C   A 1 9  ? 4.282   0.007   -10.419 1.00 88.12  ? 9   C   A OP1    1 
ATOM   268 O  OP2    . C   A 1 9  ? 5.486   1.842   -9.026  1.00 35.88  ? 9   C   A OP2    1 
ATOM   269 O  "O5'"  . C   A 1 9  ? 6.779   0.135   -10.196 1.00 40.69  ? 9   C   A "O5'"  1 
ATOM   270 C  "C5'"  . C   A 1 9  ? 7.007   -0.936  -11.079 1.00 38.27  ? 9   C   A "C5'"  1 
ATOM   271 C  "C4'"  . C   A 1 9  ? 8.165   -1.783  -10.624 1.00 43.44  ? 9   C   A "C4'"  1 
ATOM   272 O  "O4'"  . C   A 1 9  ? 9.422   -1.071  -10.820 1.00 39.37  ? 9   C   A "O4'"  1 
ATOM   273 C  "C3'"  . C   A 1 9  ? 8.159   -2.140  -9.149  1.00 39.72  ? 9   C   A "C3'"  1 
ATOM   274 O  "O3'"  . C   A 1 9  ? 7.365   -3.280  -8.872  1.00 43.36  ? 9   C   A "O3'"  1 
ATOM   275 C  "C2'"  . C   A 1 9  ? 9.621   -2.369  -8.846  1.00 49.51  ? 9   C   A "C2'"  1 
ATOM   276 O  "O2'"  . C   A 1 9  ? 10.011  -3.642  -9.299  1.00 50.02  ? 9   C   A "O2'"  1 
ATOM   277 C  "C1'"  . C   A 1 9  ? 10.292  -1.327  -9.738  1.00 52.12  ? 9   C   A "C1'"  1 
ATOM   278 N  N1     . C   A 1 9  ? 10.577  -0.060  -9.030  1.00 36.87  ? 9   C   A N1     1 
ATOM   279 C  C2     . C   A 1 9  ? 11.638  -0.051  -8.137  1.00 42.99  ? 9   C   A C2     1 
ATOM   280 O  O2     . C   A 1 9  ? 12.255  -1.098  -7.976  1.00 45.61  ? 9   C   A O2     1 
ATOM   281 N  N3     . C   A 1 9  ? 11.964  1.067   -7.450  1.00 32.46  ? 9   C   A N3     1 
ATOM   282 C  C4     . C   A 1 9  ? 11.296  2.170   -7.683  1.00 33.19  ? 9   C   A C4     1 
ATOM   283 N  N4     . C   A 1 9  ? 11.689  3.247   -7.002  1.00 41.41  ? 9   C   A N4     1 
ATOM   284 C  C5     . C   A 1 9  ? 10.186  2.211   -8.573  1.00 40.12  ? 9   C   A C5     1 
ATOM   285 C  C6     . C   A 1 9  ? 9.875   1.084   -9.248  1.00 44.54  ? 9   C   A C6     1 
ATOM   286 H  "H5'"  . C   A 1 9  ? 7.198   -0.584  -11.962 1.00 45.93  ? 9   C   A "H5'"  1 
ATOM   287 H  "H5''" . C   A 1 9  ? 6.209   -1.487  -11.122 1.00 45.93  ? 9   C   A "H5''" 1 
ATOM   288 H  "H4'"  . C   A 1 9  ? 8.182   -2.601  -11.145 1.00 52.13  ? 9   C   A "H4'"  1 
ATOM   289 H  "H3'"  . C   A 1 9  ? 7.835   -1.386  -8.633  1.00 47.66  ? 9   C   A "H3'"  1 
ATOM   290 H  "H2'"  . C   A 1 9  ? 9.827   -2.232  -7.907  1.00 59.41  ? 9   C   A "H2'"  1 
ATOM   291 H  "HO2'" . C   A 1 9  ? 9.650   -4.227  -8.817  1.00 60.02  ? 9   C   A "HO2'" 1 
ATOM   292 H  "H1'"  . C   A 1 9  ? 11.123  -1.693  -10.081 1.00 62.54  ? 9   C   A "H1'"  1 
ATOM   293 H  H41    . C   A 1 9  ? 11.286  3.998   -7.115  1.00 49.69  ? 9   C   A H41    1 
ATOM   294 H  H42    . C   A 1 9  ? 12.346  3.189   -6.450  1.00 49.69  ? 9   C   A H42    1 
ATOM   295 H  H5     . C   A 1 9  ? 9.721   3.003   -8.723  1.00 48.14  ? 9   C   A H5     1 
ATOM   296 H  H6     . C   A 1 9  ? 9.164   1.085   -9.848  1.00 53.45  ? 9   C   A H6     1 
ATOM   297 P  P      . G   A 1 10 ? 6.431   -3.286  -7.571  1.00 50.02  ? 10  G   A P      1 
ATOM   298 O  OP1    . G   A 1 10 ? 5.524   -4.414  -7.854  1.00 64.00  ? 10  G   A OP1    1 
ATOM   299 O  OP2    . G   A 1 10 ? 5.883   -1.977  -7.189  1.00 42.81  ? 10  G   A OP2    1 
ATOM   300 O  "O5'"  . G   A 1 10 ? 7.459   -3.655  -6.417  1.00 57.61  ? 10  G   A "O5'"  1 
ATOM   301 C  "C5'"  . G   A 1 10 ? 8.192   -4.860  -6.465  1.00 78.78  ? 10  G   A "C5'"  1 
ATOM   302 C  "C4'"  . G   A 1 10 ? 9.227   -4.908  -5.378  1.00 66.15  ? 10  G   A "C4'"  1 
ATOM   303 O  "O4'"  . G   A 1 10 ? 10.280  -3.965  -5.664  1.00 50.91  ? 10  G   A "O4'"  1 
ATOM   304 C  "C3'"  . G   A 1 10 ? 8.757   -4.515  -3.992  1.00 64.68  ? 10  G   A "C3'"  1 
ATOM   305 O  "O3'"  . G   A 1 10 ? 8.089   -5.564  -3.327  1.00 66.71  ? 10  G   A "O3'"  1 
ATOM   306 C  "C2'"  . G   A 1 10 ? 10.053  -4.101  -3.323  1.00 63.84  ? 10  G   A "C2'"  1 
ATOM   307 O  "O2'"  . G   A 1 10 ? 10.834  -5.230  -2.976  1.00 58.18  ? 10  G   A "O2'"  1 
ATOM   308 C  "C1'"  . G   A 1 10 ? 10.756  -3.396  -4.470  1.00 68.76  ? 10  G   A "C1'"  1 
ATOM   309 N  N9     . G   A 1 10 ? 10.466  -1.955  -4.493  1.00 61.04  ? 10  G   A N9     1 
ATOM   310 C  C8     . G   A 1 10 ? 9.592   -1.301  -5.312  1.00 54.96  ? 10  G   A C8     1 
ATOM   311 N  N7     . G   A 1 10 ? 9.570   -0.022  -5.100  1.00 37.66  ? 10  G   A N7     1 
ATOM   312 C  C5     . G   A 1 10 ? 10.467  0.178   -4.066  1.00 52.59  ? 10  G   A C5     1 
ATOM   313 C  C6     . G   A 1 10 ? 10.859  1.373   -3.404  1.00 35.33  ? 10  G   A C6     1 
ATOM   314 O  O6     . G   A 1 10 ? 10.492  2.529   -3.601  1.00 42.97  ? 10  G   A O6     1 
ATOM   315 N  N1     . G   A 1 10 ? 11.822  1.107   -2.425  1.00 40.25  ? 10  G   A N1     1 
ATOM   316 C  C2     . G   A 1 10 ? 12.305  -0.157  -2.132  1.00 42.52  ? 10  G   A C2     1 
ATOM   317 N  N2     . G   A 1 10 ? 13.211  -0.215  -1.163  1.00 42.90  ? 10  G   A N2     1 
ATOM   318 N  N3     . G   A 1 10 ? 11.942  -1.267  -2.743  1.00 46.51  ? 10  G   A N3     1 
ATOM   319 C  C4     . G   A 1 10 ? 11.031  -1.016  -3.688  1.00 63.91  ? 10  G   A C4     1 
ATOM   320 H  "H5'"  . G   A 1 10 ? 8.633   -4.928  -7.327  1.00 94.53  ? 10  G   A "H5'"  1 
ATOM   321 H  "H5''" . G   A 1 10 ? 7.584   -5.607  -6.359  1.00 94.53  ? 10  G   A "H5''" 1 
ATOM   322 H  "H4'"  . G   A 1 10 ? 9.604   -5.801  -5.341  1.00 79.38  ? 10  G   A "H4'"  1 
ATOM   323 H  "H3'"  . G   A 1 10 ? 8.168   -3.747  -4.058  1.00 77.62  ? 10  G   A "H3'"  1 
ATOM   324 H  "H2'"  . G   A 1 10 ? 9.902   -3.509  -2.571  1.00 76.61  ? 10  G   A "H2'"  1 
ATOM   325 H  "HO2'" . G   A 1 10 ? 11.332  -5.429  -3.623  1.00 69.82  ? 10  G   A "HO2'" 1 
ATOM   326 H  "H1'"  . G   A 1 10 ? 11.714  -3.536  -4.401  1.00 82.51  ? 10  G   A "H1'"  1 
ATOM   327 H  H8     . G   A 1 10 ? 9.078   -1.725  -5.962  1.00 65.95  ? 10  G   A H8     1 
ATOM   328 H  H1     . G   A 1 10 ? 12.119  1.769   -1.963  1.00 48.30  ? 10  G   A H1     1 
ATOM   329 H  H21    . G   A 1 10 ? 13.454  0.504   -0.757  1.00 51.48  ? 10  G   A H21    1 
ATOM   330 H  H22    . G   A 1 10 ? 13.553  -0.972  -0.938  1.00 51.48  ? 10  G   A H22    1 
ATOM   331 P  P      . A   A 1 11 ? 7.355   -5.297  -1.927  1.00 62.48  ? 11  A   A P      1 
ATOM   332 O  OP1    . A   A 1 11 ? 6.524   -6.506  -1.712  1.00 67.25  ? 11  A   A OP1    1 
ATOM   333 O  OP2    . A   A 1 11 ? 6.740   -3.966  -1.832  1.00 48.29  ? 11  A   A OP2    1 
ATOM   334 O  "O5'"  . A   A 1 11 ? 8.543   -5.279  -0.874  1.00 61.64  ? 11  A   A "O5'"  1 
ATOM   335 C  "C5'"  . A   A 1 11 ? 9.138   -6.488  -0.434  1.00 72.38  ? 11  A   A "C5'"  1 
ATOM   336 C  "C4'"  . A   A 1 11 ? 10.043  -6.267  0.753   1.00 65.20  ? 11  A   A "C4'"  1 
ATOM   337 O  "O4'"  . A   A 1 11 ? 11.309  -6.891  0.458   1.00 74.24  ? 11  A   A "O4'"  1 
ATOM   338 C  "C3'"  . A   A 1 11 ? 10.357  -4.815  1.086   1.00 62.05  ? 11  A   A "C3'"  1 
ATOM   339 O  "O3'"  . A   A 1 11 ? 10.588  -4.668  2.486   1.00 55.44  ? 11  A   A "O3'"  1 
ATOM   340 C  "C2'"  . A   A 1 11 ? 11.638  -4.558  0.301   1.00 89.44  ? 11  A   A "C2'"  1 
ATOM   341 O  "O2'"  . A   A 1 11 ? 12.465  -3.543  0.824   1.00 114.10 ? 11  A   A "O2'"  1 
ATOM   342 C  "C1'"  . A   A 1 11 ? 12.330  -5.914  0.360   1.00 84.82  ? 11  A   A "C1'"  1 
ATOM   343 N  N9     . A   A 1 11 ? 13.116  -6.204  -0.843  1.00 90.48  ? 11  A   A N9     1 
ATOM   344 C  C8     . A   A 1 11 ? 13.351  -5.379  -1.918  1.00 114.53 ? 11  A   A C8     1 
ATOM   345 N  N7     . A   A 1 11 ? 14.102  -5.919  -2.845  1.00 152.72 ? 11  A   A N7     1 
ATOM   346 C  C5     . A   A 1 11 ? 14.390  -7.182  -2.352  1.00 148.81 ? 11  A   A C5     1 
ATOM   347 C  C6     . A   A 1 11 ? 15.154  -8.246  -2.860  1.00 218.79 ? 11  A   A C6     1 
ATOM   348 N  N6     . A   A 1 11 ? 15.796  -8.227  -4.029  1.00 224.14 ? 11  A   A N6     1 
ATOM   349 N  N1     . A   A 1 11 ? 15.237  -9.356  -2.106  1.00 160.47 ? 11  A   A N1     1 
ATOM   350 C  C2     . A   A 1 11 ? 14.598  -9.388  -0.931  1.00 116.18 ? 11  A   A C2     1 
ATOM   351 N  N3     . A   A 1 11 ? 13.853  -8.456  -0.346  1.00 107.18 ? 11  A   A N3     1 
ATOM   352 C  C4     . A   A 1 11 ? 13.793  -7.365  -1.118  1.00 105.60 ? 11  A   A C4     1 
ATOM   353 H  "H5'"  . A   A 1 11 ? 9.658   -6.867  -1.160  1.00 86.86  ? 11  A   A "H5'"  1 
ATOM   354 H  "H5''" . A   A 1 11 ? 8.438   -7.112  -0.185  1.00 86.86  ? 11  A   A "H5''" 1 
ATOM   355 H  "H4'"  . A   A 1 11 ? 9.653   -6.693  1.532   1.00 78.24  ? 11  A   A "H4'"  1 
ATOM   356 H  "H3'"  . A   A 1 11 ? 9.644   -4.229  0.786   1.00 74.46  ? 11  A   A "H3'"  1 
ATOM   357 H  "H2'"  . A   A 1 11 ? 11.416  -4.350  -0.620  1.00 107.33 ? 11  A   A "H2'"  1 
ATOM   358 H  "HO2'" . A   A 1 11 ? 13.192  -3.882  1.073   1.00 136.92 ? 11  A   A "HO2'" 1 
ATOM   359 H  "H1'"  . A   A 1 11 ? 12.900  -5.957  1.145   1.00 101.78 ? 11  A   A "H1'"  1 
ATOM   360 H  H8     . A   A 1 11 ? 13.000  -4.521  -1.985  1.00 137.44 ? 11  A   A H8     1 
ATOM   361 H  H61    . A   A 1 11 ? 16.247  -8.914  -4.282  1.00 268.97 ? 11  A   A H61    1 
ATOM   362 H  H62    . A   A 1 11 ? 15.759  -7.528  -4.528  1.00 268.97 ? 11  A   A H62    1 
ATOM   363 H  H2     . A   A 1 11 ? 14.687  -10.180 -0.453  1.00 139.42 ? 11  A   A H2     1 
ATOM   364 P  P      . C   A 1 12 ? 9.612   -3.757  3.391   1.00 55.40  ? 12  C   A P      1 
ATOM   365 O  OP1    . C   A 1 12 ? 10.076  -3.986  4.777   1.00 65.72  ? 12  C   A OP1    1 
ATOM   366 O  OP2    . C   A 1 12 ? 8.172   -3.909  3.076   1.00 47.90  ? 12  C   A OP2    1 
ATOM   367 O  "O5'"  . C   A 1 12 ? 10.040  -2.279  3.002   1.00 53.66  ? 12  C   A "O5'"  1 
ATOM   368 C  "C5'"  . C   A 1 12 ? 11.236  -1.735  3.526   1.00 43.01  ? 12  C   A "C5'"  1 
ATOM   369 C  "C4'"  . C   A 1 12 ? 11.336  -0.277  3.199   1.00 52.13  ? 12  C   A "C4'"  1 
ATOM   370 O  "O4'"  . C   A 1 12 ? 11.650  -0.112  1.792   1.00 50.33  ? 12  C   A "O4'"  1 
ATOM   371 C  "C3'"  . C   A 1 12 ? 10.056  0.515   3.391   1.00 52.61  ? 12  C   A "C3'"  1 
ATOM   372 O  "O3'"  . C   A 1 12 ? 9.891   0.945   4.715   1.00 47.46  ? 12  C   A "O3'"  1 
ATOM   373 C  "C2'"  . C   A 1 12 ? 10.239  1.661   2.421   1.00 44.67  ? 12  C   A "C2'"  1 
ATOM   374 O  "O2'"  . C   A 1 12 ? 11.182  2.583   2.941   1.00 43.53  ? 12  C   A "O2'"  1 
ATOM   375 C  "C1'"  . C   A 1 12 ? 10.884  0.937   1.255   1.00 55.84  ? 12  C   A "C1'"  1 
ATOM   376 N  N1     . C   A 1 12 ? 9.884   0.348   0.342   1.00 46.20  ? 12  C   A N1     1 
ATOM   377 C  C2     . C   A 1 12 ? 9.190   1.202   -0.503  1.00 39.19  ? 12  C   A C2     1 
ATOM   378 O  O2     . C   A 1 12 ? 9.426   2.412   -0.411  1.00 40.58  ? 12  C   A O2     1 
ATOM   379 N  N3     . C   A 1 12 ? 8.289   0.684   -1.365  1.00 36.22  ? 12  C   A N3     1 
ATOM   380 C  C4     . C   A 1 12 ? 8.063   -0.619  -1.395  1.00 60.71  ? 12  C   A C4     1 
ATOM   381 N  N4     . C   A 1 12 ? 7.166   -1.075  -2.253  1.00 64.88  ? 12  C   A N4     1 
ATOM   382 C  C5     . C   A 1 12 ? 8.749   -1.513  -0.545  1.00 49.68  ? 12  C   A C5     1 
ATOM   383 C  C6     . C   A 1 12 ? 9.643   -0.993  0.299   1.00 43.62  ? 12  C   A C6     1 
ATOM   384 H  "H5'"  . C   A 1 12 ? 11.994  -2.202  3.141   1.00 51.62  ? 12  C   A "H5'"  1 
ATOM   385 H  "H5''" . C   A 1 12 ? 11.244  -1.849  4.488   1.00 51.62  ? 12  C   A "H5''" 1 
ATOM   386 H  "H4'"  . C   A 1 12 ? 12.041  0.123   3.733   1.00 62.56  ? 12  C   A "H4'"  1 
ATOM   387 H  "H3'"  . C   A 1 12 ? 9.295   -0.023  3.122   1.00 63.14  ? 12  C   A "H3'"  1 
ATOM   388 H  "H2'"  . C   A 1 12 ? 9.399   2.079   2.178   1.00 53.61  ? 12  C   A "H2'"  1 
ATOM   389 H  "HO2'" . C   A 1 12 ? 10.837  2.991   3.589   1.00 52.23  ? 12  C   A "HO2'" 1 
ATOM   390 H  "H1'"  . C   A 1 12 ? 11.459  1.546   0.765   1.00 67.01  ? 12  C   A "H1'"  1 
ATOM   391 H  H41    . C   A 1 12 ? 6.999   -1.919  -2.294  1.00 77.86  ? 12  C   A H41    1 
ATOM   392 H  H42    . C   A 1 12 ? 6.748   -0.529  -2.770  1.00 77.86  ? 12  C   A H42    1 
ATOM   393 H  H5     . C   A 1 12 ? 8.594   -2.430  -0.582  1.00 59.62  ? 12  C   A H5     1 
ATOM   394 H  H6     . C   A 1 12 ? 10.122  -1.560  0.861   1.00 52.35  ? 12  C   A H6     1 
ATOM   395 P  P      . C   A 1 13 ? 8.420   1.138   5.332   1.00 48.52  ? 13  C   A P      1 
ATOM   396 O  OP1    . C   A 1 13 ? 8.649   1.533   6.745   1.00 48.96  ? 13  C   A OP1    1 
ATOM   397 O  OP2    . C   A 1 13 ? 7.507   0.011   5.008   1.00 47.80  ? 13  C   A OP2    1 
ATOM   398 O  "O5'"  . C   A 1 13 ? 7.849   2.362   4.515   1.00 39.83  ? 13  C   A "O5'"  1 
ATOM   399 C  "C5'"  . C   A 1 13 ? 8.498   3.612   4.570   1.00 42.69  ? 13  C   A "C5'"  1 
ATOM   400 C  "C4'"  . C   A 1 13 ? 7.888   4.630   3.637   1.00 42.62  ? 13  C   A "C4'"  1 
ATOM   401 O  "O4'"  . C   A 1 13 ? 8.015   4.216   2.246   1.00 40.45  ? 13  C   A "O4'"  1 
ATOM   402 C  "C3'"  . C   A 1 13 ? 6.410   4.897   3.803   1.00 35.30  ? 13  C   A "C3'"  1 
ATOM   403 O  "O3'"  . C   A 1 13 ? 6.147   5.774   4.870   1.00 39.19  ? 13  C   A "O3'"  1 
ATOM   404 C  "C2'"  . C   A 1 13 ? 6.033   5.484   2.456   1.00 31.37  ? 13  C   A "C2'"  1 
ATOM   405 O  "O2'"  . C   A 1 13 ? 6.497   6.806   2.365   1.00 37.33  ? 13  C   A "O2'"  1 
ATOM   406 C  "C1'"  . C   A 1 13 ? 6.876   4.646   1.525   1.00 36.81  ? 13  C   A "C1'"  1 
ATOM   407 N  N1     . C   A 1 13 ? 6.154   3.467   1.016   1.00 32.59  ? 13  C   A N1     1 
ATOM   408 C  C2     . C   A 1 13 ? 5.249   3.645   -0.030  1.00 30.46  ? 13  C   A C2     1 
ATOM   409 O  O2     . C   A 1 13 ? 5.063   4.782   -0.479  1.00 31.76  ? 13  C   A O2     1 
ATOM   410 N  N3     . C   A 1 13 ? 4.619   2.569   -0.557  1.00 33.48  ? 13  C   A N3     1 
ATOM   411 C  C4     . C   A 1 13 ? 4.861   1.361   -0.058  1.00 33.57  ? 13  C   A C4     1 
ATOM   412 N  N4     . C   A 1 13 ? 4.229   0.319   -0.615  1.00 37.18  ? 13  C   A N4     1 
ATOM   413 C  C5     . C   A 1 13 ? 5.776   1.144   1.012   1.00 33.68  ? 13  C   A C5     1 
ATOM   414 C  C6     . C   A 1 13 ? 6.408   2.223   1.526   1.00 34.82  ? 13  C   A C6     1 
ATOM   415 H  "H5'"  . C   A 1 13 ? 9.431   3.490   4.333   1.00 51.22  ? 13  C   A "H5'"  1 
ATOM   416 H  "H5''" . C   A 1 13 ? 8.448   3.951   5.477   1.00 51.22  ? 13  C   A "H5''" 1 
ATOM   417 H  "H4'"  . C   A 1 13 ? 8.362   5.468   3.750   1.00 51.14  ? 13  C   A "H4'"  1 
ATOM   418 H  "H3'"  . C   A 1 13 ? 5.938   4.060   3.941   1.00 42.36  ? 13  C   A "H3'"  1 
ATOM   419 H  "H2'"  . C   A 1 13 ? 5.085   5.405   2.268   1.00 37.64  ? 13  C   A "H2'"  1 
ATOM   420 H  "HO2'" . C   A 1 13 ? 6.042   7.292   2.877   1.00 44.79  ? 13  C   A "HO2'" 1 
ATOM   421 H  "H1'"  . C   A 1 13 ? 7.161   5.192   0.775   1.00 44.17  ? 13  C   A "H1'"  1 
ATOM   422 H  H41    . C   A 1 13 ? 4.363   -0.476  -0.315  1.00 44.62  ? 13  C   A H41    1 
ATOM   423 H  H42    . C   A 1 13 ? 3.689   0.446   -1.272  1.00 44.62  ? 13  C   A H42    1 
ATOM   424 H  H5     . C   A 1 13 ? 5.936   0.289   1.342   1.00 40.42  ? 13  C   A H5     1 
ATOM   425 H  H6     . C   A 1 13 ? 7.022   2.118   2.216   1.00 41.79  ? 13  C   A H6     1 
ATOM   426 P  P      . C   A 1 14 ? 4.739   5.691   5.623   1.00 39.70  ? 14  C   A P      1 
ATOM   427 O  OP1    . C   A 1 14 ? 4.967   6.545   6.820   1.00 39.65  ? 14  C   A OP1    1 
ATOM   428 O  OP2    . C   A 1 14 ? 4.238   4.292   5.801   1.00 41.41  ? 14  C   A OP2    1 
ATOM   429 O  "O5'"  . C   A 1 14 ? 3.744   6.351   4.601   1.00 32.81  ? 14  C   A "O5'"  1 
ATOM   430 C  "C5'"  . C   A 1 14 ? 3.940   7.699   4.173   1.00 33.17  ? 14  C   A "C5'"  1 
ATOM   431 C  "C4'"  . C   A 1 14 ? 2.966   8.108   3.094   1.00 39.18  ? 14  C   A "C4'"  1 
ATOM   432 O  "O4'"  . C   A 1 14 ? 3.194   7.363   1.867   1.00 37.58  ? 14  C   A "O4'"  1 
ATOM   433 C  "C3'"  . C   A 1 14 ? 1.496   7.862   3.399   1.00 37.90  ? 14  C   A "C3'"  1 
ATOM   434 O  "O3'"  . C   A 1 14 ? 0.939   8.865   4.226   1.00 37.01  ? 14  C   A "O3'"  1 
ATOM   435 C  "C2'"  . C   A 1 14 ? 0.888   7.856   2.011   1.00 44.82  ? 14  C   A "C2'"  1 
ATOM   436 O  "O2'"  . C   A 1 14 ? 0.841   9.177   1.518   1.00 39.47  ? 14  C   A "O2'"  1 
ATOM   437 C  "C1'"  . C   A 1 14 ? 1.959   7.131   1.220   1.00 37.66  ? 14  C   A "C1'"  1 
ATOM   438 N  N1     . C   A 1 14 ? 1.747   5.675   1.143   1.00 28.51  ? 14  C   A N1     1 
ATOM   439 C  C2     . C   A 1 14 ? 0.876   5.205   0.164   1.00 28.49  ? 14  C   A C2     1 
ATOM   440 O  O2     . C   A 1 14 ? 0.257   6.010   -0.558  1.00 33.16  ? 14  C   A O2     1 
ATOM   441 N  N3     . C   A 1 14 ? 0.717   3.896   0.025   1.00 32.62  ? 14  C   A N3     1 
ATOM   442 C  C4     . C   A 1 14 ? 1.368   3.071   0.826   1.00 31.13  ? 14  C   A C4     1 
ATOM   443 N  N4     . C   A 1 14 ? 1.156   1.783   0.612   1.00 33.75  ? 14  C   A N4     1 
ATOM   444 C  C5     . C   A 1 14 ? 2.256   3.514   1.856   1.00 31.00  ? 14  C   A C5     1 
ATOM   445 C  C6     . C   A 1 14 ? 2.432   4.830   1.957   1.00 29.53  ? 14  C   A C6     1 
ATOM   446 H  "H5'"  . C   A 1 14 ? 4.844   7.791   3.831   1.00 39.80  ? 14  C   A "H5'"  1 
ATOM   447 H  "H5''" . C   A 1 14 ? 3.831   8.290   4.935   1.00 39.80  ? 14  C   A "H5''" 1 
ATOM   448 H  "H4'"  . C   A 1 14 ? 3.090   9.053   2.911   1.00 47.02  ? 14  C   A "H4'"  1 
ATOM   449 H  "H3'"  . C   A 1 14 ? 1.386   6.991   3.812   1.00 45.48  ? 14  C   A "H3'"  1 
ATOM   450 H  "H2'"  . C   A 1 14 ? 0.029   7.408   1.979   1.00 53.79  ? 14  C   A "H2'"  1 
ATOM   451 H  "HO2'" . C   A 1 14 ? 0.254   9.606   1.939   1.00 47.36  ? 14  C   A "HO2'" 1 
ATOM   452 H  "H1'"  . C   A 1 14 ? 1.994   7.496   0.322   1.00 45.20  ? 14  C   A "H1'"  1 
ATOM   453 H  H41    . C   A 1 14 ? 1.550   1.196   1.100   1.00 40.50  ? 14  C   A H41    1 
ATOM   454 H  H42    . C   A 1 14 ? 0.623   1.534   -0.015  1.00 40.50  ? 14  C   A H42    1 
ATOM   455 H  H5     . C   A 1 14 ? 2.730   2.914   2.387   1.00 37.20  ? 14  C   A H5     1 
ATOM   456 H  H6     . C   A 1 14 ? 3.017   5.171   2.594   1.00 35.44  ? 14  C   A H6     1 
ATOM   457 P  P      . C   A 1 15 ? -0.203  8.497   5.297   1.00 37.70  ? 15  C   A P      1 
ATOM   458 O  OP1    . C   A 1 15 ? -0.398  9.765   6.038   1.00 38.88  ? 15  C   A OP1    1 
ATOM   459 O  OP2    . C   A 1 15 ? 0.156   7.260   6.025   1.00 36.96  ? 15  C   A OP2    1 
ATOM   460 O  "O5'"  . C   A 1 15 ? -1.478  8.246   4.386   1.00 36.74  ? 15  C   A "O5'"  1 
ATOM   461 C  "C5'"  . C   A 1 15 ? -2.025  9.294   3.600   1.00 31.83  ? 15  C   A "C5'"  1 
ATOM   462 C  "C4'"  . C   A 1 15 ? -3.159  8.789   2.756   1.00 34.01  ? 15  C   A "C4'"  1 
ATOM   463 O  "O4'"  . C   A 1 15 ? -2.664  7.943   1.696   1.00 34.62  ? 15  C   A "O4'"  1 
ATOM   464 C  "C3'"  . C   A 1 15 ? -4.178  7.901   3.457   1.00 27.72  ? 15  C   A "C3'"  1 
ATOM   465 O  "O3'"  . C   A 1 15 ? -5.106  8.623   4.251   1.00 32.46  ? 15  C   A "O3'"  1 
ATOM   466 C  "C2'"  . C   A 1 15 ? -4.838  7.228   2.292   1.00 28.49  ? 15  C   A "C2'"  1 
ATOM   467 O  "O2'"  . C   A 1 15 ? -5.671  8.148   1.652   1.00 32.36  ? 15  C   A "O2'"  1 
ATOM   468 C  "C1'"  . C   A 1 15 ? -3.641  6.976   1.386   1.00 29.31  ? 15  C   A "C1'"  1 
ATOM   469 N  N1     . C   A 1 15 ? -3.119  5.630   1.605   1.00 33.31  ? 15  C   A N1     1 
ATOM   470 C  C2     . C   A 1 15 ? -3.736  4.594   0.895   1.00 26.08  ? 15  C   A C2     1 
ATOM   471 O  O2     . C   A 1 15 ? -4.710  4.824   0.119   1.00 29.84  ? 15  C   A O2     1 
ATOM   472 N  N3     . C   A 1 15 ? -3.283  3.343   1.062   1.00 30.42  ? 15  C   A N3     1 
ATOM   473 C  C4     . C   A 1 15 ? -2.260  3.145   1.874   1.00 30.82  ? 15  C   A C4     1 
ATOM   474 N  N4     . C   A 1 15 ? -1.848  1.893   2.030   1.00 32.94  ? 15  C   A N4     1 
ATOM   475 C  C5     . C   A 1 15 ? -1.640  4.177   2.629   1.00 35.71  ? 15  C   A C5     1 
ATOM   476 C  C6     . C   A 1 15 ? -2.097  5.410   2.457   1.00 34.18  ? 15  C   A C6     1 
ATOM   477 H  "H5'"  . C   A 1 15 ? -1.333  9.654   3.022   1.00 38.20  ? 15  C   A "H5'"  1 
ATOM   478 H  "H5''" . C   A 1 15 ? -2.349  9.995   4.184   1.00 38.20  ? 15  C   A "H5''" 1 
ATOM   479 H  "H4'"  . C   A 1 15 ? -3.620  9.548   2.365   1.00 40.81  ? 15  C   A "H4'"  1 
ATOM   480 H  "H3'"  . C   A 1 15 ? -3.720  7.242   4.003   1.00 33.26  ? 15  C   A "H3'"  1 
ATOM   481 H  "H2'"  . C   A 1 15 ? -5.297  6.410   2.542   1.00 34.19  ? 15  C   A "H2'"  1 
ATOM   482 H  "HO2'" . C   A 1 15 ? -6.339  8.299   2.139   1.00 38.83  ? 15  C   A "HO2'" 1 
ATOM   483 H  "H1'"  . C   A 1 15 ? -3.910  7.073   0.458   1.00 35.17  ? 15  C   A "H1'"  1 
ATOM   484 H  H41    . C   A 1 15 ? -1.185  1.720   2.550   1.00 39.52  ? 15  C   A H41    1 
ATOM   485 H  H42    . C   A 1 15 ? -2.244  1.254   1.613   1.00 39.52  ? 15  C   A H42    1 
ATOM   486 H  H5     . C   A 1 15 ? -0.924  4.000   3.195   1.00 42.85  ? 15  C   A H5     1 
ATOM   487 H  H6     . C   A 1 15 ? -1.703  6.122   2.907   1.00 41.02  ? 15  C   A H6     1 
ATOM   488 P  P      . A   A 1 16 ? -5.783  7.897   5.520   1.00 37.16  ? 16  A   A P      1 
ATOM   489 O  OP1    . A   A 1 16 ? -6.480  8.993   6.261   1.00 40.05  ? 16  A   A OP1    1 
ATOM   490 O  OP2    . A   A 1 16 ? -4.827  6.984   6.177   1.00 34.94  ? 16  A   A OP2    1 
ATOM   491 O  "O5'"  . A   A 1 16 ? -6.824  6.941   4.817   1.00 32.28  ? 16  A   A "O5'"  1 
ATOM   492 C  "C5'"  . A   A 1 16 ? -7.881  7.483   4.068   1.00 41.41  ? 16  A   A "C5'"  1 
ATOM   493 C  "C4'"  . A   A 1 16 ? -8.676  6.404   3.380   1.00 31.15  ? 16  A   A "C4'"  1 
ATOM   494 O  "O4'"  . A   A 1 16 ? -7.832  5.660   2.492   1.00 30.39  ? 16  A   A "O4'"  1 
ATOM   495 C  "C3'"  . A   A 1 16 ? -9.276  5.351   4.280   1.00 31.12  ? 16  A   A "C3'"  1 
ATOM   496 O  "O3'"  . A   A 1 16 ? -10.496 5.790   4.848   1.00 39.48  ? 16  A   A "O3'"  1 
ATOM   497 C  "C2'"  . A   A 1 16 ? -9.451  4.172   3.335   1.00 38.21  ? 16  A   A "C2'"  1 
ATOM   498 O  "O2'"  . A   A 1 16 ? -10.581 4.350   2.483   1.00 30.60  ? 16  A   A "O2'"  1 
ATOM   499 C  "C1'"  . A   A 1 16 ? -8.194  4.301   2.508   1.00 32.35  ? 16  A   A "C1'"  1 
ATOM   500 N  N9     . A   A 1 16 ? -7.071  3.538   3.043   1.00 33.76  ? 16  A   A N9     1 
ATOM   501 C  C8     . A   A 1 16 ? -5.954  3.988   3.705   1.00 37.14  ? 16  A   A C8     1 
ATOM   502 N  N7     . A   A 1 16 ? -5.098  3.042   3.987   1.00 30.97  ? 16  A   A N7     1 
ATOM   503 C  C5     . A   A 1 16 ? -5.708  1.894   3.493   1.00 33.17  ? 16  A   A C5     1 
ATOM   504 C  C6     . A   A 1 16 ? -5.309  0.552   3.447   1.00 33.23  ? 16  A   A C6     1 
ATOM   505 N  N6     . A   A 1 16 ? -4.161  0.099   3.963   1.00 32.13  ? 16  A   A N6     1 
ATOM   506 N  N1     . A   A 1 16 ? -6.142  -0.337  2.872   1.00 31.17  ? 16  A   A N1     1 
ATOM   507 C  C2     . A   A 1 16 ? -7.287  0.124   2.338   1.00 30.71  ? 16  A   A C2     1 
ATOM   508 N  N3     . A   A 1 16 ? -7.759  1.362   2.276   1.00 28.85  ? 16  A   A N3     1 
ATOM   509 C  C4     . A   A 1 16 ? -6.902  2.198   2.879   1.00 31.85  ? 16  A   A C4     1 
ATOM   510 H  "H5'"  . A   A 1 16 ? -7.519  8.086   3.399   1.00 49.69  ? 16  A   A "H5'"  1 
ATOM   511 H  "H5''" . A   A 1 16 ? -8.466  7.981   4.660   1.00 49.69  ? 16  A   A "H5''" 1 
ATOM   512 H  "H4'"  . A   A 1 16 ? -9.387  6.819   2.864   1.00 37.38  ? 16  A   A "H4'"  1 
ATOM   513 H  "H3'"  . A   A 1 16 ? -8.648  5.121   4.982   1.00 37.35  ? 16  A   A "H3'"  1 
ATOM   514 H  "H2'"  . A   A 1 16 ? -9.481  3.328   3.813   1.00 45.85  ? 16  A   A "H2'"  1 
ATOM   515 H  "HO2'" . A   A 1 16 ? -10.313 4.489   1.699   1.00 36.73  ? 16  A   A "HO2'" 1 
ATOM   516 H  "H1'"  . A   A 1 16 ? -8.377  4.009   1.601   1.00 38.82  ? 16  A   A "H1'"  1 
ATOM   517 H  H8     . A   A 1 16 ? -5.813  4.882   3.917   1.00 44.57  ? 16  A   A H8     1 
ATOM   518 H  H61    . A   A 1 16 ? -3.973  -0.738  3.923   1.00 38.56  ? 16  A   A H61    1 
ATOM   519 H  H62    . A   A 1 16 ? -3.613  0.647   4.334   1.00 38.56  ? 16  A   A H62    1 
ATOM   520 H  H2     . A   A 1 16 ? -7.820  -0.520  1.932   1.00 36.85  ? 16  A   A H2     1 
HETATM 521 O  O3P    . CBV A 1 17 ? -10.835 5.874   4.930   1.00 50.00  ? 17  CBV A O3P    1 
HETATM 522 P  P      . CBV A 1 17 ? -10.968 5.293   6.308   1.00 31.54  ? 17  CBV A P      1 
HETATM 523 O  O1P    . CBV A 1 17 ? -9.762  5.390   7.193   1.00 30.51  ? 17  CBV A O1P    1 
HETATM 524 O  O2P    . CBV A 1 17 ? -12.211 6.069   6.611   1.00 28.16  ? 17  CBV A O2P    1 
HETATM 525 O  "O5'"  . CBV A 1 17 ? -11.277 3.759   6.080   1.00 30.54  ? 17  CBV A "O5'"  1 
HETATM 526 C  "C5'"  . CBV A 1 17 ? -12.492 3.392   5.489   1.00 30.46  ? 17  CBV A "C5'"  1 
HETATM 527 C  "C4'"  . CBV A 1 17 ? -12.514 1.930   5.159   1.00 29.16  ? 17  CBV A "C4'"  1 
HETATM 528 O  "O4'"  . CBV A 1 17 ? -11.314 1.588   4.394   1.00 31.19  ? 17  CBV A "O4'"  1 
HETATM 529 C  "C3'"  . CBV A 1 17 ? -12.448 0.972   6.324   1.00 25.45  ? 17  CBV A "C3'"  1 
HETATM 530 O  "O3'"  . CBV A 1 17 ? -13.702 0.836   6.941   1.00 33.39  ? 17  CBV A "O3'"  1 
HETATM 531 C  "C2'"  . CBV A 1 17 ? -12.016 -0.302  5.629   1.00 29.72  ? 17  CBV A "C2'"  1 
HETATM 532 O  "O2'"  . CBV A 1 17 ? -13.077 -0.787  4.842   1.00 31.28  ? 17  CBV A "O2'"  1 
HETATM 533 C  "C1'"  . CBV A 1 17 ? -10.980 0.234   4.672   1.00 26.81  ? 17  CBV A "C1'"  1 
HETATM 534 N  N1     . CBV A 1 17 ? -9.650  0.215   5.269   1.00 27.24  ? 17  CBV A N1     1 
HETATM 535 C  C2     . CBV A 1 17 ? -8.947  -1.054  5.253   1.00 27.44  ? 17  CBV A C2     1 
HETATM 536 O  O2     . CBV A 1 17 ? -9.492  -2.001  4.823   1.00 33.32  ? 17  CBV A O2     1 
HETATM 537 N  N3     . CBV A 1 17 ? -7.618  -1.132  5.808   1.00 31.12  ? 17  CBV A N3     1 
HETATM 538 C  C4     . CBV A 1 17 ? -7.007  0.035   6.318   1.00 32.76  ? 17  CBV A C4     1 
HETATM 539 N  N4     . CBV A 1 17 ? -5.705  -0.028  6.879   1.00 33.31  ? 17  CBV A N4     1 
HETATM 540 C  C5     . CBV A 1 17 ? -7.753  1.295   6.326   1.00 31.31  ? 17  CBV A C5     1 
HETATM 541 C  C6     . CBV A 1 17 ? -9.113  1.383   5.831   1.00 29.44  ? 17  CBV A C6     1 
HETATM 542 BR BR     . CBV A 1 17 ? -6.982  2.828   7.082   1.00 60.84  ? 17  CBV A BR     1 
HETATM 543 H  "H5'1" . CBV A 1 17 ? -13.217 3.589   6.103   1.00 36.56  ? 17  CBV A "H5'1" 1 
HETATM 544 H  "H5'2" . CBV A 1 17 ? -12.617 3.904   4.675   1.00 36.56  ? 17  CBV A "H5'2" 1 
HETATM 545 H  "H4'"  . CBV A 1 17 ? -13.300 1.731   4.626   1.00 35.00  ? 17  CBV A "H4'"  1 
HETATM 546 H  "H3'"  . CBV A 1 17 ? -11.776 1.257   6.961   1.00 30.54  ? 17  CBV A "H3'"  1 
HETATM 547 H  "HO3'" . CBV A 1 17 ? -13.603 0.492   7.712   1.00 40.07  ? 17  CBV A "HO3'" 1 
HETATM 548 H  "H2'"  . CBV A 1 17 ? -11.655 -0.963  6.243   1.00 35.67  ? 17  CBV A "H2'"  1 
HETATM 549 H  "HO2'" . CBV A 1 17 ? -12.791 -0.968  4.062   1.00 37.53  ? 17  CBV A "HO2'" 1 
HETATM 550 H  "H1'"  . CBV A 1 17 ? -10.990 -0.283  3.852   1.00 32.17  ? 17  CBV A "H1'"  1 
HETATM 551 H  HN41   . CBV A 1 17 ? -5.275  -0.773  6.884   1.00 39.98  ? 17  CBV A HN41   1 
HETATM 552 H  HN42   . CBV A 1 17 ? -5.347  0.678   7.215   1.00 39.98  ? 17  CBV A HN42   1 
HETATM 553 H  H6     . CBV A 1 17 ? -9.569  2.193   5.800   1.00 35.33  ? 17  CBV A H6     1 
ATOM   554 P  P      . C   A 1 18 ? -13.824 0.325   8.448   1.00 31.71  ? 18  C   A P      1 
ATOM   555 O  OP1    . C   A 1 18 ? -15.267 0.531   8.712   1.00 32.65  ? 18  C   A OP1    1 
ATOM   556 O  OP2    . C   A 1 18 ? -12.836 0.940   9.309   1.00 31.93  ? 18  C   A OP2    1 
ATOM   557 O  "O5'"  . C   A 1 18 ? -13.409 -1.209  8.311   1.00 32.91  ? 18  C   A "O5'"  1 
ATOM   558 C  "C5'"  . C   A 1 18 ? -14.241 -2.115  7.595   1.00 35.97  ? 18  C   A "C5'"  1 
ATOM   559 C  "C4'"  . C   A 1 18 ? -13.703 -3.519  7.675   1.00 33.80  ? 18  C   A "C4'"  1 
ATOM   560 O  "O4'"  . C   A 1 18 ? -12.417 -3.554  7.018   1.00 34.70  ? 18  C   A "O4'"  1 
ATOM   561 C  "C3'"  . C   A 1 18 ? -13.390 -4.029  9.069   1.00 32.54  ? 18  C   A "C3'"  1 
ATOM   562 O  "O3'"  . C   A 1 18 ? -14.515 -4.514  9.742   1.00 35.01  ? 18  C   A "O3'"  1 
ATOM   563 C  "C2'"  . C   A 1 18 ? -12.345 -5.106  8.800   1.00 35.65  ? 18  C   A "C2'"  1 
ATOM   564 O  "O2'"  . C   A 1 18 ? -12.929 -6.293  8.291   1.00 34.61  ? 18  C   A "O2'"  1 
ATOM   565 C  "C1'"  . C   A 1 18 ? -11.571 -4.484  7.664   1.00 39.18  ? 18  C   A "C1'"  1 
ATOM   566 N  N1     . C   A 1 18 ? -10.370 -3.794  8.117   1.00 33.04  ? 18  C   A N1     1 
ATOM   567 C  C2     . C   A 1 18 ? -9.266  -4.598  8.280   1.00 28.00  ? 18  C   A C2     1 
ATOM   568 O  O2     . C   A 1 18 ? -9.417  -5.842  8.122   1.00 32.89  ? 18  C   A O2     1 
ATOM   569 N  N3     . C   A 1 18 ? -8.126  -4.004  8.663   1.00 28.67  ? 18  C   A N3     1 
ATOM   570 C  C4     . C   A 1 18 ? -8.068  -2.676  8.831   1.00 29.84  ? 18  C   A C4     1 
ATOM   571 N  N4     . C   A 1 18 ? -6.934  -2.113  9.205   1.00 32.47  ? 18  C   A N4     1 
ATOM   572 C  C5     . C   A 1 18 ? -9.213  -1.859  8.691   1.00 31.40  ? 18  C   A C5     1 
ATOM   573 C  C6     . C   A 1 18 ? -10.321 -2.448  8.302   1.00 30.67  ? 18  C   A C6     1 
ATOM   574 H  "H5'"  . C   A 1 18 ? -14.283 -1.843  6.665   1.00 43.17  ? 18  C   A "H5'"  1 
ATOM   575 H  "H5''" . C   A 1 18 ? -15.134 -2.095  7.972   1.00 43.17  ? 18  C   A "H5''" 1 
ATOM   576 H  "H4'"  . C   A 1 18 ? -14.312 -4.131  7.232   1.00 40.56  ? 18  C   A "H4'"  1 
ATOM   577 H  "H3'"  . C   A 1 18 ? -12.988 -3.315  9.588   1.00 39.05  ? 18  C   A "H3'"  1 
ATOM   578 H  "HO3'" . C   A 1 18 ? -14.753 -4.164  10.467  1.00 42.02  ? 18  C   A "HO3'" 1 
ATOM   579 H  "H2'"  . C   A 1 18 ? -11.782 -5.273  9.573   1.00 42.77  ? 18  C   A "H2'"  1 
ATOM   580 H  "HO2'" . C   A 1 18 ? -13.369 -6.666  8.903   1.00 41.53  ? 18  C   A "HO2'" 1 
ATOM   581 H  "H1'"  . C   A 1 18 ? -11.322 -5.177  7.033   1.00 47.01  ? 18  C   A "H1'"  1 
ATOM   582 H  H41    . C   A 1 18 ? -6.893  -1.261  9.315   1.00 38.96  ? 18  C   A H41    1 
ATOM   583 H  H42    . C   A 1 18 ? -6.236  -2.598  9.338   1.00 38.96  ? 18  C   A H42    1 
ATOM   584 H  H5     . C   A 1 18 ? -9.164  -0.935  8.790   1.00 37.68  ? 18  C   A H5     1 
ATOM   585 H  H6     . C   A 1 18 ? -11.086 -1.938  8.158   1.00 36.81  ? 18  C   A H6     1 
HETATM 586 C  C      . AGU B 2 .  ? 7.530   2.662   -6.752  1.00 50.05  ? 101 AGU A C      1 
HETATM 587 N  N1     . AGU B 2 .  ? 7.159   3.572   -7.554  1.00 38.90  ? 101 AGU A N1     1 
HETATM 588 N  N2     . AGU B 2 .  ? 6.993   1.308   -6.751  1.00 68.61  ? 101 AGU A N2     1 
HETATM 589 N  N3     . AGU B 2 .  ? 8.573   3.016   -5.807  1.00 40.66  ? 101 AGU A N3     1 
HETATM 590 N  N4     . AGU B 2 .  ? 9.049   4.346   -5.838  1.00 44.44  ? 101 AGU A N4     1 
HETATM 591 H  HN1    . AGU B 2 .  ? 6.525   3.404   -8.155  1.00 46.68  ? 101 AGU A HN1    1 
HETATM 592 H  HN21   . AGU B 2 .  ? 6.383   1.087   -7.316  1.00 82.34  ? 101 AGU A HN21   1 
HETATM 593 H  HN22   . AGU B 2 .  ? 7.290   0.729   -6.190  1.00 82.34  ? 101 AGU A HN22   1 
HETATM 594 H  HN3    . AGU B 2 .  ? 8.867   2.449   -5.233  1.00 48.80  ? 101 AGU A HN3    1 
HETATM 595 H  HN41   . AGU B 2 .  ? 9.054   4.678   -5.013  1.00 53.33  ? 101 AGU A HN41   1 
HETATM 596 H  HN42   . AGU B 2 .  ? 8.519   4.840   -6.354  1.00 53.33  ? 101 AGU A HN42   1 
HETATM 597 S  S      . SO4 C 3 .  ? -11.542 -6.727  3.180   1.00 58.26  ? 102 SO4 A S      1 
HETATM 598 O  O1     . SO4 C 3 .  ? -10.694 -6.092  4.178   1.00 61.39  ? 102 SO4 A O1     1 
HETATM 599 O  O2     . SO4 C 3 .  ? -12.725 -7.244  3.850   1.00 82.91  ? 102 SO4 A O2     1 
HETATM 600 O  O3     . SO4 C 3 .  ? -11.932 -5.764  2.162   1.00 107.47 ? 102 SO4 A O3     1 
HETATM 601 O  O4     . SO4 C 3 .  ? -10.759 -7.796  2.571   1.00 59.61  ? 102 SO4 A O4     1 
HETATM 602 S  S      . SO4 D 3 .  ? -3.323  1.423   8.928   1.00 111.51 ? 103 SO4 A S      1 
HETATM 603 O  O1     . SO4 D 3 .  ? -4.212  0.515   9.650   1.00 97.76  ? 103 SO4 A O1     1 
HETATM 604 O  O2     . SO4 D 3 .  ? -4.028  2.679   8.682   1.00 105.30 ? 103 SO4 A O2     1 
HETATM 605 O  O3     . SO4 D 3 .  ? -2.130  1.694   9.728   1.00 144.88 ? 103 SO4 A O3     1 
HETATM 606 O  O4     . SO4 D 3 .  ? -2.912  0.823   7.660   1.00 131.10 ? 103 SO4 A O4     1 
HETATM 607 NA NA     . NA  E 4 .  ? 0.436   0.385   4.191   1.00 62.07  ? 104 NA  A NA     1 
HETATM 608 NA NA     . NA  F 4 .  ? -0.597  -4.338  7.471   1.00 57.76  ? 105 NA  A NA     1 
HETATM 609 NA NA     . NA  G 4 .  ? -11.466 5.535   12.135  1.00 62.94  ? 106 NA  A NA     1 
HETATM 610 NA NA     . NA  H 4 .  ? 6.486   -1.552  3.023   1.00 323.88 ? 107 NA  A NA     1 
HETATM 611 NA NA     . NA  I 4 .  ? 10.533  6.283   -8.264  1.00 313.11 ? 108 NA  A NA     1 
HETATM 612 NA NA     . NA  J 4 .  ? -8.254  -10.724 8.081   1.00 59.48  ? 109 NA  A NA     1 
HETATM 613 NA NA     . NA  K 4 .  ? 3.916   -0.363  -5.982  1.00 371.21 ? 110 NA  A NA     1 
HETATM 614 O  O      . HOH L 5 .  ? -1.956  1.053   5.543   1.00 55.08  ? 201 HOH A O      1 
HETATM 615 O  O      . HOH L 5 .  ? -0.193  4.803   5.534   1.00 57.00  ? 202 HOH A O      1 
HETATM 616 O  O      . HOH L 5 .  ? -6.606  11.264  5.099   1.00 107.81 ? 203 HOH A O      1 
HETATM 617 O  O      . HOH L 5 .  ? -9.535  4.020   9.343   1.00 40.20  ? 204 HOH A O      1 
HETATM 618 O  O      . HOH L 5 .  ? -10.288 1.425   9.389   1.00 35.72  ? 205 HOH A O      1 
HETATM 619 O  O      . HOH L 5 .  ? -0.538  8.424   -8.975  1.00 37.82  ? 206 HOH A O      1 
HETATM 620 O  O      . HOH L 5 .  ? -3.541  -6.457  -0.829  1.00 50.56  ? 207 HOH A O      1 
HETATM 621 O  O      . HOH L 5 .  ? -2.733  -3.459  -0.107  1.00 49.15  ? 208 HOH A O      1 
HETATM 622 O  O      . HOH L 5 .  ? -10.589 -8.065  7.242   1.00 51.22  ? 209 HOH A O      1 
HETATM 623 O  O      . HOH L 5 .  ? -13.091 3.523   9.977   1.00 56.03  ? 210 HOH A O      1 
HETATM 624 O  O      . HOH L 5 .  ? 0.962   7.772   -2.466  1.00 58.25  ? 211 HOH A O      1 
HETATM 625 O  O      . HOH L 5 .  ? -4.173  -4.379  -3.963  1.00 63.24  ? 212 HOH A O      1 
HETATM 626 O  O      . HOH L 5 .  ? -12.530 7.193   9.063   1.00 35.45  ? 213 HOH A O      1 
HETATM 627 O  O      . HOH L 5 .  ? -10.222 1.898   1.196   1.00 38.15  ? 214 HOH A O      1 
HETATM 628 O  O      . HOH L 5 .  ? -10.047 1.359   -3.295  1.00 60.33  ? 215 HOH A O      1 
HETATM 629 O  O      . HOH L 5 .  ? -3.438  0.444   -12.590 1.00 41.99  ? 216 HOH A O      1 
HETATM 630 O  O      . HOH L 5 .  ? -4.749  4.428   -11.577 0.33 33.98  ? 217 HOH A O      1 
HETATM 631 O  O      . HOH L 5 .  ? -13.017 5.661   2.572   0.33 32.05  ? 218 HOH A O      1 
HETATM 632 O  O      . HOH L 5 .  ? -3.422  3.997   5.980   1.00 40.07  ? 219 HOH A O      1 
HETATM 633 O  O      . HOH L 5 .  ? -5.336  -11.060 9.563   1.00 45.56  ? 220 HOH A O      1 
HETATM 634 O  O      . HOH L 5 .  ? -15.853 -0.602  4.715   1.00 34.42  ? 221 HOH A O      1 
HETATM 635 O  O      . HOH L 5 .  ? -14.873 5.937   5.748   0.33 30.78  ? 222 HOH A O      1 
HETATM 636 O  O      . HOH L 5 .  ? -1.187  -13.521 7.958   1.00 49.31  ? 223 HOH A O      1 
HETATM 637 O  O      . HOH L 5 .  ? 14.931  -2.256  1.303   1.00 58.41  ? 224 HOH A O      1 
HETATM 638 O  O      . HOH L 5 .  ? -10.252 -1.909  1.505   1.00 40.15  ? 225 HOH A O      1 
HETATM 639 O  O      . HOH L 5 .  ? 5.972   7.537   -0.325  1.00 50.25  ? 226 HOH A O      1 
HETATM 640 O  O      . HOH L 5 .  ? -6.308  4.661   -8.910  0.33 36.84  ? 227 HOH A O      1 
HETATM 641 O  O      . HOH L 5 .  ? -5.898  9.826   8.961   1.00 47.13  ? 228 HOH A O      1 
HETATM 642 O  O      . HOH L 5 .  ? 8.834   7.088   -2.293  1.00 64.79  ? 229 HOH A O      1 
HETATM 643 O  O      . HOH L 5 .  ? 13.191  -4.004  -8.427  1.00 67.25  ? 230 HOH A O      1 
HETATM 644 O  O      . HOH L 5 .  ? -3.083  -2.797  12.266  0.50 47.99  ? 231 HOH A O      1 
HETATM 645 O  O      . HOH L 5 .  ? 2.201   -0.277  2.693   1.00 49.10  ? 232 HOH A O      1 
HETATM 646 O  O      . HOH L 5 .  ? 3.119   -1.703  -4.330  1.00 78.93  ? 233 HOH A O      1 
HETATM 647 O  O      . HOH L 5 .  ? -15.182 4.624   8.640   1.00 45.36  ? 234 HOH A O      1 
HETATM 648 O  O      . HOH L 5 .  ? -17.384 6.311   10.046  0.33 48.45  ? 235 HOH A O      1 
# 
loop_
_atom_site_anisotrop.id 
_atom_site_anisotrop.type_symbol 
_atom_site_anisotrop.pdbx_label_atom_id 
_atom_site_anisotrop.pdbx_label_alt_id 
_atom_site_anisotrop.pdbx_label_comp_id 
_atom_site_anisotrop.pdbx_label_asym_id 
_atom_site_anisotrop.pdbx_label_seq_id 
_atom_site_anisotrop.pdbx_PDB_ins_code 
_atom_site_anisotrop.U[1][1] 
_atom_site_anisotrop.U[2][2] 
_atom_site_anisotrop.U[3][3] 
_atom_site_anisotrop.U[1][2] 
_atom_site_anisotrop.U[1][3] 
_atom_site_anisotrop.U[2][3] 
_atom_site_anisotrop.pdbx_auth_seq_id 
_atom_site_anisotrop.pdbx_auth_comp_id 
_atom_site_anisotrop.pdbx_auth_asym_id 
_atom_site_anisotrop.pdbx_auth_atom_id 
1   O  "O5'" . G   A 1  ? 0.5456 0.7281 0.5811 0.0577  -0.0119 0.0561  1  G   A "O5'" 
2   C  "C5'" . G   A 1  ? 0.4004 0.6006 0.4677 0.0702  -0.0034 0.0724  1  G   A "C5'" 
3   C  "C4'" . G   A 1  ? 0.3148 0.4888 0.3762 0.0812  0.0005  0.0670  1  G   A "C4'" 
4   O  "O4'" . G   A 1  ? 0.3994 0.5765 0.4434 0.0835  -0.0096 0.0636  1  G   A "O4'" 
5   C  "C3'" . G   A 1  ? 0.3736 0.5028 0.4124 0.0780  0.0039  0.0514  1  G   A "C3'" 
6   O  "O3'" . G   A 1  ? 0.4271 0.5407 0.4773 0.0785  0.0177  0.0529  1  G   A "O3'" 
7   C  "C2'" . G   A 1  ? 0.3934 0.5089 0.4231 0.0854  -0.0003 0.0505  1  G   A "C2'" 
8   O  "O2'" . G   A 1  ? 0.4336 0.5542 0.4866 0.0956  0.0070  0.0612  1  G   A "O2'" 
9   C  "C1'" . G   A 1  ? 0.3401 0.4805 0.3650 0.0867  -0.0093 0.0536  1  G   A "C1'" 
10  N  N9    . G   A 1  ? 0.3370 0.4588 0.3314 0.0772  -0.0145 0.0401  1  G   A N9    
11  C  C8    . G   A 1  ? 0.4572 0.5879 0.4385 0.0649  -0.0185 0.0334  1  G   A C8    
12  N  N7    . G   A 1  ? 0.3809 0.4864 0.3359 0.0588  -0.0190 0.0210  1  G   A N7    
13  C  C5    . G   A 1  ? 0.4042 0.4869 0.3581 0.0680  -0.0157 0.0228  1  G   A C5    
14  C  C6    . G   A 1  ? 0.4996 0.5534 0.4367 0.0675  -0.0125 0.0181  1  G   A C6    
15  O  O6    . G   A 1  ? 0.4351 0.4739 0.3541 0.0599  -0.0094 0.0088  1  G   A O6    
16  N  N1    . G   A 1  ? 0.4426 0.4847 0.3881 0.0765  -0.0118 0.0281  1  G   A N1    
17  C  C2    . G   A 1  ? 0.3839 0.4369 0.3482 0.0842  -0.0137 0.0377  1  G   A C2    
18  N  N2    . G   A 1  ? 0.4464 0.4850 0.4146 0.0893  -0.0147 0.0473  1  G   A N2    
19  N  N3    . G   A 1  ? 0.3947 0.4714 0.3755 0.0862  -0.0136 0.0403  1  G   A N3    
20  C  C4    . G   A 1  ? 0.4451 0.5376 0.4210 0.0783  -0.0147 0.0341  1  G   A C4    
33  P  P     . G   A 2  ? 0.5246 0.6007 0.5511 0.0691  0.0216  0.0385  2  G   A P     
34  O  OP1   . G   A 2  ? 0.6989 0.7638 0.7402 0.0716  0.0402  0.0437  2  G   A OP1   
35  O  OP2   . G   A 2  ? 0.4562 0.5351 0.4678 0.0597  0.0127  0.0304  2  G   A OP2   
36  O  "O5'" . G   A 2  ? 0.4859 0.5335 0.4897 0.0678  0.0157  0.0306  2  G   A "O5'" 
37  C  "C5'" . G   A 2  ? 0.4026 0.4409 0.4127 0.0735  0.0199  0.0360  2  G   A "C5'" 
38  C  "C4'" . G   A 2  ? 0.4283 0.4478 0.4194 0.0703  0.0095  0.0337  2  G   A "C4'" 
39  O  "O4'" . G   A 2  ? 0.4525 0.4890 0.4430 0.0756  -0.0008 0.0368  2  G   A "O4'" 
40  C  "C3'" . G   A 2  ? 0.4219 0.4142 0.3873 0.0569  0.0069  0.0246  2  G   A "C3'" 
41  O  "O3'" . G   A 2  ? 0.4562 0.4219 0.4101 0.0481  0.0147  0.0209  2  G   A "O3'" 
42  C  "C2'" . G   A 2  ? 0.4287 0.4190 0.3872 0.0576  -0.0046 0.0306  2  G   A "C2'" 
43  O  "O2'" . G   A 2  ? 0.4943 0.4762 0.4557 0.0590  -0.0073 0.0396  2  G   A "O2'" 
44  C  "C1'" . G   A 2  ? 0.4160 0.4329 0.3872 0.0693  -0.0070 0.0342  2  G   A "C1'" 
45  N  N9    . G   A 2  ? 0.4296 0.4498 0.3906 0.0643  -0.0082 0.0259  2  G   A N9    
46  C  C8    . G   A 2  ? 0.6247 0.6597 0.5887 0.0614  -0.0062 0.0199  2  G   A C8    
47  N  N7    . G   A 2  ? 0.4622 0.4922 0.4129 0.0550  -0.0081 0.0123  2  G   A N7    
48  C  C5    . G   A 2  ? 0.4701 0.4816 0.4117 0.0552  -0.0090 0.0150  2  G   A C5    
49  C  C6    . G   A 2  ? 0.4923 0.4905 0.4226 0.0508  -0.0071 0.0118  2  G   A C6    
50  O  O6    . G   A 2  ? 0.4822 0.4799 0.4048 0.0447  -0.0047 0.0020  2  G   A O6    
51  N  N1    . G   A 2  ? 0.4096 0.3944 0.3406 0.0533  -0.0070 0.0232  2  G   A N1    
52  C  C2    . G   A 2  ? 0.5693 0.5534 0.5077 0.0574  -0.0113 0.0351  2  G   A C2    
53  N  N2    . G   A 2  ? 0.7286 0.7025 0.6691 0.0575  -0.0122 0.0497  2  G   A N2    
54  N  N3    . G   A 2  ? 0.5478 0.5412 0.4936 0.0607  -0.0133 0.0349  2  G   A N3    
55  C  C4    . G   A 2  ? 0.5254 0.5321 0.4734 0.0602  -0.0106 0.0249  2  G   A C4    
67  P  P     . U   A 3  ? 0.5406 0.4824 0.4702 0.0332  0.0178  0.0109  3  U   A P     
68  O  OP1   . U   A 3  ? 0.5190 0.4323 0.4352 0.0251  0.0291  0.0076  3  U   A OP1   
69  O  OP2   . U   A 3  ? 0.5029 0.4571 0.4380 0.0348  0.0207  0.0059  3  U   A OP2   
70  O  "O5'" . U   A 3  ? 0.4904 0.4276 0.4063 0.0250  0.0034  0.0147  3  U   A "O5'" 
71  C  "C5'" . U   A 3  ? 0.4491 0.3764 0.3587 0.0197  -0.0045 0.0240  3  U   A "C5'" 
72  C  "C4'" . U   A 3  ? 0.4604 0.3914 0.3669 0.0148  -0.0158 0.0336  3  U   A "C4'" 
73  O  "O4'" . U   A 3  ? 0.5099 0.4604 0.4322 0.0289  -0.0165 0.0360  3  U   A "O4'" 
74  C  "C3'" . U   A 3  ? 0.4368 0.3590 0.3281 0.0009  -0.0159 0.0293  3  U   A "C3'" 
75  O  "O3'" . U   A 3  ? 0.5375 0.4399 0.4063 -0.0185 -0.0183 0.0304  3  U   A "O3'" 
76  C  "C2'" . U   A 3  ? 0.4819 0.4163 0.3845 0.0047  -0.0215 0.0411  3  U   A "C2'" 
77  O  "O2'" . U   A 3  ? 0.4516 0.3844 0.3558 -0.0014 -0.0307 0.0609  3  U   A "O2'" 
78  C  "C1'" . U   A 3  ? 0.5028 0.4523 0.4213 0.0233  -0.0182 0.0384  3  U   A "C1'" 
79  N  N1    . U   A 3  ? 0.4415 0.3988 0.3618 0.0272  -0.0120 0.0250  3  U   A N1    
80  C  C2    . U   A 3  ? 0.4406 0.3989 0.3622 0.0267  -0.0105 0.0260  3  U   A C2    
81  O  O2    . U   A 3  ? 0.4661 0.4199 0.3902 0.0239  -0.0121 0.0393  3  U   A O2    
82  N  N3    . U   A 3  ? 0.3786 0.3430 0.3003 0.0278  -0.0061 0.0132  3  U   A N3    
83  C  C4    . U   A 3  ? 0.5166 0.4906 0.4404 0.0299  -0.0045 0.0037  3  U   A C4    
84  O  O4    . U   A 3  ? 0.4188 0.3994 0.3431 0.0282  -0.0027 -0.0047 3  U   A O4    
85  C  C5    . U   A 3  ? 0.6367 0.6112 0.5637 0.0327  -0.0041 0.0064  3  U   A C5    
86  C  C6    . U   A 3  ? 0.4524 0.4167 0.3761 0.0313  -0.0071 0.0149  3  U   A C6    
97  P  P     . G   A 4  ? 0.6146 0.5041 0.4630 -0.0325 -0.0127 0.0198  4  G   A P     
98  O  OP1   . G   A 4  ? 0.5975 0.4641 0.4173 -0.0540 -0.0159 0.0216  4  G   A OP1   
99  O  OP2   . G   A 4  ? 0.5985 0.4891 0.4529 -0.0218 0.0006  0.0051  4  G   A OP2   
100 O  "O5'" . G   A 4  ? 0.4837 0.3893 0.3428 -0.0343 -0.0195 0.0301  4  G   A "O5'" 
101 C  "C5'" . G   A 4  ? 0.5446 0.4538 0.4025 -0.0472 -0.0309 0.0503  4  G   A "C5'" 
102 C  "C4'" . G   A 4  ? 0.5384 0.4626 0.4118 -0.0474 -0.0314 0.0613  4  G   A "C4'" 
103 O  "O4'" . G   A 4  ? 0.4955 0.4310 0.3925 -0.0273 -0.0261 0.0620  4  G   A "O4'" 
104 C  "C3'" . G   A 4  ? 0.4641 0.3875 0.3315 -0.0522 -0.0246 0.0492  4  G   A "C3'" 
105 O  "O3'" . G   A 4  ? 0.5737 0.4911 0.4204 -0.0744 -0.0294 0.0545  4  G   A "O3'" 
106 C  "C2'" . G   A 4  ? 0.5429 0.4821 0.4363 -0.0430 -0.0209 0.0582  4  G   A "C2'" 
107 O  "O2'" . G   A 4  ? 0.5531 0.5021 0.4563 -0.0542 -0.0270 0.0845  4  G   A "O2'" 
108 C  "C1'" . G   A 4  ? 0.6339 0.5752 0.5399 -0.0249 -0.0187 0.0569  4  G   A "C1'" 
109 N  N9    . G   A 4  ? 0.4295 0.3705 0.3353 -0.0132 -0.0115 0.0354  4  G   A N9    
110 C  C8    . G   A 4  ? 0.4461 0.3831 0.3443 -0.0080 -0.0100 0.0217  4  G   A C8    
111 N  N7    . G   A 4  ? 0.4245 0.3682 0.3294 0.0004  -0.0044 0.0093  4  G   A N7    
112 C  C5    . G   A 4  ? 0.4172 0.3651 0.3305 0.0003  -0.0019 0.0112  4  G   A C5    
113 C  C6    . G   A 4  ? 0.5145 0.4676 0.4343 0.0042  0.0032  0.0010  4  G   A C6    
114 O  O6    . G   A 4  ? 0.4567 0.4159 0.3767 0.0077  0.0039  -0.0099 4  G   A O6    
115 N  N1    . G   A 4  ? 0.4142 0.3657 0.3423 0.0018  0.0084  0.0069  4  G   A N1    
116 C  C2    . G   A 4  ? 0.6429 0.5930 0.5777 -0.0025 0.0087  0.0246  4  G   A C2    
117 N  N2    . G   A 4  ? 0.5227 0.4725 0.4716 -0.0029 0.0182  0.0315  4  G   A N2    
118 N  N3    . G   A 4  ? 0.4378 0.3873 0.3672 -0.0076 0.0009  0.0370  4  G   A N3    
119 C  C4    . G   A 4  ? 0.4660 0.4124 0.3825 -0.0064 -0.0042 0.0277  4  G   A C4    
131 P  P     . G   A 5  ? 0.6289 0.5355 0.4575 -0.0802 -0.0206 0.0365  5  G   A P     
132 O  OP1   . G   A 5  ? 0.5947 0.4918 0.3932 -0.1073 -0.0277 0.0441  5  G   A OP1   
133 O  OP2   . G   A 5  ? 0.5183 0.4121 0.3438 -0.0656 -0.0095 0.0159  5  G   A OP2   
134 O  "O5'" . G   A 5  ? 0.6176 0.5421 0.4725 -0.0694 -0.0149 0.0365  5  G   A "O5'" 
135 C  "C5'" . G   A 5  ? 0.5759 0.5181 0.4477 -0.0770 -0.0185 0.0562  5  G   A "C5'" 
136 C  "C4'" . G   A 5  ? 0.5612 0.5155 0.4606 -0.0632 -0.0093 0.0527  5  G   A "C4'" 
137 O  "O4'" . G   A 5  ? 0.4742 0.4275 0.3871 -0.0455 -0.0051 0.0461  5  G   A "O4'" 
138 C  "C3'" . G   A 5  ? 0.4731 0.4243 0.3701 -0.0594 -0.0016 0.0346  5  G   A "C3'" 
139 O  "O3'" . G   A 5  ? 0.4607 0.4164 0.3505 -0.0736 -0.0021 0.0405  5  G   A "O3'" 
140 C  "C2'" . G   A 5  ? 0.4459 0.4065 0.3711 -0.0453 0.0057  0.0325  5  G   A "C2'" 
141 O  "O2'" . G   A 5  ? 0.4211 0.3959 0.3686 -0.0500 0.0086  0.0515  5  G   A "O2'" 
142 C  "C1'" . G   A 5  ? 0.4049 0.3613 0.3309 -0.0359 0.0037  0.0334  5  G   A "C1'" 
143 N  N9    . G   A 5  ? 0.4533 0.4028 0.3708 -0.0260 0.0050  0.0141  5  G   A N9    
144 C  C8    . G   A 5  ? 0.5191 0.4601 0.4209 -0.0249 0.0024  0.0071  5  G   A C8    
145 N  N7    . G   A 5  ? 0.4403 0.3827 0.3451 -0.0154 0.0059  -0.0053 5  G   A N7    
146 C  C5    . G   A 5  ? 0.4125 0.3630 0.3315 -0.0123 0.0091  -0.0089 5  G   A C5    
147 C  C6    . G   A 5  ? 0.4788 0.4357 0.4053 -0.0067 0.0112  -0.0194 5  G   A C6    
148 O  O6    . G   A 5  ? 0.5104 0.4718 0.4366 -0.0022 0.0105  -0.0246 5  G   A O6    
149 N  N1    . G   A 5  ? 0.4401 0.3998 0.3772 -0.0082 0.0148  -0.0212 5  G   A N1    
150 C  C2    . G   A 5  ? 0.4546 0.4129 0.4000 -0.0120 0.0188  -0.0122 5  G   A C2    
151 N  N2    . G   A 5  ? 0.4234 0.3824 0.3811 -0.0125 0.0257  -0.0161 5  G   A N2    
152 N  N3    . G   A 5  ? 0.4181 0.3754 0.3609 -0.0168 0.0165  0.0016  5  G   A N3    
153 C  C4    . G   A 5  ? 0.4606 0.4134 0.3878 -0.0178 0.0104  0.0015  5  G   A C4    
165 P  P     . G   A 6  ? 0.4769 0.4216 0.3509 -0.0737 0.0052  0.0231  6  G   A P     
166 O  OP1   . G   A 6  ? 0.5079 0.4591 0.3713 -0.0915 0.0027  0.0341  6  G   A OP1   
167 O  OP2   . G   A 6  ? 0.5194 0.4419 0.3696 -0.0705 0.0079  0.0087  6  G   A OP2   
168 O  "O5'" . G   A 6  ? 0.4341 0.3879 0.3363 -0.0573 0.0128  0.0142  6  G   A "O5'" 
169 C  "C5'" . G   A 6  ? 0.4121 0.3839 0.3411 -0.0572 0.0156  0.0239  6  G   A "C5'" 
170 C  "C4'" . G   A 6  ? 0.3875 0.3630 0.3394 -0.0435 0.0223  0.0130  6  G   A "C4'" 
171 O  "O4'" . G   A 6  ? 0.4210 0.3912 0.3747 -0.0348 0.0216  0.0070  6  G   A "O4'" 
172 C  "C3'" . G   A 6  ? 0.4443 0.4139 0.3924 -0.0373 0.0261  -0.0016 6  G   A "C3'" 
173 O  "O3'" . G   A 6  ? 0.4832 0.4587 0.4358 -0.0414 0.0298  0.0019  6  G   A "O3'" 
174 C  "C2'" . G   A 6  ? 0.3848 0.3585 0.3524 -0.0278 0.0282  -0.0096 6  G   A "C2'" 
175 O  "O2'" . G   A 6  ? 0.4150 0.3993 0.4076 -0.0284 0.0335  -0.0041 6  G   A "O2'" 
176 C  "C1'" . G   A 6  ? 0.3733 0.3423 0.3334 -0.0263 0.0246  -0.0078 6  G   A "C1'" 
177 N  N9    . G   A 6  ? 0.3787 0.3396 0.3222 -0.0220 0.0212  -0.0162 6  G   A N9    
178 C  C8    . G   A 6  ? 0.4549 0.4060 0.3784 -0.0243 0.0189  -0.0154 6  G   A C8    
179 N  N7    . G   A 6  ? 0.4204 0.3683 0.3401 -0.0175 0.0198  -0.0221 6  G   A N7    
180 C  C5    . G   A 6  ? 0.4425 0.4008 0.3787 -0.0123 0.0201  -0.0272 6  G   A C5    
181 C  C6    . G   A 6  ? 0.4467 0.4122 0.3896 -0.0066 0.0195  -0.0312 6  G   A C6    
182 O  O6    . G   A 6  ? 0.4823 0.4479 0.4225 -0.0023 0.0207  -0.0298 6  G   A O6    
183 N  N1    . G   A 6  ? 0.4286 0.4036 0.3848 -0.0078 0.0177  -0.0348 6  G   A N1    
184 C  C2    . G   A 6  ? 0.4580 0.4327 0.4218 -0.0117 0.0196  -0.0362 6  G   A C2    
185 N  N2    . G   A 6  ? 0.3891 0.3698 0.3632 -0.0141 0.0186  -0.0415 6  G   A N2    
186 N  N3    . G   A 6  ? 0.3919 0.3620 0.3551 -0.0145 0.0225  -0.0306 6  G   A N3    
187 C  C4    . G   A 6  ? 0.3539 0.3173 0.3022 -0.0154 0.0212  -0.0256 6  G   A C4    
199 P  P     . G   A 7  ? 0.4962 0.4607 0.4369 -0.0372 0.0355  -0.0076 7  G   A P     
200 O  OP1   . G   A 7  ? 0.4751 0.4488 0.4203 -0.0437 0.0383  0.0005  7  G   A OP1   
201 O  OP2   . G   A 7  ? 0.4504 0.3947 0.3629 -0.0376 0.0368  -0.0140 7  G   A OP2   
202 O  "O5'" . G   A 7  ? 0.4692 0.4400 0.4343 -0.0250 0.0370  -0.0152 7  G   A "O5'" 
203 C  "C5'" . G   A 7  ? 0.4825 0.4678 0.4761 -0.0232 0.0382  -0.0132 7  G   A "C5'" 
204 C  "C4'" . G   A 7  ? 0.4959 0.4836 0.5039 -0.0163 0.0372  -0.0213 7  G   A "C4'" 
205 O  "O4'" . G   A 7  ? 0.4458 0.4291 0.4444 -0.0158 0.0325  -0.0268 7  G   A "O4'" 
206 C  "C3'" . G   A 7  ? 0.4504 0.4354 0.4578 -0.0103 0.0394  -0.0221 7  G   A "C3'" 
207 O  "O3'" . G   A 7  ? 0.4056 0.3961 0.4278 -0.0079 0.0444  -0.0173 7  G   A "O3'" 
208 C  "C2'" . G   A 7  ? 0.4491 0.4399 0.4661 -0.0085 0.0335  -0.0268 7  G   A "C2'" 
209 O  "O2'" . G   A 7  ? 0.4780 0.4782 0.5164 -0.0109 0.0318  -0.0291 7  G   A "O2'" 
210 C  "C1'" . G   A 7  ? 0.5014 0.4871 0.5031 -0.0119 0.0297  -0.0310 7  G   A "C1'" 
211 N  N9    . G   A 7  ? 0.4407 0.4194 0.4250 -0.0090 0.0292  -0.0302 7  G   A N9    
212 C  C8    . G   A 7  ? 0.4276 0.3938 0.3917 -0.0102 0.0323  -0.0281 7  G   A C8    
213 N  N7    . G   A 7  ? 0.7107 0.6712 0.6659 -0.0064 0.0340  -0.0280 7  G   A N7    
214 C  C5    . G   A 7  ? 0.5086 0.4828 0.4809 -0.0026 0.0307  -0.0274 7  G   A C5    
215 C  C6    . G   A 7  ? 0.4818 0.4621 0.4592 0.0022  0.0313  -0.0227 7  G   A C6    
216 O  O6    . G   A 7  ? 0.4502 0.4221 0.4191 0.0060  0.0375  -0.0197 7  G   A O6    
217 N  N1    . G   A 7  ? 0.4475 0.4466 0.4431 0.0007  0.0243  -0.0196 7  G   A N1    
218 C  C2    . G   A 7  ? 0.4757 0.4812 0.4804 -0.0049 0.0188  -0.0238 7  G   A C2    
219 N  N2    . G   A 7  ? 0.4791 0.5017 0.4972 -0.0095 0.0111  -0.0198 7  G   A N2    
220 N  N3    . G   A 7  ? 0.4154 0.4127 0.4178 -0.0073 0.0211  -0.0296 7  G   A N3    
221 C  C4    . G   A 7  ? 0.4833 0.4674 0.4708 -0.0055 0.0267  -0.0296 7  G   A C4    
233 P  P     . A   A 8  ? 0.4767 0.4597 0.4963 -0.0006 0.0520  -0.0129 8  A   A P     
234 O  OP1   . A   A 8  ? 0.4417 0.4287 0.4724 0.0048  0.0493  -0.0116 8  A   A OP1   
235 O  OP2   . A   A 8  ? 0.4324 0.4217 0.4649 0.0009  0.0574  -0.0072 8  A   A OP2   
236 O  "O5'" . A   A 8  ? 0.4478 0.4095 0.4318 -0.0036 0.0584  -0.0144 8  A   A "O5'" 
237 C  "C5'" . A   A 8  ? 0.5721 0.5275 0.5351 -0.0130 0.0602  -0.0133 8  A   A "C5'" 
238 C  "C4'" . A   A 8  ? 0.6192 0.5505 0.5538 -0.0135 0.0735  -0.0134 8  A   A "C4'" 
239 O  "O4'" . A   A 8  ? 0.5774 0.5115 0.5290 -0.0046 0.0826  -0.0078 8  A   A "O4'" 
240 C  "C3'" . A   A 8  ? 0.6457 0.5562 0.5655 -0.0082 0.0822  -0.0167 8  A   A "C3'" 
241 O  "O3'" . A   A 8  ? 0.6539 0.5508 0.5451 -0.0180 0.0789  -0.0221 8  A   A "O3'" 
242 C  "C2'" . A   A 8  ? 0.6573 0.5456 0.5638 -0.0034 0.1017  -0.0138 8  A   A "C2'" 
243 O  "O2'" . A   A 8  ? 0.7410 0.6067 0.6053 -0.0174 0.1078  -0.0187 8  A   A "O2'" 
244 C  "C1'" . A   A 8  ? 0.5850 0.4953 0.5229 0.0028  0.0990  -0.0068 8  A   A "C1'" 
245 N  N9    . A   A 8  ? 0.5412 0.4649 0.5156 0.0164  0.0992  0.0009  8  A   A N9    
246 C  C8    . A   A 8  ? 0.5312 0.4827 0.5409 0.0187  0.0855  0.0037  8  A   A C8    
247 N  N7    . A   A 8  ? 0.4712 0.4312 0.5063 0.0275  0.0865  0.0130  8  A   A N7    
248 C  C5    . A   A 8  ? 0.4407 0.3781 0.4611 0.0340  0.1042  0.0184  8  A   A C5    
249 C  C6    . A   A 8  ? 0.5528 0.4886 0.5924 0.0449  0.1161  0.0339  8  A   A C6    
250 N  N6    . A   A 8  ? 0.5684 0.5305 0.6455 0.0488  0.1064  0.0474  8  A   A N6    
251 N  N1    . A   A 8  ? 0.6935 0.5994 0.7128 0.0502  0.1391  0.0370  8  A   A N1    
252 C  C2    . A   A 8  ? 0.5588 0.4365 0.5350 0.0420  0.1470  0.0224  8  A   A C2    
253 N  N3    . A   A 8  ? 0.5632 0.4429 0.5164 0.0289  0.1337  0.0085  8  A   A N3    
254 C  C4    . A   A 8  ? 0.5366 0.4481 0.5169 0.0270  0.1134  0.0087  8  A   A C4    
266 P  P     . C   A 9  ? 0.6370 0.5324 0.5321 -0.0125 0.0766  -0.0243 9  C   A P     
267 O  OP1   . C   A 9  ? 1.2032 1.0800 1.0649 -0.0241 0.0755  -0.0289 9  C   A OP1   
268 O  OP2   . C   A 9  ? 0.5043 0.4274 0.4315 -0.0070 0.0632  -0.0227 9  C   A OP2   
269 O  "O5'" . C   A 9  ? 0.5873 0.4692 0.4895 -0.0001 0.0950  -0.0200 9  C   A "O5'" 
270 C  "C5'" . C   A 9  ? 0.5781 0.4254 0.4508 -0.0017 0.1156  -0.0221 9  C   A "C5'" 
271 C  "C4'" . C   A 9  ? 0.6401 0.4796 0.5310 0.0127  0.1340  -0.0132 9  C   A "C4'" 
272 O  "O4'" . C   A 9  ? 0.5740 0.4266 0.4953 0.0239  0.1396  -0.0013 9  C   A "O4'" 
273 C  "C3'" . C   A 9  ? 0.5767 0.4388 0.4935 0.0187  0.1244  -0.0080 9  C   A "C3'" 
274 O  "O3'" . C   A 9  ? 0.6357 0.4804 0.5313 0.0142  0.1285  -0.0141 9  C   A "O3'" 
275 C  "C2'" . C   A 9  ? 0.6868 0.5570 0.6375 0.0330  0.1388  0.0093  9  C   A "C2'" 
276 O  "O2'" . C   A 9  ? 0.7079 0.5457 0.6468 0.0385  0.1674  0.0135  9  C   A "O2'" 
277 C  "C1'" . C   A 9  ? 0.7164 0.5891 0.6747 0.0351  0.1403  0.0128  9  C   A "C1'" 
278 N  N1    . C   A 9  ? 0.5002 0.4104 0.4902 0.0351  0.1180  0.0172  9  C   A N1    
279 C  C2    . C   A 9  ? 0.5571 0.4917 0.5845 0.0427  0.1160  0.0346  9  C   A C2    
280 O  O2    . C   A 9  ? 0.5894 0.5165 0.6269 0.0508  0.1337  0.0481  9  C   A O2    
281 N  N3    . C   A 9  ? 0.4052 0.3707 0.4575 0.0392  0.0960  0.0381  9  C   A N3    
282 C  C4    . C   A 9  ? 0.4158 0.3857 0.4596 0.0315  0.0823  0.0245  9  C   A C4    
283 N  N4    . C   A 9  ? 0.5038 0.4990 0.5707 0.0272  0.0660  0.0270  9  C   A N4    
284 C  C5    . C   A 9  ? 0.5209 0.4704 0.5332 0.0260  0.0849  0.0098  9  C   A C5    
285 C  C6    . C   A 9  ? 0.5956 0.5166 0.5803 0.0268  0.1013  0.0069  9  C   A C6    
297 P  P     . G   A 10 ? 0.7089 0.5777 0.6138 0.0119  0.1072  -0.0165 10 G   A P     
298 O  OP1   . G   A 10 ? 0.9056 0.7468 0.7793 0.0045  0.1142  -0.0239 10 G   A OP1   
299 O  OP2   . G   A 10 ? 0.6060 0.5005 0.5200 0.0070  0.0845  -0.0196 10 G   A OP2   
300 O  "O5'" . G   A 10 ? 0.7845 0.6769 0.7276 0.0248  0.1107  -0.0019 10 G   A "O5'" 
301 C  "C5'" . G   A 10 ? 1.0547 0.9320 1.0064 0.0337  0.1350  0.0085  10 G   A "C5'" 
302 C  "C4'" . G   A 10 ? 0.8685 0.7803 0.8645 0.0436  0.1338  0.0286  10 G   A "C4'" 
303 O  "O4'" . G   A 10 ? 0.6639 0.5897 0.6807 0.0467  0.1323  0.0389  10 G   A "O4'" 
304 C  "C3'" . G   A 10 ? 0.8333 0.7812 0.8430 0.0401  0.1084  0.0288  10 G   A "C3'" 
305 O  "O3'" . G   A 10 ? 0.8599 0.8074 0.8673 0.0418  0.1105  0.0284  10 G   A "O3'" 
306 C  "C2'" . G   A 10 ? 0.7982 0.7802 0.8472 0.0444  0.1047  0.0497  10 G   A "C2'" 
307 O  "O2'" . G   A 10 ? 0.7147 0.7041 0.7919 0.0540  0.1237  0.0720  10 G   A "O2'" 
308 C  "C1'" . G   A 10 ? 0.8656 0.8331 0.9137 0.0460  0.1132  0.0507  10 G   A "C1'" 
309 N  N9    . G   A 10 ? 0.7663 0.7452 0.8077 0.0373  0.0914  0.0388  10 G   A N9    
310 C  C8    . G   A 10 ? 0.7048 0.6650 0.7184 0.0311  0.0868  0.0203  10 G   A C8    
311 N  N7    . G   A 10 ? 0.4779 0.4548 0.4982 0.0252  0.0702  0.0157  10 G   A N7    
312 C  C5    . G   A 10 ? 0.6478 0.6538 0.6967 0.0252  0.0615  0.0294  10 G   A C5    
313 C  C6    . G   A 10 ? 0.4166 0.4461 0.4796 0.0171  0.0438  0.0299  10 G   A C6    
314 O  O6    . G   A 10 ? 0.5159 0.5439 0.5727 0.0108  0.0349  0.0179  10 G   A O6    
315 N  N1    . G   A 10 ? 0.4611 0.5186 0.5495 0.0154  0.0379  0.0489  10 G   A N1    
316 C  C2    . G   A 10 ? 0.4823 0.5470 0.5863 0.0231  0.0496  0.0676  10 G   A C2    
317 N  N2    . G   A 10 ? 0.4664 0.5654 0.5982 0.0183  0.0405  0.0893  10 G   A N2    
318 N  N3    . G   A 10 ? 0.5441 0.5848 0.6383 0.0331  0.0696  0.0667  10 G   A N3    
319 C  C4    . G   A 10 ? 0.7847 0.7954 0.8483 0.0325  0.0735  0.0458  10 G   A C4    
331 P  P     . A   A 11 ? 0.6923 0.6601 1.0214 0.1239  0.2213  0.0077  11 A   A P     
332 O  OP1   . A   A 11 ? 0.7553 0.6736 1.1263 0.1257  0.2421  -0.0065 11 A   A OP1   
333 O  OP2   . A   A 11 ? 0.5319 0.5234 0.7794 0.1034  0.1800  0.0098  11 A   A OP2   
334 O  "O5'" . A   A 11 ? 0.6503 0.6538 1.0379 0.1478  0.2141  0.0726  11 A   A "O5'" 
335 C  "C5'" . A   A 11 ? 0.7606 0.7509 1.2387 0.1683  0.2400  0.1009  11 A   A "C5'" 
336 C  "C4'" . A   A 11 ? 0.6432 0.6837 1.1504 0.1766  0.2166  0.1720  11 A   A "C4'" 
337 O  "O4'" . A   A 11 ? 0.7374 0.7836 1.2997 0.1869  0.2402  0.1861  11 A   A "O4'" 
338 C  "C3'" . A   A 11 ? 0.6011 0.6986 1.0580 0.1714  0.1821  0.1926  11 A   A "C3'" 
339 O  "O3'" . A   A 11 ? 0.4997 0.6413 0.9653 0.1669  0.1531  0.2513  11 A   A "O3'" 
340 C  "C2'" . A   A 11 ? 0.9348 1.0569 1.4068 0.1791  0.1978  0.1895  11 A   A "C2'" 
341 O  "O2'" . A   A 11 ? 1.2321 1.4157 1.6872 0.1744  0.1688  0.2283  11 A   A "O2'" 
342 C  "C1'" . A   A 11 ? 0.8603 0.9583 1.4040 0.1898  0.2263  0.2054  11 A   A "C1'" 
343 N  N9    . A   A 11 ? 0.9294 1.0162 1.4920 0.1968  0.2593  0.1703  11 A   A N9    
344 C  C8    . A   A 11 ? 1.2419 1.3482 1.7617 0.1926  0.2648  0.1319  11 A   A C8    
345 N  N7    . A   A 11 ? 1.7188 1.8176 2.2663 0.1983  0.2974  0.1047  11 A   A N7    
346 C  C5    . A   A 11 ? 1.6560 1.7227 2.2752 0.2088  0.3158  0.1270  11 A   A C5    
347 C  C6    . A   A 11 ? 2.5281 2.5728 3.2122 0.2186  0.3538  0.1157  11 A   A C6    
348 N  N6    . A   A 11 ? 2.5942 2.6475 3.2749 0.2201  0.3801  0.0730  11 A   A N6    
349 N  N1    . A   A 11 ? 1.7736 1.7921 2.5316 0.2255  0.3659  0.1520  11 A   A N1    
350 C  C2    . A   A 11 ? 1.2111 1.2328 1.9706 0.2210  0.3399  0.1964  11 A   A C2    
351 N  N3    . A   A 11 ? 1.1108 1.1545 1.8071 0.2115  0.3025  0.2075  11 A   A N3    
352 C  C4    . A   A 11 ? 1.1069 1.1689 1.7367 0.2069  0.2926  0.1705  11 A   A C4    
364 P  P     . C   A 12 ? 0.5148 0.6769 0.9133 0.1459  0.1129  0.2557  12 C   A P     
365 O  OP1   . C   A 12 ? 0.6181 0.8352 1.0438 0.1396  0.0965  0.3150  12 C   A OP1   
366 O  OP2   . C   A 12 ? 0.4517 0.5598 0.8087 0.1355  0.1139  0.2118  12 C   A OP2   
367 O  "O5'" . C   A 12 ? 0.5063 0.6947 0.8378 0.1285  0.0900  0.2363  12 C   A "O5'" 
368 C  "C5'" . C   A 12 ? 0.3455 0.5967 0.6920 0.1266  0.0755  0.2765  12 C   A "C5'" 
369 C  "C4'" . C   A 12 ? 0.4788 0.7425 0.7595 0.1049  0.0523  0.2514  12 C   A "C4'" 
370 O  "O4'" . C   A 12 ? 0.4664 0.7059 0.7400 0.1106  0.0706  0.2193  12 C   A "O4'" 
371 C  "C3'" . C   A 12 ? 0.5155 0.7528 0.7308 0.0838  0.0321  0.2165  12 C   A "C3'" 
372 O  "O3'" . C   A 12 ? 0.4421 0.7192 0.6421 0.0669  0.0080  0.2367  12 C   A "O3'" 
373 C  "C2'" . C   A 12 ? 0.4300 0.6601 0.6073 0.0723  0.0251  0.1877  12 C   A "C2'" 
374 O  "O2'" . C   A 12 ? 0.3999 0.6794 0.5745 0.0588  0.0055  0.2093  12 C   A "O2'" 
375 C  "C1'" . C   A 12 ? 0.5644 0.7830 0.7744 0.0910  0.0547  0.1819  12 C   A "C1'" 
376 N  N1    . C   A 12 ? 0.4637 0.6318 0.6598 0.0939  0.0741  0.1418  12 C   A N1    
377 C  C2    . C   A 12 ? 0.3964 0.5505 0.5421 0.0770  0.0647  0.1097  12 C   A C2    
378 O  O2    . C   A 12 ? 0.4145 0.5907 0.5368 0.0633  0.0420  0.1170  12 C   A O2    
379 N  N3    . C   A 12 ? 0.3751 0.4963 0.5050 0.0740  0.0804  0.0749  12 C   A N3    
380 C  C4    . C   A 12 ? 0.6837 0.7772 0.8458 0.0863  0.1066  0.0644  12 C   A C4    
381 N  N4    . C   A 12 ? 0.7524 0.8178 0.8950 0.0771  0.1212  0.0254  12 C   A N4    
382 C  C5    . C   A 12 ? 0.5225 0.6202 0.7451 0.1067  0.1191  0.0967  12 C   A C5    
383 C  C6    . C   A 12 ? 0.4268 0.5665 0.6642 0.1101  0.1012  0.1381  12 C   A C6    
395 P  P     . C   A 13 ? 0.4766 0.7308 0.6361 0.0532  -0.0033 0.2129  13 C   A P     
396 O  OP1   . C   A 13 ? 0.4636 0.7820 0.6149 0.0334  -0.0241 0.2378  13 C   A OP1   
397 O  OP2   . C   A 13 ? 0.4774 0.6846 0.6543 0.0685  0.0154  0.2044  13 C   A OP2   
398 O  "O5'" . C   A 13 ? 0.3944 0.6134 0.5055 0.0401  -0.0110 0.1670  13 C   A "O5'" 
399 C  "C5'" . C   A 13 ? 0.4275 0.6724 0.5221 0.0231  -0.0267 0.1629  13 C   A "C5'" 
400 C  "C4'" . C   A 13 ? 0.4481 0.6553 0.5159 0.0152  -0.0301 0.1285  13 C   A "C4'" 
401 O  "O4'" . C   A 13 ? 0.4262 0.6094 0.5013 0.0290  -0.0142 0.1222  13 C   A "O4'" 
402 C  "C3'" . C   A 13 ? 0.3750 0.5478 0.4185 0.0089  -0.0330 0.1013  13 C   A "C3'" 
403 O  "O3'" . C   A 13 ? 0.4227 0.6134 0.4527 -0.0106 -0.0465 0.0906  13 C   A "O3'" 
404 C  "C2'" . C   A 13 ? 0.3378 0.4806 0.3737 0.0088  -0.0305 0.0839  13 C   A "C2'" 
405 O  "O2'" . C   A 13 ? 0.4086 0.5630 0.4466 -0.0056 -0.0427 0.0817  13 C   A "O2'" 
406 C  "C1'" . C   A 13 ? 0.3994 0.5478 0.4513 0.0232  -0.0151 0.0955  13 C   A "C1'" 
407 N  N1    . C   A 13 ? 0.3554 0.4752 0.4078 0.0347  0.0027  0.0840  13 C   A N1    
408 C  C2    . C   A 13 ? 0.3421 0.4406 0.3748 0.0284  0.0056  0.0622  13 C   A C2    
409 O  O2    . C   A 13 ? 0.3600 0.4649 0.3818 0.0165  -0.0071 0.0600  13 C   A O2    
410 N  N3    . C   A 13 ? 0.3882 0.4642 0.4199 0.0331  0.0228  0.0462  13 C   A N3    
411 C  C4    . C   A 13 ? 0.3839 0.4498 0.4419 0.0468  0.0385  0.0523  13 C   A C4    
412 N  N4    . C   A 13 ? 0.4371 0.4758 0.4998 0.0484  0.0579  0.0313  13 C   A N4    
413 C  C5    . C   A 13 ? 0.3681 0.4564 0.4553 0.0570  0.0359  0.0827  13 C   A C5    
414 C  C6    . C   A 13 ? 0.3749 0.4944 0.4538 0.0490  0.0166  0.0977  13 C   A C6    
426 P  P     . C   A 14 ? 0.4399 0.6156 0.4530 -0.0154 -0.0464 0.0713  14 C   A P     
427 O  OP1   . C   A 14 ? 0.4297 0.6437 0.4331 -0.0392 -0.0565 0.0603  14 C   A OP1   
428 O  OP2   . C   A 14 ? 0.4615 0.6314 0.4807 -0.0005 -0.0371 0.0869  14 C   A OP2   
429 O  "O5'" . C   A 14 ? 0.3698 0.4983 0.3785 -0.0135 -0.0439 0.0477  14 C   A "O5'" 
430 C  "C5'" . C   A 14 ? 0.3740 0.4952 0.3911 -0.0246 -0.0501 0.0359  14 C   A "C5'" 
431 C  "C4'" . C   A 14 ? 0.4593 0.5468 0.4827 -0.0203 -0.0477 0.0289  14 C   A "C4'" 
432 O  "O4'" . C   A 14 ? 0.4411 0.5255 0.4612 -0.0094 -0.0421 0.0423  14 C   A "O4'" 
433 C  "C3'" . C   A 14 ? 0.4521 0.5188 0.4690 -0.0175 -0.0435 0.0154  14 C   A "C3'" 
434 O  "O3'" . C   A 14 ? 0.4385 0.5010 0.4666 -0.0283 -0.0440 -0.0055 14 C   A "O3'" 
435 C  "C2'" . C   A 14 ? 0.5435 0.5940 0.5655 -0.0126 -0.0423 0.0228  14 C   A "C2'" 
436 O  "O2'" . C   A 14 ? 0.4676 0.5149 0.5170 -0.0200 -0.0478 0.0260  14 C   A "O2'" 
437 C  "C1'" . C   A 14 ? 0.4509 0.5150 0.4652 -0.0071 -0.0387 0.0362  14 C   A "C1'" 
438 N  N1    . C   A 14 ? 0.3416 0.3991 0.3426 0.0025  -0.0277 0.0351  14 C   A N1    
439 C  C2    . C   A 14 ? 0.3480 0.3945 0.3401 0.0011  -0.0223 0.0288  14 C   A C2    
440 O  O2    . C   A 14 ? 0.4050 0.4551 0.3999 -0.0074 -0.0291 0.0311  14 C   A O2    
441 N  N3    . C   A 14 ? 0.4057 0.4416 0.3919 0.0069  -0.0094 0.0224  14 C   A N3    
442 C  C4    . C   A 14 ? 0.3833 0.4188 0.3806 0.0173  -0.0020 0.0292  14 C   A C4    
443 N  N4    . C   A 14 ? 0.4198 0.4387 0.4239 0.0231  0.0137  0.0233  14 C   A N4    
444 C  C5    . C   A 14 ? 0.3716 0.4278 0.3785 0.0196  -0.0099 0.0442  14 C   A C5    
445 C  C6    . C   A 14 ? 0.3503 0.4174 0.3544 0.0100  -0.0227 0.0427  14 C   A C6    
457 P  P     . C   A 15 ? 0.4511 0.5140 0.4674 -0.0292 -0.0380 -0.0226 15 C   A P     
458 O  OP1   . C   A 15 ? 0.4598 0.5225 0.4949 -0.0437 -0.0342 -0.0513 15 C   A OP1   
459 O  OP2   . C   A 15 ? 0.4404 0.5299 0.4339 -0.0265 -0.0383 -0.0099 15 C   A OP2   
460 O  "O5'" . C   A 15 ? 0.4456 0.4815 0.4688 -0.0186 -0.0350 -0.0170 15 C   A "O5'" 
461 C  "C5'" . C   A 15 ? 0.3784 0.3972 0.4338 -0.0193 -0.0353 -0.0156 15 C   A "C5'" 
462 C  "C4'" . C   A 15 ? 0.4089 0.4194 0.4639 -0.0128 -0.0351 -0.0026 15 C   A "C4'" 
463 O  "O4'" . C   A 15 ? 0.4211 0.4388 0.4555 -0.0111 -0.0383 0.0133  15 C   A "O4'" 
464 C  "C3'" . C   A 15 ? 0.3358 0.3449 0.3725 -0.0092 -0.0299 -0.0108 15 C   A "C3'" 
465 O  "O3'" . C   A 15 ? 0.3897 0.3949 0.4486 -0.0103 -0.0229 -0.0270 15 C   A "O3'" 
466 C  "C2'" . C   A 15 ? 0.3485 0.3557 0.3783 -0.0079 -0.0326 0.0052  15 C   A "C2'" 
467 O  "O2'" . C   A 15 ? 0.3860 0.3944 0.4491 -0.0098 -0.0350 0.0166  15 C   A "O2'" 
468 C  "C1'" . C   A 15 ? 0.3604 0.3746 0.3787 -0.0095 -0.0356 0.0147  15 C   A "C1'" 
469 N  N1    . C   A 15 ? 0.4199 0.4327 0.4132 -0.0053 -0.0300 0.0111  15 C   A N1    
470 C  C2    . C   A 15 ? 0.3343 0.3421 0.3144 -0.0076 -0.0253 0.0102  15 C   A C2    
471 O  O2    . C   A 15 ? 0.3794 0.3930 0.3614 -0.0158 -0.0289 0.0140  15 C   A O2    
472 N  N3    . C   A 15 ? 0.3948 0.3946 0.3665 -0.0029 -0.0158 0.0065  15 C   A N3    
473 C  C4    . C   A 15 ? 0.3965 0.4008 0.3739 0.0052  -0.0136 0.0121  15 C   A C4    
474 N  N4    . C   A 15 ? 0.4233 0.4206 0.4076 0.0120  -0.0025 0.0156  15 C   A N4    
475 C  C5    . C   A 15 ? 0.4515 0.4709 0.4345 0.0047  -0.0216 0.0153  15 C   A C5    
476 C  C6    . C   A 15 ? 0.4298 0.4492 0.4198 -0.0014 -0.0285 0.0104  15 C   A C6    
488 P  P     . A   A 16 ? 0.4524 0.4698 0.4897 -0.0107 -0.0162 -0.0415 16 A   A P     
489 O  OP1   . A   A 16 ? 0.4792 0.4955 0.5471 -0.0138 -0.0044 -0.0663 16 A   A OP1   
490 O  OP2   . A   A 16 ? 0.4281 0.4655 0.4338 -0.0135 -0.0194 -0.0379 16 A   A OP2   
491 O  "O5'" . A   A 16 ? 0.3952 0.4065 0.4247 -0.0051 -0.0184 -0.0236 16 A   A "O5'" 
492 C  "C5'" . A   A 16 ? 0.5035 0.5082 0.5618 -0.0032 -0.0183 -0.0142 16 A   A "C5'" 
493 C  "C4'" . A   A 16 ? 0.3782 0.3856 0.4196 -0.0048 -0.0227 0.0012  16 A   A "C4'" 
494 O  "O4'" . A   A 16 ? 0.3772 0.3827 0.3948 -0.0086 -0.0277 0.0082  16 A   A "O4'" 
495 C  "C3'" . A   A 16 ? 0.3833 0.3948 0.4044 -0.0044 -0.0184 -0.0040 16 A   A "C3'" 
496 O  "O3'" . A   A 16 ? 0.4794 0.4991 0.5217 -0.0023 -0.0123 -0.0075 16 A   A "O3'" 
497 C  "C2'" . A   A 16 ? 0.4811 0.4874 0.4833 -0.0101 -0.0227 0.0071  16 A   A "C2'" 
498 O  "O2'" . A   A 16 ? 0.3775 0.3928 0.3925 -0.0168 -0.0269 0.0189  16 A   A "O2'" 
499 C  "C1'" . A   A 16 ? 0.4108 0.4125 0.4057 -0.0113 -0.0255 0.0077  16 A   A "C1'" 
500 N  N9    . A   A 16 ? 0.4352 0.4316 0.4158 -0.0067 -0.0215 0.0036  16 A   A N9    
501 C  C8    . A   A 16 ? 0.4756 0.4784 0.4572 -0.0024 -0.0216 0.0012  16 A   A C8    
502 N  N7    . A   A 16 ? 0.3991 0.4029 0.3745 0.0013  -0.0180 0.0071  16 A   A N7    
503 C  C5    . A   A 16 ? 0.4324 0.4219 0.4059 0.0001  -0.0126 0.0090  16 A   A C5    
504 C  C6    . A   A 16 ? 0.4347 0.4126 0.4156 0.0035  -0.0033 0.0144  16 A   A C6    
505 N  N6    . A   A 16 ? 0.4138 0.3988 0.4081 0.0120  0.0012  0.0273  16 A   A N6    
506 N  N1    . A   A 16 ? 0.4140 0.3743 0.3959 -0.0033 0.0028  0.0081  16 A   A N1    
507 C  C2    . A   A 16 ? 0.4109 0.3743 0.3815 -0.0139 -0.0035 0.0011  16 A   A C2    
508 N  N3    . A   A 16 ? 0.3835 0.3619 0.3509 -0.0156 -0.0132 0.0027  16 A   A N3    
509 C  C4    . A   A 16 ? 0.4174 0.4039 0.3888 -0.0073 -0.0159 0.0048  16 A   A C4    
521 O  O3P   . CBV A 17 ? 0.6099 0.6317 0.6582 -0.0017 -0.0107 -0.0073 17 CBV A O3P   
522 P  P     . CBV A 17 ? 0.3771 0.4141 0.4071 -0.0023 -0.0040 -0.0192 17 CBV A P     
523 O  O1P   . CBV A 17 ? 0.3662 0.4144 0.3789 -0.0053 -0.0023 -0.0328 17 CBV A O1P   
524 O  O2P   . CBV A 17 ? 0.3206 0.3658 0.3837 0.0012  0.0058  -0.0252 17 CBV A O2P   
525 O  "O5'" . CBV A 17 ? 0.3723 0.4081 0.3798 -0.0059 -0.0095 -0.0021 17 CBV A "O5'" 
526 C  "C5'" . CBV A 17 ? 0.3686 0.4044 0.3845 -0.0093 -0.0118 0.0096  17 CBV A "C5'" 
527 C  "C4'" . CBV A 17 ? 0.3612 0.3877 0.3592 -0.0165 -0.0152 0.0193  17 CBV A "C4'" 
528 O  "O4'" . CBV A 17 ? 0.3969 0.4049 0.3833 -0.0176 -0.0169 0.0162  17 CBV A "O4'" 
529 C  "C3'" . CBV A 17 ? 0.3129 0.3496 0.3046 -0.0159 -0.0113 0.0253  17 CBV A "C3'" 
530 O  "O3'" . CBV A 17 ? 0.4042 0.4611 0.4037 -0.0183 -0.0090 0.0316  17 CBV A "O3'" 
531 C  "C2'" . CBV A 17 ? 0.3762 0.3886 0.3645 -0.0210 -0.0116 0.0316  17 CBV A "C2'" 
532 O  "O2'" . CBV A 17 ? 0.3974 0.4030 0.3880 -0.0329 -0.0135 0.0328  17 CBV A "O2'" 
533 C  "C1'" . CBV A 17 ? 0.3465 0.3440 0.3282 -0.0192 -0.0129 0.0210  17 CBV A "C1'" 
534 N  N1    . CBV A 17 ? 0.3514 0.3511 0.3324 -0.0107 -0.0105 0.0229  17 CBV A N1    
535 C  C2    . CBV A 17 ? 0.3554 0.3406 0.3465 -0.0087 -0.0040 0.0323  17 CBV A C2    
536 O  O2    . CBV A 17 ? 0.4331 0.4005 0.4325 -0.0151 0.0007  0.0324  17 CBV A O2    
537 N  N3    . CBV A 17 ? 0.3960 0.3918 0.3948 -0.0001 -0.0021 0.0430  17 CBV A N3    
538 C  C4    . CBV A 17 ? 0.4127 0.4324 0.3998 0.0019  -0.0081 0.0385  17 CBV A C4    
539 N  N4    . CBV A 17 ? 0.4106 0.4509 0.4043 0.0062  -0.0085 0.0520  17 CBV A N4    
540 C  C5    . CBV A 17 ? 0.3955 0.4218 0.3723 -0.0020 -0.0123 0.0213  17 CBV A C5    
541 C  C6    . CBV A 17 ? 0.3746 0.3911 0.3528 -0.0062 -0.0127 0.0163  17 CBV A C6    
542 BR BR    . CBV A 17 ? 0.7626 0.8144 0.7347 -0.0042 -0.0148 0.0059  17 CBV A BR    
554 P  P     . C   A 18 ? 0.3723 0.4632 0.3694 -0.0187 -0.0044 0.0405  18 C   A P     
555 O  OP1   . C   A 18 ? 0.3738 0.4845 0.3822 -0.0207 -0.0009 0.0424  18 C   A OP1   
556 O  OP2   . C   A 18 ? 0.3708 0.4838 0.3585 -0.0162 -0.0014 0.0301  18 C   A OP2   
557 O  "O5'" . C   A 18 ? 0.3916 0.4665 0.3923 -0.0226 -0.0071 0.0618  18 C   A "O5'" 
558 C  "C5'" . C   A 18 ? 0.4342 0.4879 0.4446 -0.0313 -0.0084 0.0692  18 C   A "C5'" 
559 C  "C4'" . C   A 18 ? 0.4068 0.4424 0.4352 -0.0337 -0.0051 0.0864  18 C   A "C4'" 
560 O  "O4'" . C   A 18 ? 0.4275 0.4356 0.4554 -0.0279 -0.0019 0.0763  18 C   A "O4'" 
561 C  "C3'" . C   A 18 ? 0.3736 0.4465 0.4164 -0.0302 -0.0041 0.1158  18 C   A "C3'" 
562 O  "O3'" . C   A 18 ? 0.3923 0.4922 0.4458 -0.0377 -0.0050 0.1350  18 C   A "O3'" 
563 C  "C2'" . C   A 18 ? 0.4126 0.4568 0.4850 -0.0265 0.0015  0.1310  18 C   A "C2'" 
564 O  "O2'" . C   A 18 ? 0.4010 0.4109 0.5030 -0.0350 0.0073  0.1369  18 C   A "O2'" 
565 C  "C1'" . C   A 18 ? 0.4746 0.4848 0.5291 -0.0223 0.0032  0.1003  18 C   A "C1'" 
566 N  N1    . C   A 18 ? 0.3927 0.4243 0.4382 -0.0126 0.0012  0.1026  18 C   A N1    
567 C  C2    . C   A 18 ? 0.3201 0.3473 0.3964 -0.0053 0.0070  0.1245  18 C   A C2    
568 O  O2    . C   A 18 ? 0.3773 0.3796 0.4929 -0.0060 0.0159  0.1403  18 C   A O2    
569 N  N3    . C   A 18 ? 0.3226 0.3749 0.3918 0.0011  0.0039  0.1297  18 C   A N3    
570 C  C4    . C   A 18 ? 0.3422 0.4159 0.3754 -0.0014 -0.0034 0.1080  18 C   A C4    
571 N  N4    . C   A 18 ? 0.3689 0.4686 0.3962 0.0008  -0.0068 0.1115  18 C   A N4    
572 C  C5    . C   A 18 ? 0.3704 0.4428 0.3800 -0.0073 -0.0062 0.0840  18 C   A C5    
573 C  C6    . C   A 18 ? 0.3653 0.4182 0.3819 -0.0116 -0.0043 0.0842  18 C   A C6    
# 
